data_3S55
#
_entry.id   3S55
#
_cell.length_a   69.360
_cell.length_b   84.970
_cell.length_c   100.890
_cell.angle_alpha   81.770
_cell.angle_beta   76.780
_cell.angle_gamma   74.230
#
_symmetry.space_group_name_H-M   'P 1'
#
loop_
_entity.id
_entity.type
_entity.pdbx_description
1 polymer 'Putative short-chain dehydrogenase/reductase'
2 non-polymer NICOTINAMIDE-ADENINE-DINUCLEOTIDE
3 non-polymer 'CALCIUM ION'
4 water water
#
_entity_poly.entity_id   1
_entity_poly.type   'polypeptide(L)'
_entity_poly.pdbx_seq_one_letter_code
;GPGSMADFEGKTALITGGARGMGRSHAVALAEAGADIAICDRCENSDVVGYPLATADDLAETVALVEKTGRRCISAKVDV
KDRAALESFVAEAEDTLGGIDIAITNAGISTIALLPEVESAQWDEVIGTNLTGTFNTIAAVAPGMIKRNYGRIVTVSSML
GHSANFAQASYVSSKWGVIGLTKCAAHDLVGYGITVNAVAPGNIETPMTHNDFVFGTMRPDLEKPTLKDVESVFASLHLQ
YAPFLKPEEVTRAVLFLVDEASSHITGTVLPIDAGATARMI
;
_entity_poly.pdbx_strand_id   A,B,C,D,E,F,G,H
#
# COMPACT_ATOMS: atom_id res chain seq x y z
N ALA A 6 -1.70 27.19 56.21
CA ALA A 6 -1.61 27.33 54.72
C ALA A 6 -0.46 26.49 54.23
N ASP A 7 -0.79 25.32 53.67
CA ASP A 7 0.19 24.30 53.19
C ASP A 7 1.48 24.88 52.60
N PHE A 8 1.36 25.86 51.73
CA PHE A 8 2.52 26.33 51.00
C PHE A 8 3.00 27.74 51.33
N GLU A 9 2.52 28.30 52.45
CA GLU A 9 2.96 29.64 52.89
C GLU A 9 4.48 29.66 53.00
N GLY A 10 5.07 30.74 52.49
CA GLY A 10 6.51 30.94 52.55
C GLY A 10 7.24 30.09 51.56
N LYS A 11 6.51 29.49 50.61
CA LYS A 11 7.19 28.84 49.50
C LYS A 11 7.04 29.75 48.32
N THR A 12 7.86 29.50 47.31
CA THR A 12 7.81 30.16 46.00
C THR A 12 7.77 29.08 44.91
N ALA A 13 6.90 29.27 43.92
CA ALA A 13 6.77 28.35 42.80
C ALA A 13 7.03 29.03 41.47
N LEU A 14 7.78 28.35 40.61
CA LEU A 14 7.88 28.71 39.20
C LEU A 14 6.99 27.81 38.32
N ILE A 15 6.09 28.43 37.54
CA ILE A 15 5.29 27.67 36.54
C ILE A 15 5.52 28.20 35.11
N THR A 16 6.06 27.35 34.24
CA THR A 16 6.24 27.70 32.83
C THR A 16 4.93 27.42 32.08
N GLY A 17 4.72 28.13 30.98
CA GLY A 17 3.43 28.07 30.28
C GLY A 17 2.29 28.50 31.21
N GLY A 18 2.57 29.45 32.10
CA GLY A 18 1.59 29.88 33.11
C GLY A 18 0.56 30.89 32.65
N ALA A 19 0.50 31.19 31.36
CA ALA A 19 -0.47 32.21 30.89
C ALA A 19 -1.93 31.79 30.82
N ARG A 20 -2.18 30.48 30.68
CA ARG A 20 -3.55 29.95 30.60
C ARG A 20 -3.63 28.46 30.96
N GLY A 21 -4.82 27.89 30.83
CA GLY A 21 -5.01 26.43 30.92
C GLY A 21 -4.47 25.88 32.23
N MET A 22 -3.80 24.73 32.17
CA MET A 22 -3.30 24.05 33.38
C MET A 22 -2.27 24.87 34.17
N GLY A 23 -1.44 25.61 33.44
CA GLY A 23 -0.36 26.40 34.06
C GLY A 23 -0.96 27.47 34.97
N ARG A 24 -2.00 28.15 34.47
CA ARG A 24 -2.72 29.13 35.28
C ARG A 24 -3.38 28.42 36.45
N SER A 25 -4.01 27.27 36.19
CA SER A 25 -4.65 26.51 37.26
C SER A 25 -3.67 26.21 38.39
N HIS A 26 -2.45 25.81 38.01
CA HIS A 26 -1.47 25.39 39.00
C HIS A 26 -0.98 26.57 39.80
N ALA A 27 -0.80 27.69 39.10
CA ALA A 27 -0.30 28.92 39.73
C ALA A 27 -1.34 29.45 40.72
N VAL A 28 -2.59 29.45 40.29
CA VAL A 28 -3.65 29.98 41.13
C VAL A 28 -3.87 29.13 42.39
N ALA A 29 -3.86 27.82 42.24
CA ALA A 29 -4.00 26.95 43.39
C ALA A 29 -2.80 27.03 44.35
N LEU A 30 -1.59 27.18 43.80
CA LEU A 30 -0.42 27.31 44.67
C LEU A 30 -0.49 28.62 45.44
N ALA A 31 -0.91 29.69 44.75
CA ALA A 31 -1.13 31.01 45.33
C ALA A 31 -2.15 31.00 46.46
N GLU A 32 -3.30 30.38 46.22
CA GLU A 32 -4.38 30.23 47.23
C GLU A 32 -3.94 29.48 48.51
N ALA A 33 -3.08 28.49 48.32
CA ALA A 33 -2.50 27.71 49.42
C ALA A 33 -1.28 28.39 50.10
N GLY A 34 -0.79 29.49 49.54
CA GLY A 34 0.19 30.32 50.20
C GLY A 34 1.53 30.59 49.53
N ALA A 35 1.81 30.04 48.35
CA ALA A 35 3.09 30.30 47.68
C ALA A 35 3.11 31.60 46.85
N ASP A 36 4.24 32.31 46.87
CA ASP A 36 4.51 33.32 45.85
C ASP A 36 4.84 32.61 44.55
N ILE A 37 4.63 33.31 43.44
CA ILE A 37 4.56 32.70 42.13
C ILE A 37 5.40 33.46 41.12
N ALA A 38 6.17 32.70 40.34
CA ALA A 38 6.76 33.26 39.15
C ALA A 38 6.23 32.46 37.98
N ILE A 39 5.61 33.16 37.03
CA ILE A 39 5.11 32.53 35.83
C ILE A 39 5.75 33.10 34.60
N CYS A 40 6.00 32.22 33.62
CA CYS A 40 6.44 32.68 32.33
C CYS A 40 5.69 31.98 31.21
N ASP A 41 5.68 32.63 30.06
CA ASP A 41 5.02 32.09 28.92
C ASP A 41 5.56 32.78 27.70
N ARG A 42 5.55 32.05 26.60
CA ARG A 42 6.06 32.54 25.34
C ARG A 42 5.17 33.67 24.78
N CYS A 43 3.88 33.63 25.08
CA CYS A 43 2.93 34.70 24.66
C CYS A 43 2.95 35.03 23.16
N GLU A 44 3.09 33.99 22.33
CA GLU A 44 2.96 34.14 20.89
C GLU A 44 2.66 32.81 20.21
N ASN A 45 2.09 32.92 19.02
CA ASN A 45 1.77 31.76 18.20
C ASN A 45 3.00 31.11 17.59
N SER A 46 2.88 29.83 17.26
CA SER A 46 3.89 29.16 16.46
C SER A 46 3.32 28.85 15.08
N ASP A 47 4.14 29.06 14.05
CA ASP A 47 3.76 28.77 12.68
C ASP A 47 3.48 27.27 12.47
N VAL A 48 4.05 26.42 13.33
CA VAL A 48 3.93 24.96 13.15
C VAL A 48 2.85 24.39 14.09
N VAL A 49 2.22 25.27 14.86
CA VAL A 49 1.11 24.89 15.73
C VAL A 49 -0.23 25.46 15.21
N GLY A 50 -1.22 24.58 15.05
CA GLY A 50 -2.45 24.96 14.37
C GLY A 50 -3.41 25.79 15.20
N TYR A 51 -3.28 25.73 16.52
CA TYR A 51 -4.20 26.47 17.39
C TYR A 51 -3.48 27.71 18.02
N PRO A 52 -4.25 28.75 18.39
CA PRO A 52 -3.54 29.90 18.99
C PRO A 52 -2.93 29.58 20.36
N LEU A 53 -1.71 30.07 20.57
CA LEU A 53 -1.07 30.00 21.87
C LEU A 53 -1.51 31.20 22.74
N ALA A 54 -0.99 31.28 23.96
CA ALA A 54 -1.34 32.38 24.87
C ALA A 54 -0.88 33.75 24.35
N THR A 55 -1.51 34.80 24.87
CA THR A 55 -1.11 36.18 24.57
C THR A 55 -0.60 36.87 25.82
N ALA A 56 -0.03 38.06 25.62
CA ALA A 56 0.41 38.91 26.72
C ALA A 56 -0.73 39.19 27.71
N ASP A 57 -1.94 39.44 27.19
CA ASP A 57 -3.09 39.70 28.08
C ASP A 57 -3.47 38.46 28.93
N ASP A 58 -3.35 37.25 28.36
CA ASP A 58 -3.57 36.01 29.11
C ASP A 58 -2.67 35.96 30.33
N LEU A 59 -1.39 36.23 30.14
CA LEU A 59 -0.38 36.21 31.19
C LEU A 59 -0.68 37.23 32.30
N ALA A 60 -1.04 38.46 31.90
CA ALA A 60 -1.39 39.51 32.88
C ALA A 60 -2.59 39.10 33.71
N GLU A 61 -3.51 38.39 33.08
CA GLU A 61 -4.71 37.90 33.75
C GLU A 61 -4.34 36.85 34.83
N THR A 62 -3.40 35.95 34.51
CA THR A 62 -2.93 35.00 35.54
C THR A 62 -2.28 35.78 36.67
N VAL A 63 -1.46 36.79 36.32
CA VAL A 63 -0.80 37.61 37.34
C VAL A 63 -1.88 38.23 38.25
N ALA A 64 -2.95 38.75 37.63
CA ALA A 64 -4.06 39.38 38.36
C ALA A 64 -4.79 38.41 39.28
N LEU A 65 -5.02 37.20 38.78
CA LEU A 65 -5.64 36.15 39.57
C LEU A 65 -4.77 35.66 40.74
N VAL A 66 -3.45 35.55 40.53
CA VAL A 66 -2.51 35.21 41.61
C VAL A 66 -2.45 36.32 42.67
N GLU A 67 -2.37 37.58 42.21
CA GLU A 67 -2.27 38.72 43.13
C GLU A 67 -3.53 38.88 43.98
N LYS A 68 -4.68 38.53 43.42
CA LYS A 68 -5.96 38.63 44.12
C LYS A 68 -5.99 37.76 45.39
N THR A 69 -5.23 36.67 45.38
CA THR A 69 -5.14 35.78 46.53
C THR A 69 -4.31 36.41 47.65
N GLY A 70 -3.57 37.47 47.32
CA GLY A 70 -2.72 38.14 48.29
C GLY A 70 -1.23 37.86 48.17
N ARG A 71 -0.84 37.02 47.22
CA ARG A 71 0.57 36.69 47.02
C ARG A 71 1.32 37.67 46.14
N ARG A 72 2.64 37.58 46.20
CA ARG A 72 3.47 38.27 45.21
C ARG A 72 3.52 37.42 43.96
N CYS A 73 3.57 38.09 42.80
CA CYS A 73 3.71 37.38 41.54
C CYS A 73 4.65 38.14 40.61
N ILE A 74 5.59 37.44 39.99
CA ILE A 74 6.35 38.04 38.89
C ILE A 74 6.10 37.27 37.59
N SER A 75 6.12 37.98 36.47
CA SER A 75 5.89 37.36 35.14
C SER A 75 6.85 37.88 34.08
N ALA A 76 6.98 37.09 33.01
CA ALA A 76 7.90 37.40 31.94
C ALA A 76 7.49 36.62 30.70
N LYS A 77 7.73 37.21 29.55
CA LYS A 77 7.55 36.52 28.30
C LYS A 77 8.84 35.76 28.05
N VAL A 78 8.76 34.42 28.12
CA VAL A 78 9.93 33.53 27.99
C VAL A 78 9.59 32.30 27.15
N ASP A 79 10.43 32.02 26.16
CA ASP A 79 10.41 30.78 25.40
C ASP A 79 11.33 29.77 26.10
N VAL A 80 10.74 28.68 26.62
CA VAL A 80 11.50 27.62 27.34
C VAL A 80 12.59 26.94 26.50
N LYS A 81 12.47 27.00 25.17
CA LYS A 81 13.57 26.57 24.28
C LYS A 81 14.85 27.39 24.52
N ASP A 82 14.68 28.63 25.00
CA ASP A 82 15.81 29.53 25.21
C ASP A 82 16.37 29.42 26.64
N ARG A 83 17.45 28.64 26.78
CA ARG A 83 17.98 28.36 28.11
C ARG A 83 18.44 29.60 28.85
N ALA A 84 19.17 30.48 28.18
CA ALA A 84 19.65 31.75 28.77
C ALA A 84 18.49 32.61 29.28
N ALA A 85 17.43 32.69 28.47
CA ALA A 85 16.21 33.41 28.85
C ALA A 85 15.57 32.82 30.10
N LEU A 86 15.42 31.50 30.16
CA LEU A 86 14.91 30.87 31.38
C LEU A 86 15.81 31.16 32.58
N GLU A 87 17.13 31.02 32.39
CA GLU A 87 18.07 31.25 33.47
C GLU A 87 18.04 32.68 33.99
N SER A 88 17.93 33.64 33.09
CA SER A 88 17.77 35.02 33.48
C SER A 88 16.51 35.24 34.33
N PHE A 89 15.38 34.68 33.90
CA PHE A 89 14.11 34.87 34.62
C PHE A 89 14.13 34.17 35.99
N VAL A 90 14.73 32.98 36.05
CA VAL A 90 14.96 32.27 37.29
C VAL A 90 15.79 33.10 38.27
N ALA A 91 16.86 33.74 37.78
CA ALA A 91 17.68 34.62 38.62
C ALA A 91 16.83 35.75 39.21
N GLU A 92 16.05 36.41 38.36
CA GLU A 92 15.15 37.45 38.85
C GLU A 92 14.25 36.92 39.98
N ALA A 93 13.59 35.79 39.73
CA ALA A 93 12.68 35.21 40.71
C ALA A 93 13.37 34.85 42.04
N GLU A 94 14.54 34.20 41.95
CA GLU A 94 15.33 33.81 43.12
C GLU A 94 15.64 35.02 43.99
N ASP A 95 15.90 36.13 43.31
CA ASP A 95 16.30 37.37 43.98
C ASP A 95 15.09 38.19 44.44
N THR A 96 14.03 38.23 43.64
CA THR A 96 12.80 38.98 44.02
C THR A 96 11.97 38.25 45.08
N LEU A 97 11.94 36.92 45.01
CA LEU A 97 11.01 36.15 45.86
C LEU A 97 11.68 35.29 46.93
N GLY A 98 13.00 35.19 46.90
CA GLY A 98 13.75 34.47 47.95
C GLY A 98 13.91 32.98 47.71
N GLY A 99 14.33 32.62 46.51
CA GLY A 99 14.57 31.23 46.15
C GLY A 99 13.31 30.52 45.66
N ILE A 100 13.48 29.62 44.73
CA ILE A 100 12.38 28.85 44.16
C ILE A 100 12.38 27.46 44.76
N ASP A 101 11.27 27.12 45.40
CA ASP A 101 11.09 25.84 46.06
C ASP A 101 10.41 24.79 45.14
N ILE A 102 9.60 25.29 44.22
CA ILE A 102 8.70 24.46 43.46
C ILE A 102 8.79 24.89 42.01
N ALA A 103 9.06 23.92 41.12
CA ALA A 103 9.07 24.13 39.66
C ALA A 103 8.15 23.18 38.92
N ILE A 104 7.29 23.75 38.08
CA ILE A 104 6.35 23.01 37.26
C ILE A 104 6.62 23.33 35.80
N THR A 105 7.13 22.33 35.10
CA THR A 105 7.60 22.45 33.70
C THR A 105 6.42 22.20 32.76
N ASN A 106 5.44 23.12 32.80
CA ASN A 106 4.14 22.91 32.19
C ASN A 106 4.04 23.40 30.74
N ALA A 107 4.90 24.34 30.36
CA ALA A 107 4.93 24.84 28.98
C ALA A 107 4.93 23.70 27.97
N GLY A 108 4.03 23.73 27.01
CA GLY A 108 4.05 22.66 26.01
C GLY A 108 3.07 22.87 24.89
N ILE A 109 3.27 22.13 23.80
CA ILE A 109 2.43 22.25 22.60
C ILE A 109 2.06 20.87 22.07
N SER A 110 0.95 20.81 21.34
CA SER A 110 0.51 19.59 20.71
C SER A 110 0.32 19.81 19.21
N THR A 111 0.68 18.80 18.42
CA THR A 111 0.47 18.82 16.96
C THR A 111 -0.08 17.47 16.47
N ILE A 112 -0.64 17.49 15.26
CA ILE A 112 -1.23 16.32 14.61
C ILE A 112 -0.68 16.30 13.20
N ALA A 113 0.07 15.24 12.90
CA ALA A 113 0.63 15.01 11.56
C ALA A 113 1.15 13.60 11.50
N LEU A 114 0.76 12.90 10.43
CA LEU A 114 1.17 11.51 10.17
C LEU A 114 2.58 11.41 9.61
N LEU A 115 3.34 10.41 10.06
CA LEU A 115 4.62 10.03 9.39
C LEU A 115 4.29 9.47 8.00
N PRO A 116 5.18 9.62 6.98
CA PRO A 116 6.49 10.32 6.86
C PRO A 116 6.37 11.83 6.63
N GLU A 117 5.13 12.35 6.47
CA GLU A 117 4.94 13.78 6.16
C GLU A 117 4.80 14.67 7.41
N VAL A 118 5.71 14.48 8.36
CA VAL A 118 5.83 15.37 9.51
C VAL A 118 6.93 16.35 9.11
N GLU A 119 6.66 17.65 9.22
CA GLU A 119 7.64 18.64 8.78
C GLU A 119 8.77 18.72 9.82
N SER A 120 10.03 18.79 9.39
CA SER A 120 11.16 18.91 10.33
C SER A 120 10.97 20.08 11.31
N ALA A 121 10.46 21.21 10.82
CA ALA A 121 10.25 22.38 11.68
C ALA A 121 9.24 22.10 12.80
N GLN A 122 8.25 21.26 12.50
CA GLN A 122 7.22 20.91 13.48
C GLN A 122 7.79 19.94 14.52
N TRP A 123 8.47 18.91 14.04
CA TRP A 123 9.23 18.02 14.91
C TRP A 123 10.10 18.84 15.86
N ASP A 124 10.83 19.80 15.29
CA ASP A 124 11.83 20.57 16.03
C ASP A 124 11.18 21.33 17.14
N GLU A 125 10.04 21.96 16.84
CA GLU A 125 9.37 22.82 17.80
C GLU A 125 8.77 22.05 18.98
N VAL A 126 8.22 20.88 18.68
CA VAL A 126 7.55 20.04 19.66
C VAL A 126 8.56 19.39 20.57
N ILE A 127 9.57 18.75 19.99
CA ILE A 127 10.72 18.26 20.75
C ILE A 127 11.33 19.41 21.55
N GLY A 128 11.54 20.54 20.88
CA GLY A 128 12.21 21.70 21.46
C GLY A 128 11.48 22.27 22.65
N THR A 129 10.19 22.57 22.48
CA THR A 129 9.38 23.12 23.57
C THR A 129 9.10 22.09 24.67
N ASN A 130 8.58 20.93 24.31
CA ASN A 130 8.10 19.92 25.28
C ASN A 130 9.21 19.17 26.02
N LEU A 131 10.29 18.81 25.32
CA LEU A 131 11.32 17.96 25.94
C LEU A 131 12.57 18.77 26.34
N THR A 132 13.22 19.41 25.36
CA THR A 132 14.34 20.32 25.65
C THR A 132 13.92 21.48 26.61
N GLY A 133 12.71 22.02 26.46
CA GLY A 133 12.22 23.08 27.35
C GLY A 133 12.10 22.63 28.81
N THR A 134 11.73 21.37 28.98
CA THR A 134 11.71 20.73 30.30
C THR A 134 13.13 20.58 30.84
N PHE A 135 14.02 20.07 29.99
CA PHE A 135 15.44 20.00 30.33
C PHE A 135 15.95 21.39 30.75
N ASN A 136 15.67 22.41 29.94
CA ASN A 136 16.14 23.75 30.21
C ASN A 136 15.57 24.29 31.47
N THR A 137 14.31 23.96 31.77
CA THR A 137 13.70 24.45 33.02
C THR A 137 14.31 23.77 34.27
N ILE A 138 14.50 22.45 34.22
CA ILE A 138 15.14 21.72 35.34
C ILE A 138 16.53 22.27 35.58
N ALA A 139 17.30 22.38 34.50
CA ALA A 139 18.67 22.85 34.60
C ALA A 139 18.75 24.27 35.09
N ALA A 140 17.80 25.12 34.69
CA ALA A 140 17.71 26.49 35.20
C ALA A 140 17.35 26.60 36.70
N VAL A 141 16.38 25.84 37.21
CA VAL A 141 16.05 25.93 38.65
C VAL A 141 16.89 25.12 39.64
N ALA A 142 17.52 24.04 39.18
CA ALA A 142 18.30 23.14 40.08
C ALA A 142 19.47 23.76 40.88
N PRO A 143 20.26 24.64 40.26
CA PRO A 143 21.36 25.21 41.09
C PRO A 143 20.87 25.91 42.37
N GLY A 144 19.86 26.76 42.27
CA GLY A 144 19.27 27.37 43.46
C GLY A 144 18.71 26.36 44.48
N MET A 145 17.94 25.38 43.98
CA MET A 145 17.42 24.30 44.84
C MET A 145 18.55 23.50 45.51
N ILE A 146 19.62 23.22 44.75
CA ILE A 146 20.82 22.57 45.30
C ILE A 146 21.41 23.43 46.42
N LYS A 147 21.64 24.71 46.16
CA LYS A 147 22.22 25.62 47.20
C LYS A 147 21.33 25.66 48.43
N ARG A 148 20.04 25.53 48.22
CA ARG A 148 19.10 25.53 49.36
C ARG A 148 18.77 24.16 49.97
N ASN A 149 19.30 23.08 49.37
CA ASN A 149 18.96 21.70 49.74
C ASN A 149 17.45 21.50 49.97
N TYR A 150 16.66 22.03 49.02
CA TYR A 150 15.20 21.82 48.90
C TYR A 150 14.63 22.08 47.47
N GLY A 151 13.84 21.14 46.98
CA GLY A 151 12.91 21.45 45.88
C GLY A 151 11.93 20.33 45.51
N ARG A 152 10.89 20.71 44.80
CA ARG A 152 9.89 19.83 44.28
C ARG A 152 9.67 20.22 42.84
N ILE A 153 10.09 19.35 41.92
CA ILE A 153 9.93 19.62 40.50
C ILE A 153 8.87 18.69 39.97
N VAL A 154 7.82 19.21 39.35
CA VAL A 154 6.83 18.30 38.72
C VAL A 154 6.92 18.53 37.25
N THR A 155 7.16 17.46 36.47
CA THR A 155 7.12 17.62 35.02
C THR A 155 5.74 17.22 34.45
N VAL A 156 5.46 17.64 33.23
CA VAL A 156 4.19 17.31 32.63
C VAL A 156 4.36 16.45 31.40
N SER A 157 3.98 15.19 31.53
CA SER A 157 4.04 14.30 30.41
C SER A 157 2.63 14.21 29.88
N SER A 158 2.17 13.00 29.63
CA SER A 158 0.85 12.77 29.08
C SER A 158 0.53 11.28 29.17
N MET A 159 -0.76 10.97 29.10
CA MET A 159 -1.26 9.63 28.76
C MET A 159 -0.43 9.03 27.64
N LEU A 160 -0.18 9.89 26.65
CA LEU A 160 0.58 9.56 25.49
C LEU A 160 2.08 9.41 25.79
N GLY A 161 2.49 9.77 27.01
CA GLY A 161 3.89 9.55 27.45
C GLY A 161 4.22 8.10 27.80
N HIS A 162 3.19 7.27 27.95
CA HIS A 162 3.38 5.82 28.13
C HIS A 162 2.39 5.02 27.28
N SER A 163 2.00 5.60 26.14
CA SER A 163 1.26 4.89 25.09
C SER A 163 1.58 5.56 23.77
N ALA A 164 0.72 5.35 22.78
CA ALA A 164 0.94 5.91 21.45
C ALA A 164 -0.38 5.95 20.70
N ASN A 165 -0.47 6.78 19.67
CA ASN A 165 -1.66 6.84 18.81
C ASN A 165 -1.20 7.23 17.40
N PHE A 166 -2.14 7.38 16.46
CA PHE A 166 -1.82 7.79 15.12
C PHE A 166 -1.47 9.29 15.03
N ALA A 167 -0.58 9.61 14.10
CA ALA A 167 -0.31 10.98 13.70
C ALA A 167 0.22 11.82 14.86
N GLN A 168 0.95 11.18 15.76
CA GLN A 168 1.38 11.85 16.99
C GLN A 168 2.86 11.73 17.27
N ALA A 169 3.64 11.33 16.26
CA ALA A 169 5.07 11.02 16.48
C ALA A 169 5.83 12.10 17.28
N SER A 170 5.64 13.37 16.94
CA SER A 170 6.39 14.46 17.59
C SER A 170 5.97 14.60 19.04
N TYR A 171 4.67 14.75 19.25
CA TYR A 171 4.15 14.89 20.59
C TYR A 171 4.52 13.70 21.50
N VAL A 172 4.18 12.46 21.08
CA VAL A 172 4.50 11.22 21.86
C VAL A 172 6.00 11.01 22.15
N SER A 173 6.86 11.19 21.16
CA SER A 173 8.32 11.13 21.42
C SER A 173 8.77 12.09 22.51
N SER A 174 8.26 13.31 22.49
CA SER A 174 8.65 14.28 23.51
C SER A 174 8.15 13.88 24.91
N LYS A 175 6.94 13.35 25.00
CA LYS A 175 6.33 13.03 26.30
C LYS A 175 6.87 11.72 26.91
N TRP A 176 7.37 10.81 26.05
CA TRP A 176 8.15 9.65 26.51
C TRP A 176 9.51 10.10 27.02
N GLY A 177 10.16 11.02 26.31
CA GLY A 177 11.47 11.53 26.73
C GLY A 177 11.40 12.30 28.05
N VAL A 178 10.31 13.05 28.25
CA VAL A 178 10.03 13.75 29.52
C VAL A 178 10.05 12.79 30.74
N ILE A 179 9.42 11.63 30.59
CA ILE A 179 9.44 10.62 31.62
C ILE A 179 10.88 10.13 31.86
N GLY A 180 11.60 9.78 30.80
CA GLY A 180 13.03 9.42 30.96
C GLY A 180 13.82 10.52 31.69
N LEU A 181 13.65 11.76 31.20
CA LEU A 181 14.25 12.96 31.81
C LEU A 181 13.88 13.11 33.29
N THR A 182 12.62 12.91 33.62
CA THR A 182 12.11 12.99 35.00
C THR A 182 12.91 12.05 35.91
N LYS A 183 13.14 10.82 35.46
CA LYS A 183 13.80 9.84 36.28
C LYS A 183 15.32 10.11 36.47
N CYS A 184 15.95 10.67 35.44
CA CYS A 184 17.37 11.13 35.52
C CYS A 184 17.59 12.31 36.45
N ALA A 185 16.74 13.31 36.31
CA ALA A 185 16.81 14.47 37.19
C ALA A 185 16.64 14.00 38.64
N ALA A 186 15.73 13.03 38.81
CA ALA A 186 15.43 12.44 40.13
C ALA A 186 16.70 11.78 40.70
N HIS A 187 17.52 11.20 39.83
CA HIS A 187 18.81 10.63 40.26
C HIS A 187 19.79 11.75 40.64
N ASP A 188 20.09 12.58 39.65
CA ASP A 188 21.17 13.61 39.76
C ASP A 188 20.97 14.56 40.95
N LEU A 189 19.70 14.87 41.25
CA LEU A 189 19.35 15.83 42.32
C LEU A 189 18.98 15.15 43.63
N VAL A 190 19.10 13.83 43.65
CA VAL A 190 18.64 13.01 44.79
C VAL A 190 19.23 13.46 46.13
N GLY A 191 20.49 13.89 46.12
CA GLY A 191 21.24 14.06 47.37
C GLY A 191 21.05 15.41 48.02
N TYR A 192 20.25 16.26 47.39
CA TYR A 192 20.12 17.64 47.75
C TYR A 192 18.73 17.99 48.19
N GLY A 193 17.98 17.03 48.69
CA GLY A 193 16.60 17.25 49.10
C GLY A 193 15.67 17.71 47.99
N ILE A 194 15.90 17.19 46.79
CA ILE A 194 15.05 17.56 45.65
C ILE A 194 14.33 16.31 45.13
N THR A 195 13.05 16.47 44.83
CA THR A 195 12.33 15.40 44.13
C THR A 195 11.92 15.86 42.76
N VAL A 196 11.78 14.88 41.87
CA VAL A 196 11.31 15.13 40.53
C VAL A 196 10.27 14.06 40.14
N ASN A 197 9.04 14.49 39.88
CA ASN A 197 8.01 13.57 39.46
C ASN A 197 7.31 14.17 38.26
N ALA A 198 6.54 13.34 37.55
CA ALA A 198 5.74 13.71 36.39
C ALA A 198 4.28 13.49 36.69
N VAL A 199 3.42 14.40 36.21
CA VAL A 199 1.99 14.14 36.03
C VAL A 199 1.75 13.74 34.56
N ALA A 200 0.84 12.81 34.33
CA ALA A 200 0.51 12.35 32.98
C ALA A 200 -0.98 12.52 32.75
N PRO A 201 -1.41 13.72 32.35
CA PRO A 201 -2.88 13.92 32.19
C PRO A 201 -3.47 13.18 30.96
N GLY A 202 -4.75 12.79 31.06
CA GLY A 202 -5.57 12.37 29.92
C GLY A 202 -6.08 13.63 29.24
N ASN A 203 -7.29 13.61 28.67
CA ASN A 203 -7.78 14.78 27.96
CA ASN A 203 -7.86 14.77 27.96
C ASN A 203 -8.29 15.86 28.92
N ILE A 204 -7.64 17.01 28.87
CA ILE A 204 -8.00 18.08 29.77
C ILE A 204 -8.67 19.22 28.99
N GLU A 205 -9.76 19.79 29.53
CA GLU A 205 -10.37 20.99 28.94
C GLU A 205 -9.48 22.20 29.16
N THR A 206 -8.73 22.59 28.13
CA THR A 206 -7.90 23.79 28.16
C THR A 206 -7.93 24.30 26.74
N PRO A 207 -7.36 25.50 26.48
CA PRO A 207 -7.36 25.96 25.08
C PRO A 207 -6.49 25.15 24.11
N MET A 208 -5.66 24.23 24.62
CA MET A 208 -4.94 23.25 23.76
C MET A 208 -5.90 22.29 23.05
N THR A 209 -6.97 21.90 23.72
CA THR A 209 -7.91 20.95 23.14
C THR A 209 -9.21 21.61 22.70
N HIS A 210 -9.59 22.71 23.36
CA HIS A 210 -10.82 23.43 23.04
C HIS A 210 -10.59 24.65 22.13
N ASN A 211 -10.49 24.39 20.83
CA ASN A 211 -10.22 25.43 19.84
C ASN A 211 -10.70 24.93 18.50
N ASP A 212 -10.87 25.84 17.54
CA ASP A 212 -11.41 25.50 16.21
C ASP A 212 -10.52 24.61 15.33
N PHE A 213 -9.19 24.71 15.51
CA PHE A 213 -8.28 23.85 14.75
C PHE A 213 -8.41 22.37 15.15
N VAL A 214 -8.45 22.11 16.46
CA VAL A 214 -8.60 20.74 16.99
C VAL A 214 -9.98 20.20 16.67
N PHE A 215 -11.01 21.03 16.81
CA PHE A 215 -12.35 20.61 16.42
C PHE A 215 -12.39 20.25 14.92
N GLY A 216 -11.76 21.07 14.09
CA GLY A 216 -11.71 20.86 12.64
C GLY A 216 -11.10 19.52 12.25
N THR A 217 -9.94 19.22 12.84
CA THR A 217 -9.32 17.91 12.75
C THR A 217 -9.84 17.09 13.94
N PRO A 225 -18.28 23.15 13.59
CA PRO A 225 -17.89 22.00 14.41
C PRO A 225 -17.93 22.32 15.90
N THR A 226 -18.80 21.61 16.62
CA THR A 226 -19.11 21.92 18.00
C THR A 226 -18.31 21.04 18.95
N LEU A 227 -18.26 21.46 20.22
CA LEU A 227 -17.78 20.64 21.32
C LEU A 227 -18.53 19.31 21.33
N LYS A 228 -19.86 19.40 21.25
CA LYS A 228 -20.75 18.22 21.18
C LYS A 228 -20.37 17.23 20.06
N ASP A 229 -19.86 17.76 18.94
CA ASP A 229 -19.52 16.95 17.76
C ASP A 229 -18.22 16.14 17.91
N VAL A 230 -17.34 16.55 18.81
CA VAL A 230 -16.02 15.93 18.94
C VAL A 230 -15.86 15.04 20.18
N GLU A 231 -16.81 15.11 21.09
CA GLU A 231 -16.70 14.49 22.42
C GLU A 231 -16.51 12.98 22.39
N SER A 232 -17.26 12.31 21.52
CA SER A 232 -17.19 10.85 21.42
C SER A 232 -15.78 10.33 21.13
N VAL A 233 -15.02 11.02 20.28
CA VAL A 233 -13.64 10.60 19.93
C VAL A 233 -12.68 10.81 21.10
N PHE A 234 -12.86 11.93 21.81
CA PHE A 234 -12.10 12.20 23.03
C PHE A 234 -12.43 11.18 24.12
N ALA A 235 -13.70 10.86 24.28
CA ALA A 235 -14.15 9.91 25.30
C ALA A 235 -13.61 8.50 25.09
N SER A 236 -13.37 8.13 23.83
CA SER A 236 -12.83 6.81 23.50
C SER A 236 -11.45 6.62 24.14
N LEU A 237 -10.72 7.71 24.31
CA LEU A 237 -9.39 7.67 24.93
C LEU A 237 -9.45 7.35 26.44
N HIS A 238 -10.56 7.74 27.08
CA HIS A 238 -10.79 7.53 28.51
C HIS A 238 -11.60 6.25 28.75
N LEU A 239 -11.40 5.65 29.92
CA LEU A 239 -12.20 4.50 30.32
C LEU A 239 -13.54 4.98 30.87
N GLN A 240 -13.50 6.00 31.72
CA GLN A 240 -14.69 6.61 32.30
C GLN A 240 -15.39 7.47 31.27
N TYR A 241 -16.67 7.75 31.50
CA TYR A 241 -17.52 8.48 30.56
C TYR A 241 -16.95 9.84 30.14
N ALA A 242 -16.37 10.56 31.10
CA ALA A 242 -15.88 11.93 30.92
C ALA A 242 -15.01 12.16 29.68
N PRO A 243 -15.50 12.95 28.69
CA PRO A 243 -14.64 13.27 27.55
C PRO A 243 -13.44 14.14 27.93
N PHE A 244 -13.66 15.08 28.85
CA PHE A 244 -12.62 16.00 29.33
C PHE A 244 -12.64 16.15 30.83
N LEU A 245 -11.45 16.17 31.43
CA LEU A 245 -11.26 16.48 32.84
C LEU A 245 -10.94 17.95 33.06
N LYS A 246 -11.23 18.44 34.26
CA LYS A 246 -10.95 19.83 34.58
C LYS A 246 -9.47 19.99 34.85
N PRO A 247 -8.91 21.14 34.45
CA PRO A 247 -7.52 21.42 34.85
C PRO A 247 -7.26 21.20 36.35
N GLU A 248 -8.22 21.59 37.20
CA GLU A 248 -8.10 21.40 38.67
C GLU A 248 -7.81 19.94 39.10
N GLU A 249 -8.26 18.98 38.31
CA GLU A 249 -8.06 17.57 38.66
C GLU A 249 -6.60 17.17 38.51
N VAL A 250 -5.88 17.81 37.58
CA VAL A 250 -4.43 17.61 37.47
C VAL A 250 -3.70 18.43 38.55
N THR A 251 -4.21 19.63 38.82
CA THR A 251 -3.58 20.52 39.78
C THR A 251 -3.53 19.86 41.14
N ARG A 252 -4.56 19.12 41.52
CA ARG A 252 -4.49 18.52 42.85
C ARG A 252 -3.48 17.38 42.94
N ALA A 253 -3.15 16.74 41.82
CA ALA A 253 -2.05 15.76 41.81
C ALA A 253 -0.71 16.48 41.91
N VAL A 254 -0.58 17.62 41.21
CA VAL A 254 0.61 18.45 41.28
C VAL A 254 0.91 18.86 42.73
N LEU A 255 -0.13 19.30 43.42
CA LEU A 255 -0.03 19.78 44.79
C LEU A 255 0.32 18.70 45.80
N PHE A 256 -0.22 17.51 45.59
CA PHE A 256 0.16 16.32 46.37
C PHE A 256 1.65 15.99 46.24
N LEU A 257 2.19 16.06 45.03
CA LEU A 257 3.61 15.76 44.78
C LEU A 257 4.58 16.88 45.28
N VAL A 258 4.16 18.14 45.23
CA VAL A 258 5.07 19.24 45.56
C VAL A 258 4.97 19.60 47.04
N ASP A 259 4.09 18.92 47.77
CA ASP A 259 4.07 19.07 49.21
C ASP A 259 5.43 18.66 49.80
N GLU A 260 5.86 19.38 50.84
CA GLU A 260 7.03 18.98 51.62
C GLU A 260 6.99 17.52 52.12
N ALA A 261 5.80 17.03 52.44
CA ALA A 261 5.60 15.65 52.92
C ALA A 261 5.82 14.57 51.84
N SER A 262 6.01 14.99 50.58
CA SER A 262 6.32 14.06 49.46
C SER A 262 7.84 13.92 49.27
N SER A 263 8.55 14.01 50.40
CA SER A 263 10.00 13.95 50.43
C SER A 263 10.56 12.67 49.82
N HIS A 264 9.80 11.57 49.94
CA HIS A 264 10.31 10.25 49.55
C HIS A 264 9.49 9.65 48.41
N ILE A 265 8.83 10.54 47.66
CA ILE A 265 8.22 10.22 46.40
C ILE A 265 9.08 10.93 45.32
N THR A 266 9.80 10.15 44.54
CA THR A 266 10.56 10.73 43.47
C THR A 266 10.66 9.74 42.32
N GLY A 267 10.86 10.29 41.13
CA GLY A 267 11.00 9.51 39.90
C GLY A 267 9.69 8.89 39.43
N THR A 268 8.57 9.27 40.06
CA THR A 268 7.30 8.64 39.73
C THR A 268 6.53 9.39 38.65
N VAL A 269 5.53 8.68 38.10
CA VAL A 269 4.58 9.20 37.10
C VAL A 269 3.16 8.98 37.62
N LEU A 270 2.46 10.05 37.89
CA LEU A 270 1.09 10.00 38.37
C LEU A 270 0.05 10.32 37.28
N PRO A 271 -0.75 9.31 36.88
CA PRO A 271 -1.70 9.62 35.83
C PRO A 271 -3.00 10.26 36.35
N ILE A 272 -3.49 11.25 35.63
CA ILE A 272 -4.84 11.77 35.85
C ILE A 272 -5.59 11.68 34.52
N ASP A 273 -6.14 10.51 34.24
CA ASP A 273 -6.61 10.22 32.90
C ASP A 273 -7.90 9.40 32.82
N ALA A 274 -8.71 9.43 33.89
CA ALA A 274 -10.06 8.90 33.81
C ALA A 274 -10.10 7.41 33.43
N GLY A 275 -9.12 6.67 33.95
CA GLY A 275 -9.04 5.22 33.72
C GLY A 275 -8.32 4.77 32.46
N ALA A 276 -7.83 5.68 31.64
CA ALA A 276 -7.00 5.26 30.50
C ALA A 276 -5.84 4.35 30.97
N THR A 277 -5.27 4.65 32.15
CA THR A 277 -4.19 3.82 32.67
CA THR A 277 -4.19 3.83 32.69
C THR A 277 -4.66 2.44 33.15
N ALA A 278 -5.96 2.30 33.42
CA ALA A 278 -6.50 0.98 33.72
C ALA A 278 -6.25 -0.01 32.53
N ARG A 279 -6.01 0.51 31.33
CA ARG A 279 -5.85 -0.33 30.14
C ARG A 279 -4.40 -0.77 29.93
N MET A 280 -3.51 -0.27 30.78
CA MET A 280 -2.11 -0.37 30.42
C MET A 280 -1.22 -0.15 31.62
N ILE A 281 0.07 0.02 31.35
CA ILE A 281 1.04 0.34 32.39
C ILE A 281 1.32 1.85 32.44
N ASP B 7 16.95 -16.79 2.88
CA ASP B 7 16.46 -15.98 4.04
C ASP B 7 16.12 -14.56 3.53
N PHE B 8 17.11 -13.70 3.33
CA PHE B 8 16.85 -12.29 2.90
C PHE B 8 17.13 -11.96 1.43
N GLU B 9 17.27 -12.99 0.59
CA GLU B 9 17.60 -12.78 -0.82
C GLU B 9 16.55 -11.93 -1.49
N GLY B 10 17.00 -11.00 -2.30
CA GLY B 10 16.11 -10.13 -2.99
C GLY B 10 15.71 -8.91 -2.16
N LYS B 11 16.16 -8.83 -0.92
CA LYS B 11 15.85 -7.70 -0.04
C LYS B 11 17.00 -6.69 0.06
N THR B 12 16.66 -5.48 0.43
CA THR B 12 17.66 -4.45 0.51
C THR B 12 17.56 -3.83 1.90
N ALA B 13 18.67 -3.65 2.56
CA ALA B 13 18.64 -3.13 3.95
C ALA B 13 19.45 -1.87 4.11
N LEU B 14 18.87 -0.87 4.77
CA LEU B 14 19.58 0.35 5.13
C LEU B 14 19.98 0.30 6.61
N ILE B 15 21.25 0.50 6.90
CA ILE B 15 21.72 0.59 8.27
C ILE B 15 22.45 1.91 8.49
N THR B 16 22.01 2.70 9.47
CA THR B 16 22.75 3.90 9.84
C THR B 16 23.79 3.56 10.90
N GLY B 17 24.82 4.38 11.02
CA GLY B 17 25.95 4.06 11.89
C GLY B 17 26.55 2.71 11.51
N GLY B 18 26.53 2.41 10.21
CA GLY B 18 27.09 1.16 9.67
C GLY B 18 28.61 0.98 9.64
N ALA B 19 29.37 1.99 10.09
CA ALA B 19 30.85 1.93 9.97
C ALA B 19 31.57 0.97 10.93
N ARG B 20 30.96 0.66 12.07
CA ARG B 20 31.60 -0.21 13.06
C ARG B 20 30.57 -0.68 14.04
N GLY B 21 31.01 -1.42 15.06
CA GLY B 21 30.18 -1.74 16.22
C GLY B 21 28.97 -2.53 15.81
N MET B 22 27.85 -2.29 16.45
CA MET B 22 26.69 -3.12 16.16
C MET B 22 26.20 -2.89 14.72
N GLY B 23 26.39 -1.69 14.18
CA GLY B 23 25.88 -1.40 12.82
C GLY B 23 26.60 -2.26 11.78
N ARG B 24 27.90 -2.43 11.99
CA ARG B 24 28.69 -3.36 11.15
C ARG B 24 28.20 -4.82 11.26
N SER B 25 27.98 -5.27 12.50
CA SER B 25 27.47 -6.63 12.73
C SER B 25 26.12 -6.89 12.07
N HIS B 26 25.16 -5.98 12.27
CA HIS B 26 23.86 -6.05 11.60
C HIS B 26 23.99 -6.19 10.08
N ALA B 27 24.84 -5.33 9.50
CA ALA B 27 25.05 -5.26 8.05
C ALA B 27 25.60 -6.54 7.47
N VAL B 28 26.68 -7.04 8.09
CA VAL B 28 27.29 -8.28 7.65
C VAL B 28 26.35 -9.47 7.84
N ALA B 29 25.61 -9.52 8.95
CA ALA B 29 24.72 -10.67 9.16
C ALA B 29 23.57 -10.68 8.13
N LEU B 30 22.99 -9.51 7.87
CA LEU B 30 21.96 -9.36 6.84
C LEU B 30 22.51 -9.71 5.47
N ALA B 31 23.74 -9.28 5.18
CA ALA B 31 24.44 -9.68 3.95
C ALA B 31 24.61 -11.21 3.81
N GLU B 32 25.16 -11.88 4.83
CA GLU B 32 25.25 -13.35 4.78
C GLU B 32 23.90 -14.04 4.57
N ALA B 33 22.85 -13.50 5.20
CA ALA B 33 21.49 -13.98 5.04
C ALA B 33 20.88 -13.67 3.68
N GLY B 34 21.48 -12.74 2.93
CA GLY B 34 21.06 -12.59 1.53
C GLY B 34 20.65 -11.20 1.10
N ALA B 35 20.61 -10.23 2.01
CA ALA B 35 20.30 -8.85 1.61
C ALA B 35 21.50 -8.08 0.98
N ASP B 36 21.20 -7.27 -0.03
CA ASP B 36 22.05 -6.14 -0.43
C ASP B 36 21.94 -4.97 0.59
N ILE B 37 23.05 -4.30 0.81
CA ILE B 37 23.19 -3.40 1.96
C ILE B 37 23.46 -1.95 1.56
N ALA B 38 22.78 -1.02 2.20
CA ALA B 38 23.11 0.39 2.07
C ALA B 38 23.55 0.85 3.45
N ILE B 39 24.79 1.31 3.58
CA ILE B 39 25.26 1.75 4.92
C ILE B 39 25.67 3.20 4.90
N CYS B 40 25.43 3.89 6.00
CA CYS B 40 25.94 5.27 6.11
C CYS B 40 26.41 5.57 7.52
N ASP B 41 27.27 6.57 7.64
CA ASP B 41 27.85 6.90 8.95
C ASP B 41 28.32 8.31 8.87
N ARG B 42 28.31 8.98 10.02
CA ARG B 42 28.90 10.29 10.19
C ARG B 42 30.40 10.36 9.79
N CYS B 43 31.20 9.35 10.16
CA CYS B 43 32.64 9.31 9.80
C CYS B 43 33.45 10.50 10.38
N GLU B 44 32.92 11.13 11.40
CA GLU B 44 33.67 12.17 12.06
C GLU B 44 33.36 12.19 13.56
N ASN B 45 34.35 12.66 14.32
CA ASN B 45 34.20 12.92 15.73
C ASN B 45 33.21 14.02 16.03
N SER B 46 32.75 14.05 17.27
CA SER B 46 31.98 15.15 17.81
C SER B 46 32.70 15.79 19.02
N ASP B 47 32.81 17.13 19.05
CA ASP B 47 33.43 17.82 20.21
C ASP B 47 32.72 17.60 21.56
N VAL B 48 31.49 17.09 21.54
CA VAL B 48 30.77 16.87 22.81
C VAL B 48 30.65 15.40 23.19
N VAL B 49 31.39 14.54 22.48
CA VAL B 49 31.41 13.11 22.76
C VAL B 49 32.87 12.79 23.04
N GLY B 50 33.16 12.17 24.18
CA GLY B 50 34.55 12.07 24.65
C GLY B 50 35.37 10.99 23.96
N TYR B 51 34.69 10.02 23.34
CA TYR B 51 35.40 8.94 22.68
C TYR B 51 35.37 9.15 21.16
N PRO B 52 36.38 8.62 20.43
CA PRO B 52 36.37 8.78 18.96
C PRO B 52 35.18 8.09 18.29
N LEU B 53 34.59 8.73 17.28
CA LEU B 53 33.53 8.10 16.45
C LEU B 53 34.19 7.44 15.23
N ALA B 54 33.40 6.78 14.36
CA ALA B 54 33.93 6.10 13.17
C ALA B 54 34.63 7.06 12.22
N THR B 55 35.52 6.48 11.40
CA THR B 55 36.23 7.17 10.34
C THR B 55 35.70 6.66 8.99
N ALA B 56 36.08 7.31 7.90
CA ALA B 56 35.73 6.82 6.55
C ALA B 56 36.35 5.46 6.27
N ASP B 57 37.53 5.22 6.83
CA ASP B 57 38.21 3.93 6.70
C ASP B 57 37.44 2.80 7.39
N ASP B 58 36.79 3.12 8.51
CA ASP B 58 35.93 2.16 9.17
C ASP B 58 34.79 1.77 8.23
N LEU B 59 34.16 2.77 7.61
CA LEU B 59 33.02 2.57 6.70
C LEU B 59 33.43 1.70 5.50
N ALA B 60 34.57 2.03 4.89
CA ALA B 60 35.13 1.26 3.78
C ALA B 60 35.44 -0.18 4.17
N GLU B 61 35.86 -0.40 5.42
CA GLU B 61 35.97 -1.77 5.98
C GLU B 61 34.63 -2.54 5.99
N THR B 62 33.54 -1.92 6.46
CA THR B 62 32.23 -2.59 6.48
C THR B 62 31.76 -2.91 5.07
N VAL B 63 32.04 -2.03 4.14
CA VAL B 63 31.72 -2.25 2.74
C VAL B 63 32.45 -3.48 2.20
N ALA B 64 33.75 -3.62 2.50
CA ALA B 64 34.47 -4.82 2.06
C ALA B 64 33.96 -6.09 2.72
N LEU B 65 33.62 -6.02 4.01
CA LEU B 65 33.04 -7.20 4.68
C LEU B 65 31.71 -7.69 4.05
N VAL B 66 30.82 -6.75 3.76
CA VAL B 66 29.53 -7.01 3.10
C VAL B 66 29.78 -7.63 1.71
N GLU B 67 30.66 -7.03 0.94
CA GLU B 67 31.03 -7.58 -0.38
C GLU B 67 31.66 -8.98 -0.32
N LYS B 68 32.46 -9.25 0.71
CA LYS B 68 33.04 -10.59 0.91
C LYS B 68 31.98 -11.68 1.10
N THR B 69 30.71 -11.28 1.27
CA THR B 69 29.62 -12.24 1.35
C THR B 69 28.98 -12.54 0.01
N GLY B 70 29.32 -11.78 -1.02
CA GLY B 70 28.73 -11.94 -2.35
C GLY B 70 27.67 -10.90 -2.66
N ARG B 71 27.28 -10.13 -1.65
CA ARG B 71 26.24 -9.13 -1.79
C ARG B 71 26.77 -7.83 -2.39
N ARG B 72 25.84 -6.98 -2.82
CA ARG B 72 26.18 -5.62 -3.21
C ARG B 72 26.01 -4.65 -2.03
N CYS B 73 26.81 -3.60 -2.03
CA CYS B 73 26.87 -2.65 -0.92
C CYS B 73 27.20 -1.31 -1.51
N ILE B 74 26.43 -0.29 -1.09
CA ILE B 74 26.79 1.10 -1.28
C ILE B 74 26.92 1.79 0.09
N SER B 75 27.76 2.80 0.16
CA SER B 75 27.96 3.55 1.39
C SER B 75 27.91 5.03 1.10
N ALA B 76 27.74 5.82 2.15
CA ALA B 76 27.80 7.30 2.06
C ALA B 76 28.13 7.88 3.43
N LYS B 77 28.88 8.99 3.42
CA LYS B 77 29.10 9.74 4.63
C LYS B 77 27.82 10.54 4.87
N VAL B 78 27.14 10.23 5.97
CA VAL B 78 25.85 10.85 6.26
C VAL B 78 25.67 11.09 7.75
N ASP B 79 25.26 12.32 8.07
CA ASP B 79 24.85 12.67 9.42
C ASP B 79 23.34 12.50 9.49
N VAL B 80 22.88 11.60 10.36
CA VAL B 80 21.44 11.33 10.51
C VAL B 80 20.62 12.51 11.05
N LYS B 81 21.29 13.49 11.66
CA LYS B 81 20.60 14.76 12.01
C LYS B 81 20.19 15.58 10.75
N ASP B 82 20.67 15.17 9.59
CA ASP B 82 20.43 15.89 8.35
C ASP B 82 19.40 15.11 7.52
N ARG B 83 18.12 15.48 7.65
CA ARG B 83 17.04 14.74 6.99
C ARG B 83 17.22 14.65 5.48
N ALA B 84 17.58 15.77 4.87
CA ALA B 84 17.76 15.84 3.41
C ALA B 84 18.93 14.95 2.94
N ALA B 85 19.99 14.86 3.74
CA ALA B 85 21.10 13.97 3.42
C ALA B 85 20.60 12.51 3.37
N LEU B 86 19.92 12.09 4.42
CA LEU B 86 19.29 10.77 4.47
C LEU B 86 18.42 10.52 3.25
N GLU B 87 17.58 11.49 2.91
CA GLU B 87 16.67 11.40 1.80
C GLU B 87 17.34 11.18 0.44
N SER B 88 18.44 11.90 0.20
CA SER B 88 19.21 11.75 -1.04
C SER B 88 19.92 10.39 -1.03
N PHE B 89 20.40 9.98 0.13
CA PHE B 89 21.03 8.68 0.22
C PHE B 89 20.03 7.55 -0.01
N VAL B 90 18.78 7.75 0.41
CA VAL B 90 17.76 6.75 0.14
C VAL B 90 17.57 6.59 -1.37
N ALA B 91 17.49 7.72 -2.08
CA ALA B 91 17.29 7.77 -3.52
C ALA B 91 18.47 7.15 -4.28
N GLU B 92 19.67 7.51 -3.84
CA GLU B 92 20.94 6.94 -4.28
C GLU B 92 20.91 5.41 -4.17
N ALA B 93 20.40 4.92 -3.02
CA ALA B 93 20.37 3.50 -2.66
C ALA B 93 19.43 2.68 -3.52
N GLU B 94 18.26 3.23 -3.77
CA GLU B 94 17.23 2.54 -4.54
C GLU B 94 17.53 2.51 -6.05
N ASP B 95 18.16 3.56 -6.56
CA ASP B 95 18.60 3.59 -7.95
C ASP B 95 19.58 2.46 -8.25
N THR B 96 20.45 2.15 -7.28
CA THR B 96 21.45 1.07 -7.40
C THR B 96 20.98 -0.30 -6.97
N LEU B 97 20.29 -0.38 -5.84
CA LEU B 97 20.02 -1.68 -5.18
C LEU B 97 18.55 -2.10 -5.13
N GLY B 98 17.67 -1.27 -5.67
CA GLY B 98 16.23 -1.48 -5.57
C GLY B 98 15.70 -0.92 -4.27
N GLY B 99 14.38 -0.87 -4.15
CA GLY B 99 13.71 -0.33 -2.96
C GLY B 99 14.18 -0.94 -1.63
N ILE B 100 14.21 -0.09 -0.59
CA ILE B 100 14.66 -0.50 0.72
C ILE B 100 13.54 -1.20 1.46
N ASP B 101 13.83 -2.40 1.95
CA ASP B 101 12.80 -3.23 2.56
C ASP B 101 12.99 -3.27 4.06
N ILE B 102 14.23 -3.04 4.49
CA ILE B 102 14.61 -3.15 5.88
C ILE B 102 15.42 -1.91 6.28
N ALA B 103 15.13 -1.31 7.44
CA ALA B 103 15.93 -0.17 7.91
C ALA B 103 16.24 -0.31 9.39
N ILE B 104 17.53 -0.20 9.70
CA ILE B 104 18.01 -0.26 11.08
CA ILE B 104 18.03 -0.26 11.07
C ILE B 104 18.58 1.12 11.47
N THR B 105 17.92 1.76 12.43
CA THR B 105 18.24 3.14 12.86
C THR B 105 19.27 3.10 14.00
N ASN B 106 20.46 2.60 13.66
CA ASN B 106 21.47 2.24 14.60
C ASN B 106 22.43 3.39 14.98
N ALA B 107 22.61 4.38 14.10
CA ALA B 107 23.51 5.51 14.46
C ALA B 107 23.14 6.09 15.82
N GLY B 108 24.11 6.24 16.69
CA GLY B 108 23.82 6.74 18.02
C GLY B 108 25.09 7.11 18.74
N ILE B 109 24.95 7.91 19.80
CA ILE B 109 26.07 8.36 20.62
C ILE B 109 25.66 8.35 22.09
N SER B 110 26.67 8.28 22.97
CA SER B 110 26.47 8.25 24.42
C SER B 110 27.30 9.36 25.12
N THR B 111 26.80 9.91 26.22
CA THR B 111 27.55 10.91 26.98
C THR B 111 27.34 10.70 28.46
N ILE B 112 28.22 11.29 29.26
CA ILE B 112 28.12 11.24 30.72
C ILE B 112 28.20 12.67 31.21
N ALA B 113 27.11 13.16 31.82
CA ALA B 113 27.15 14.47 32.46
C ALA B 113 25.96 14.65 33.41
N LEU B 114 26.26 15.14 34.60
CA LEU B 114 25.28 15.33 35.65
C LEU B 114 24.54 16.62 35.45
N LEU B 115 23.22 16.59 35.63
CA LEU B 115 22.46 17.83 35.81
C LEU B 115 22.89 18.56 37.11
N PRO B 116 22.87 19.91 37.12
CA PRO B 116 22.41 20.78 36.05
C PRO B 116 23.56 21.23 35.14
N GLU B 117 24.78 20.73 35.38
CA GLU B 117 25.91 20.99 34.48
C GLU B 117 25.88 20.11 33.23
N VAL B 118 24.76 20.11 32.50
CA VAL B 118 24.76 19.50 31.20
C VAL B 118 24.79 20.68 30.21
N GLU B 119 25.81 20.69 29.35
CA GLU B 119 25.99 21.75 28.36
CA GLU B 119 25.99 21.73 28.34
C GLU B 119 24.92 21.56 27.29
N SER B 120 24.30 22.68 26.87
CA SER B 120 23.22 22.64 25.86
C SER B 120 23.62 21.99 24.54
N ALA B 121 24.83 22.30 24.05
CA ALA B 121 25.36 21.69 22.80
C ALA B 121 25.41 20.17 22.92
N GLN B 122 25.68 19.66 24.12
CA GLN B 122 25.78 18.22 24.28
C GLN B 122 24.38 17.59 24.29
N TRP B 123 23.44 18.24 24.97
CA TRP B 123 22.03 17.83 24.92
C TRP B 123 21.52 17.83 23.46
N ASP B 124 21.72 18.95 22.75
CA ASP B 124 21.34 19.05 21.35
C ASP B 124 21.90 17.87 20.52
N GLU B 125 23.18 17.57 20.71
CA GLU B 125 23.85 16.53 19.94
C GLU B 125 23.27 15.14 20.16
N VAL B 126 23.03 14.82 21.43
CA VAL B 126 22.53 13.51 21.83
C VAL B 126 21.07 13.33 21.44
N ILE B 127 20.22 14.27 21.84
CA ILE B 127 18.84 14.30 21.35
C ILE B 127 18.83 14.29 19.81
N GLY B 128 19.74 15.06 19.23
CA GLY B 128 19.75 15.23 17.76
C GLY B 128 20.09 13.95 17.04
N THR B 129 21.22 13.32 17.40
CA THR B 129 21.61 12.08 16.76
C THR B 129 20.66 10.92 17.10
N ASN B 130 20.33 10.76 18.39
CA ASN B 130 19.70 9.53 18.85
C ASN B 130 18.22 9.46 18.57
N LEU B 131 17.53 10.58 18.78
CA LEU B 131 16.10 10.64 18.67
C LEU B 131 15.70 11.31 17.35
N THR B 132 16.17 12.52 17.12
CA THR B 132 15.82 13.20 15.87
C THR B 132 16.38 12.44 14.64
N GLY B 133 17.55 11.86 14.80
CA GLY B 133 18.14 11.00 13.76
C GLY B 133 17.32 9.76 13.42
N THR B 134 16.70 9.17 14.44
CA THR B 134 15.82 8.02 14.27
C THR B 134 14.57 8.43 13.56
N PHE B 135 13.99 9.55 14.00
CA PHE B 135 12.88 10.15 13.24
C PHE B 135 13.26 10.46 11.78
N ASN B 136 14.42 11.07 11.55
CA ASN B 136 14.85 11.35 10.17
C ASN B 136 15.05 10.12 9.31
N THR B 137 15.47 9.02 9.92
CA THR B 137 15.72 7.80 9.14
C THR B 137 14.39 7.18 8.74
N ILE B 138 13.46 7.10 9.69
CA ILE B 138 12.14 6.55 9.43
C ILE B 138 11.45 7.37 8.38
N ALA B 139 11.52 8.69 8.54
CA ALA B 139 10.87 9.60 7.59
C ALA B 139 11.52 9.46 6.20
N ALA B 140 12.82 9.17 6.16
CA ALA B 140 13.50 8.94 4.89
C ALA B 140 13.05 7.68 4.14
N VAL B 141 12.83 6.59 4.90
CA VAL B 141 12.54 5.30 4.27
C VAL B 141 11.09 5.00 4.03
N ALA B 142 10.23 5.57 4.86
CA ALA B 142 8.78 5.25 4.84
C ALA B 142 8.03 5.51 3.54
N PRO B 143 8.35 6.61 2.83
CA PRO B 143 7.63 6.85 1.59
C PRO B 143 7.72 5.68 0.62
N GLY B 144 8.94 5.14 0.42
CA GLY B 144 9.14 4.00 -0.47
C GLY B 144 8.54 2.71 0.09
N MET B 145 8.60 2.51 1.42
CA MET B 145 7.98 1.31 2.01
C MET B 145 6.47 1.36 1.84
N ILE B 146 5.88 2.54 2.06
CA ILE B 146 4.45 2.76 1.84
C ILE B 146 4.08 2.47 0.38
N LYS B 147 4.82 3.08 -0.55
CA LYS B 147 4.65 2.89 -1.97
C LYS B 147 4.73 1.39 -2.36
N ARG B 148 5.71 0.69 -1.78
CA ARG B 148 5.92 -0.74 -2.08
C ARG B 148 5.08 -1.67 -1.20
N ASN B 149 4.44 -1.10 -0.18
CA ASN B 149 3.65 -1.85 0.79
C ASN B 149 4.41 -2.96 1.52
N TYR B 150 5.63 -2.65 1.98
CA TYR B 150 6.49 -3.62 2.70
C TYR B 150 7.64 -2.90 3.38
N GLY B 151 7.76 -3.11 4.69
CA GLY B 151 8.93 -2.68 5.43
C GLY B 151 9.10 -3.34 6.79
N ARG B 152 10.37 -3.46 7.19
CA ARG B 152 10.71 -3.86 8.53
C ARG B 152 11.74 -2.88 9.03
N ILE B 153 11.33 -2.08 10.01
CA ILE B 153 12.17 -1.05 10.58
C ILE B 153 12.50 -1.50 12.01
N VAL B 154 13.77 -1.45 12.39
CA VAL B 154 14.15 -1.69 13.77
C VAL B 154 14.85 -0.47 14.25
N THR B 155 14.31 0.13 15.31
CA THR B 155 15.01 1.21 15.98
C THR B 155 15.92 0.61 17.07
N VAL B 156 16.85 1.41 17.56
CA VAL B 156 17.72 0.96 18.64
C VAL B 156 17.58 1.88 19.83
N SER B 157 17.05 1.34 20.92
CA SER B 157 16.94 2.03 22.17
C SER B 157 18.12 1.56 23.02
N SER B 158 17.81 1.18 24.26
CA SER B 158 18.80 0.78 25.24
C SER B 158 18.03 0.25 26.42
N MET B 159 18.69 -0.61 27.19
CA MET B 159 18.35 -0.83 28.62
C MET B 159 17.95 0.48 29.39
N LEU B 160 18.64 1.56 29.08
CA LEU B 160 18.33 2.87 29.67
C LEU B 160 17.14 3.57 29.05
N GLY B 161 16.64 3.03 27.95
CA GLY B 161 15.42 3.51 27.33
C GLY B 161 14.17 3.11 28.09
N HIS B 162 14.32 2.19 29.04
CA HIS B 162 13.22 1.84 29.95
C HIS B 162 13.68 1.76 31.42
N SER B 163 14.70 2.55 31.75
CA SER B 163 15.15 2.76 33.14
C SER B 163 15.84 4.12 33.21
N ALA B 164 16.57 4.38 34.28
CA ALA B 164 17.40 5.58 34.37
C ALA B 164 18.60 5.32 35.30
N ASN B 165 19.59 6.20 35.24
CA ASN B 165 20.82 6.08 36.05
C ASN B 165 21.37 7.49 36.27
N PHE B 166 22.48 7.65 37.01
CA PHE B 166 23.04 8.98 37.26
C PHE B 166 23.76 9.51 36.00
N ALA B 167 23.75 10.82 35.83
CA ALA B 167 24.59 11.53 34.84
C ALA B 167 24.30 11.19 33.38
N GLN B 168 23.04 10.82 33.09
CA GLN B 168 22.67 10.32 31.77
CA GLN B 168 22.65 10.31 31.78
C GLN B 168 21.40 10.98 31.20
N ALA B 169 21.06 12.16 31.70
CA ALA B 169 19.84 12.84 31.22
C ALA B 169 19.68 12.91 29.71
N SER B 170 20.67 13.40 28.97
CA SER B 170 20.58 13.46 27.49
C SER B 170 20.33 12.10 26.85
N TYR B 171 21.18 11.11 27.19
CA TYR B 171 21.12 9.77 26.58
C TYR B 171 19.81 9.02 26.92
N VAL B 172 19.46 9.04 28.18
CA VAL B 172 18.25 8.38 28.64
C VAL B 172 16.96 9.02 28.06
N SER B 173 16.90 10.36 28.05
CA SER B 173 15.75 11.07 27.45
C SER B 173 15.62 10.68 25.97
N SER B 174 16.75 10.61 25.28
CA SER B 174 16.74 10.19 23.88
C SER B 174 16.22 8.74 23.69
N LYS B 175 16.69 7.80 24.50
CA LYS B 175 16.33 6.39 24.33
C LYS B 175 14.86 6.04 24.73
N TRP B 176 14.33 6.79 25.72
CA TRP B 176 12.90 6.82 26.03
C TRP B 176 12.13 7.36 24.84
N GLY B 177 12.57 8.50 24.30
CA GLY B 177 11.98 9.07 23.09
C GLY B 177 11.87 8.08 21.94
N VAL B 178 12.91 7.26 21.77
CA VAL B 178 12.97 6.29 20.67
C VAL B 178 11.86 5.23 20.70
N ILE B 179 11.54 4.80 21.91
CA ILE B 179 10.44 3.86 22.13
C ILE B 179 9.11 4.47 21.80
N GLY B 180 8.85 5.68 22.31
CA GLY B 180 7.55 6.33 21.98
C GLY B 180 7.47 6.53 20.46
N LEU B 181 8.60 6.93 19.83
CA LEU B 181 8.64 7.10 18.37
C LEU B 181 8.38 5.79 17.66
N THR B 182 9.05 4.72 18.12
CA THR B 182 8.88 3.37 17.54
C THR B 182 7.42 3.01 17.47
N LYS B 183 6.71 3.26 18.58
CA LYS B 183 5.33 2.84 18.71
C LYS B 183 4.40 3.68 17.86
N CYS B 184 4.76 4.95 17.71
CA CYS B 184 4.11 5.87 16.81
C CYS B 184 4.29 5.51 15.36
N ALA B 185 5.52 5.19 14.99
CA ALA B 185 5.78 4.81 13.61
C ALA B 185 5.02 3.52 13.34
N ALA B 186 4.91 2.64 14.33
CA ALA B 186 4.16 1.42 14.17
C ALA B 186 2.67 1.69 13.88
N HIS B 187 2.10 2.72 14.49
CA HIS B 187 0.74 3.22 14.12
C HIS B 187 0.61 3.80 12.71
N ASP B 188 1.37 4.86 12.42
CA ASP B 188 1.16 5.54 11.11
C ASP B 188 1.41 4.62 9.96
N LEU B 189 2.31 3.64 10.13
CA LEU B 189 2.79 2.84 9.01
C LEU B 189 2.01 1.52 8.87
N VAL B 190 1.14 1.23 9.83
CA VAL B 190 0.55 -0.10 10.03
C VAL B 190 -0.16 -0.76 8.82
N GLY B 191 -0.95 0.03 8.10
CA GLY B 191 -1.79 -0.45 7.01
C GLY B 191 -1.02 -0.65 5.71
N TYR B 192 0.29 -0.38 5.73
CA TYR B 192 1.14 -0.56 4.53
C TYR B 192 2.12 -1.71 4.60
N GLY B 193 1.84 -2.71 5.45
CA GLY B 193 2.69 -3.91 5.53
C GLY B 193 4.08 -3.60 6.09
N ILE B 194 4.14 -2.56 6.93
CA ILE B 194 5.36 -2.09 7.57
C ILE B 194 5.25 -2.32 9.06
N THR B 195 6.26 -2.97 9.64
CA THR B 195 6.40 -3.07 11.09
C THR B 195 7.58 -2.26 11.61
N VAL B 196 7.50 -1.81 12.86
CA VAL B 196 8.55 -0.97 13.48
C VAL B 196 8.74 -1.51 14.90
N ASN B 197 9.92 -2.05 15.20
CA ASN B 197 10.18 -2.55 16.53
C ASN B 197 11.55 -2.01 17.02
N ALA B 198 11.76 -1.98 18.33
CA ALA B 198 13.08 -1.58 18.90
C ALA B 198 13.77 -2.76 19.49
N VAL B 199 15.09 -2.79 19.39
CA VAL B 199 15.91 -3.63 20.26
C VAL B 199 16.40 -2.71 21.40
N ALA B 200 16.55 -3.25 22.61
CA ALA B 200 17.12 -2.49 23.75
C ALA B 200 18.34 -3.22 24.33
N PRO B 201 19.52 -2.90 23.83
CA PRO B 201 20.65 -3.69 24.35
C PRO B 201 21.13 -3.20 25.72
N GLY B 202 21.76 -4.11 26.46
CA GLY B 202 22.50 -3.76 27.68
C GLY B 202 23.92 -3.36 27.31
N ASN B 203 24.91 -3.69 28.15
CA ASN B 203 26.28 -3.36 27.86
C ASN B 203 26.83 -4.23 26.75
N ILE B 204 27.23 -3.60 25.65
CA ILE B 204 27.69 -4.32 24.45
C ILE B 204 29.12 -3.91 24.12
N GLU B 205 29.94 -4.90 23.81
CA GLU B 205 31.32 -4.68 23.43
C GLU B 205 31.45 -4.03 22.02
N THR B 206 31.65 -2.72 22.00
CA THR B 206 31.80 -1.89 20.79
C THR B 206 32.73 -0.71 21.15
N PRO B 207 33.25 0.00 20.13
CA PRO B 207 34.08 1.15 20.49
C PRO B 207 33.32 2.28 21.25
N MET B 208 32.01 2.14 21.46
CA MET B 208 31.25 3.08 22.28
C MET B 208 31.61 2.93 23.74
N THR B 209 31.80 1.68 24.18
CA THR B 209 32.04 1.34 25.58
C THR B 209 33.49 1.02 25.82
N HIS B 210 34.16 0.44 24.82
CA HIS B 210 35.56 0.05 24.94
C HIS B 210 36.48 1.11 24.34
N ASN B 211 36.90 2.03 25.20
CA ASN B 211 37.78 3.14 24.81
C ASN B 211 38.33 3.79 26.07
N ASP B 212 39.39 4.57 25.91
CA ASP B 212 40.04 5.21 27.06
C ASP B 212 39.17 6.25 27.77
N PHE B 213 38.38 7.01 27.02
CA PHE B 213 37.57 8.04 27.64
C PHE B 213 36.58 7.44 28.63
N VAL B 214 35.84 6.42 28.19
CA VAL B 214 34.89 5.70 29.05
C VAL B 214 35.58 5.00 30.23
N PHE B 215 36.75 4.40 29.97
CA PHE B 215 37.52 3.74 31.03
C PHE B 215 38.04 4.73 32.08
N GLY B 216 38.62 5.83 31.61
CA GLY B 216 39.03 6.97 32.44
C GLY B 216 37.92 7.52 33.30
N THR B 217 36.74 7.76 32.70
CA THR B 217 35.61 8.39 33.42
C THR B 217 34.88 7.43 34.37
N MET B 218 35.00 6.13 34.13
CA MET B 218 34.37 5.13 34.98
C MET B 218 35.31 4.61 36.08
N ARG B 219 36.49 5.24 36.24
CA ARG B 219 37.50 4.81 37.22
C ARG B 219 38.48 5.92 37.57
N PRO B 225 43.90 3.03 33.38
CA PRO B 225 42.60 2.34 33.47
C PRO B 225 42.41 1.37 32.29
N THR B 226 42.21 0.10 32.61
CA THR B 226 42.09 -0.96 31.60
C THR B 226 40.71 -1.63 31.66
N LEU B 227 40.48 -2.59 30.75
CA LEU B 227 39.23 -3.34 30.69
C LEU B 227 38.93 -3.98 32.04
N LYS B 228 39.90 -4.69 32.61
CA LYS B 228 39.73 -5.41 33.87
C LYS B 228 39.32 -4.49 35.03
N ASP B 229 39.75 -3.23 34.99
CA ASP B 229 39.46 -2.28 36.07
C ASP B 229 38.04 -1.72 36.02
N VAL B 230 37.36 -1.94 34.89
CA VAL B 230 36.03 -1.37 34.68
C VAL B 230 34.94 -2.45 34.58
N GLU B 231 35.37 -3.72 34.62
CA GLU B 231 34.43 -4.83 34.47
C GLU B 231 33.35 -4.91 35.56
N SER B 232 33.75 -4.70 36.82
CA SER B 232 32.83 -4.74 37.97
C SER B 232 31.70 -3.71 37.85
N VAL B 233 32.08 -2.54 37.33
CA VAL B 233 31.17 -1.44 37.14
C VAL B 233 30.11 -1.84 36.10
N PHE B 234 30.57 -2.43 35.00
CA PHE B 234 29.67 -2.83 33.94
C PHE B 234 28.86 -4.08 34.30
N ALA B 235 29.49 -5.01 35.00
CA ALA B 235 28.80 -6.19 35.53
C ALA B 235 27.57 -5.85 36.40
N SER B 236 27.70 -4.86 37.29
CA SER B 236 26.60 -4.45 38.18
C SER B 236 25.29 -4.16 37.45
N LEU B 237 25.38 -3.71 36.20
CA LEU B 237 24.19 -3.33 35.42
C LEU B 237 23.41 -4.53 34.88
N HIS B 238 24.10 -5.66 34.75
CA HIS B 238 23.53 -6.90 34.25
C HIS B 238 23.20 -7.83 35.41
N LEU B 239 22.25 -8.75 35.21
CA LEU B 239 21.96 -9.74 36.23
C LEU B 239 22.91 -10.93 36.08
N GLN B 240 23.08 -11.44 34.87
CA GLN B 240 24.08 -12.48 34.61
C GLN B 240 25.49 -11.91 34.77
N TYR B 241 26.47 -12.78 34.99
CA TYR B 241 27.84 -12.37 35.31
C TYR B 241 28.59 -11.57 34.22
N ALA B 242 28.29 -11.85 32.96
CA ALA B 242 28.97 -11.24 31.79
C ALA B 242 29.00 -9.71 31.73
N PRO B 243 30.21 -9.10 31.89
CA PRO B 243 30.28 -7.65 31.83
C PRO B 243 29.80 -7.06 30.50
N PHE B 244 30.19 -7.68 29.38
CA PHE B 244 29.78 -7.20 28.05
C PHE B 244 29.22 -8.34 27.17
N LEU B 245 28.25 -7.99 26.30
CA LEU B 245 27.71 -8.94 25.34
C LEU B 245 28.30 -8.69 23.96
N LYS B 246 28.32 -9.71 23.11
CA LYS B 246 28.80 -9.55 21.75
C LYS B 246 27.76 -8.82 20.90
N PRO B 247 28.20 -7.97 19.94
CA PRO B 247 27.21 -7.30 19.09
C PRO B 247 26.32 -8.28 18.34
N GLU B 248 26.85 -9.43 17.96
CA GLU B 248 26.08 -10.49 17.29
C GLU B 248 24.86 -10.98 18.09
N GLU B 249 24.92 -10.82 19.41
CA GLU B 249 23.84 -11.22 20.32
C GLU B 249 22.66 -10.27 20.11
N VAL B 250 22.95 -9.01 19.81
CA VAL B 250 21.89 -8.04 19.44
C VAL B 250 21.42 -8.28 18.01
N THR B 251 22.38 -8.51 17.11
CA THR B 251 22.12 -8.80 15.70
C THR B 251 21.11 -9.92 15.54
N ARG B 252 21.26 -11.01 16.27
CA ARG B 252 20.28 -12.06 16.09
C ARG B 252 18.85 -11.63 16.41
N ALA B 253 18.67 -10.81 17.45
CA ALA B 253 17.38 -10.21 17.74
C ALA B 253 16.89 -9.34 16.59
N VAL B 254 17.77 -8.55 16.00
CA VAL B 254 17.42 -7.76 14.82
C VAL B 254 16.88 -8.61 13.68
N LEU B 255 17.63 -9.66 13.34
CA LEU B 255 17.24 -10.57 12.24
C LEU B 255 15.89 -11.26 12.50
N PHE B 256 15.65 -11.66 13.75
CA PHE B 256 14.38 -12.22 14.16
C PHE B 256 13.25 -11.24 13.79
N LEU B 257 13.38 -9.98 14.21
CA LEU B 257 12.34 -8.97 14.03
C LEU B 257 12.11 -8.55 12.58
N VAL B 258 13.18 -8.44 11.80
CA VAL B 258 13.05 -8.00 10.41
C VAL B 258 12.73 -9.12 9.45
N ASP B 259 12.62 -10.34 9.94
CA ASP B 259 12.15 -11.45 9.11
C ASP B 259 10.79 -11.13 8.50
N GLU B 260 10.61 -11.52 7.25
CA GLU B 260 9.29 -11.50 6.63
C GLU B 260 8.24 -12.17 7.53
N ALA B 261 8.64 -13.25 8.22
CA ALA B 261 7.67 -13.96 9.12
C ALA B 261 7.19 -13.15 10.33
N SER B 262 7.84 -12.04 10.63
CA SER B 262 7.48 -11.18 11.76
C SER B 262 6.43 -10.12 11.43
N SER B 263 5.54 -10.42 10.47
CA SER B 263 4.58 -9.42 9.96
C SER B 263 3.64 -8.94 11.04
N HIS B 264 3.48 -9.74 12.08
CA HIS B 264 2.51 -9.43 13.11
C HIS B 264 3.10 -9.13 14.47
N ILE B 265 4.37 -8.74 14.44
CA ILE B 265 5.07 -8.23 15.59
C ILE B 265 5.40 -6.77 15.24
N THR B 266 4.73 -5.85 15.92
CA THR B 266 5.04 -4.46 15.71
C THR B 266 4.77 -3.63 16.97
N GLY B 267 5.59 -2.61 17.19
CA GLY B 267 5.45 -1.74 18.34
C GLY B 267 6.09 -2.29 19.61
N THR B 268 6.97 -3.30 19.44
CA THR B 268 7.64 -4.02 20.53
C THR B 268 9.09 -3.57 20.86
N VAL B 269 9.56 -3.98 22.03
CA VAL B 269 10.88 -3.66 22.52
C VAL B 269 11.46 -4.98 22.96
N LEU B 270 12.49 -5.41 22.25
CA LEU B 270 13.15 -6.65 22.54
C LEU B 270 14.45 -6.35 23.26
N PRO B 271 14.55 -6.67 24.56
CA PRO B 271 15.80 -6.42 25.28
C PRO B 271 16.78 -7.54 25.05
N ILE B 272 18.06 -7.17 24.92
CA ILE B 272 19.16 -8.13 24.93
C ILE B 272 20.14 -7.56 25.96
N ASP B 273 19.87 -7.85 27.23
CA ASP B 273 20.54 -7.14 28.33
C ASP B 273 20.98 -8.02 29.52
N ALA B 274 21.19 -9.32 29.27
CA ALA B 274 21.82 -10.21 30.25
C ALA B 274 21.08 -10.20 31.59
N GLY B 275 19.75 -10.14 31.52
CA GLY B 275 18.91 -10.16 32.73
C GLY B 275 18.60 -8.84 33.40
N ALA B 276 19.15 -7.74 32.91
CA ALA B 276 18.80 -6.42 33.46
C ALA B 276 17.26 -6.19 33.46
N THR B 277 16.59 -6.65 32.41
CA THR B 277 15.12 -6.58 32.32
C THR B 277 14.40 -7.52 33.30
N ALA B 278 15.08 -8.54 33.81
CA ALA B 278 14.47 -9.34 34.89
C ALA B 278 14.19 -8.52 36.18
N ARG B 279 14.84 -7.36 36.31
CA ARG B 279 14.65 -6.49 37.49
C ARG B 279 13.53 -5.47 37.32
N MET B 280 12.94 -5.40 36.13
CA MET B 280 12.02 -4.31 35.83
C MET B 280 11.05 -4.68 34.70
N ILE B 281 10.26 -3.70 34.26
CA ILE B 281 9.43 -3.85 33.05
C ILE B 281 10.25 -3.39 31.83
N ALA C 6 19.07 -23.22 13.73
CA ALA C 6 18.20 -23.45 14.94
C ALA C 6 18.00 -24.94 15.16
N ASP C 7 19.02 -25.60 15.71
CA ASP C 7 19.06 -27.05 15.83
C ASP C 7 19.06 -27.48 17.30
N PHE C 8 18.13 -28.38 17.65
CA PHE C 8 17.97 -28.81 19.04
C PHE C 8 18.31 -30.29 19.26
N GLU C 9 19.05 -30.88 18.32
CA GLU C 9 19.51 -32.27 18.45
C GLU C 9 20.18 -32.48 19.78
N GLY C 10 19.81 -33.55 20.47
CA GLY C 10 20.38 -33.84 21.79
C GLY C 10 19.64 -33.22 22.97
N LYS C 11 18.68 -32.34 22.66
CA LYS C 11 17.88 -31.67 23.70
C LYS C 11 16.52 -32.30 23.85
N THR C 12 15.97 -32.16 25.05
CA THR C 12 14.62 -32.59 25.34
C THR C 12 13.79 -31.41 25.85
N ALA C 13 12.58 -31.30 25.31
CA ALA C 13 11.69 -30.21 25.64
C ALA C 13 10.43 -30.77 26.28
N LEU C 14 10.01 -30.15 27.38
CA LEU C 14 8.70 -30.39 27.98
C LEU C 14 7.71 -29.29 27.56
N ILE C 15 6.55 -29.72 27.08
CA ILE C 15 5.44 -28.81 26.79
C ILE C 15 4.16 -29.24 27.56
N THR C 16 3.72 -28.39 28.50
CA THR C 16 2.44 -28.58 29.18
C THR C 16 1.31 -28.05 28.31
N GLY C 17 0.12 -28.61 28.47
CA GLY C 17 -0.97 -28.34 27.52
C GLY C 17 -0.60 -28.67 26.08
N GLY C 18 0.27 -29.66 25.91
CA GLY C 18 0.70 -30.09 24.60
C GLY C 18 -0.30 -30.86 23.72
N ALA C 19 -1.58 -30.97 24.12
CA ALA C 19 -2.53 -31.83 23.37
C ALA C 19 -3.09 -31.26 22.08
N ARG C 20 -3.08 -29.93 21.94
CA ARG C 20 -3.72 -29.25 20.80
C ARG C 20 -3.26 -27.79 20.82
N GLY C 21 -3.70 -27.00 19.85
CA GLY C 21 -3.47 -25.52 19.89
C GLY C 21 -1.99 -25.14 19.86
N MET C 22 -1.58 -24.20 20.72
CA MET C 22 -0.18 -23.72 20.74
C MET C 22 0.84 -24.74 21.27
N GLY C 23 0.46 -25.50 22.29
CA GLY C 23 1.34 -26.54 22.83
C GLY C 23 1.75 -27.53 21.76
N ARG C 24 0.74 -27.95 21.00
CA ARG C 24 0.99 -28.86 19.92
C ARG C 24 1.87 -28.16 18.88
N SER C 25 1.56 -26.90 18.59
CA SER C 25 2.42 -26.16 17.64
C SER C 25 3.87 -26.13 18.11
N HIS C 26 4.10 -25.77 19.37
CA HIS C 26 5.44 -25.78 19.97
C HIS C 26 6.08 -27.16 19.96
N ALA C 27 5.33 -28.18 20.36
CA ALA C 27 5.88 -29.53 20.43
C ALA C 27 6.34 -30.03 19.06
N VAL C 28 5.51 -29.84 18.03
CA VAL C 28 5.87 -30.34 16.70
C VAL C 28 7.10 -29.58 16.13
N ALA C 29 7.16 -28.27 16.35
CA ALA C 29 8.24 -27.44 15.84
C ALA C 29 9.56 -27.71 16.54
N LEU C 30 9.49 -28.00 17.84
CA LEU C 30 10.70 -28.34 18.57
C LEU C 30 11.27 -29.71 18.14
N ALA C 31 10.35 -30.61 17.79
CA ALA C 31 10.65 -31.96 17.30
C ALA C 31 11.24 -31.93 15.88
N GLU C 32 10.64 -31.12 15.00
CA GLU C 32 11.20 -30.83 13.68
C GLU C 32 12.65 -30.31 13.76
N ALA C 33 12.95 -29.48 14.75
CA ALA C 33 14.28 -28.88 14.86
C ALA C 33 15.26 -29.77 15.62
N GLY C 34 14.82 -30.97 16.00
CA GLY C 34 15.68 -32.02 16.53
C GLY C 34 15.49 -32.41 17.99
N ALA C 35 14.58 -31.74 18.69
CA ALA C 35 14.38 -32.03 20.12
C ALA C 35 13.51 -33.28 20.36
N ASP C 36 13.89 -34.12 21.34
CA ASP C 36 12.95 -35.12 21.88
C ASP C 36 11.93 -34.38 22.77
N ILE C 37 10.75 -34.98 22.97
CA ILE C 37 9.60 -34.24 23.48
C ILE C 37 8.90 -34.99 24.61
N ALA C 38 8.58 -34.26 25.69
CA ALA C 38 7.69 -34.79 26.71
C ALA C 38 6.45 -33.86 26.69
N ILE C 39 5.27 -34.41 26.47
CA ILE C 39 4.05 -33.58 26.41
C ILE C 39 3.00 -34.09 27.40
N CYS C 40 2.35 -33.16 28.08
CA CYS C 40 1.31 -33.57 29.00
C CYS C 40 0.16 -32.59 28.88
N ASP C 41 -1.01 -33.07 29.27
CA ASP C 41 -2.23 -32.30 29.20
C ASP C 41 -3.19 -32.93 30.16
N ARG C 42 -4.08 -32.15 30.74
CA ARG C 42 -5.07 -32.73 31.63
C ARG C 42 -6.14 -33.52 30.87
N CYS C 43 -6.35 -33.23 29.58
CA CYS C 43 -7.19 -34.09 28.71
C CYS C 43 -8.60 -34.28 29.25
N GLU C 44 -9.21 -33.22 29.76
CA GLU C 44 -10.43 -33.38 30.55
C GLU C 44 -11.06 -32.00 30.66
N ASN C 45 -12.37 -31.91 30.48
CA ASN C 45 -13.02 -30.61 30.61
C ASN C 45 -13.00 -30.11 32.04
N SER C 46 -13.23 -28.81 32.22
CA SER C 46 -13.38 -28.27 33.54
C SER C 46 -14.75 -27.62 33.67
N ASP C 47 -15.38 -27.82 34.83
CA ASP C 47 -16.72 -27.29 35.07
C ASP C 47 -16.83 -25.76 35.01
N VAL C 48 -15.73 -25.06 35.27
CA VAL C 48 -15.75 -23.59 35.28
C VAL C 48 -15.21 -22.94 34.02
N VAL C 49 -14.98 -23.73 32.99
CA VAL C 49 -14.56 -23.25 31.68
C VAL C 49 -15.64 -23.63 30.68
N GLY C 50 -16.17 -22.64 29.96
CA GLY C 50 -17.37 -22.85 29.13
C GLY C 50 -17.15 -23.53 27.77
N TYR C 51 -15.90 -23.63 27.34
CA TYR C 51 -15.53 -24.33 26.09
C TYR C 51 -14.80 -25.67 26.40
N PRO C 52 -14.89 -26.66 25.48
CA PRO C 52 -14.21 -27.94 25.75
C PRO C 52 -12.69 -27.87 25.76
N LEU C 53 -12.09 -28.65 26.65
CA LEU C 53 -10.61 -28.76 26.73
C LEU C 53 -10.15 -29.99 25.95
N ALA C 54 -8.88 -30.35 26.04
CA ALA C 54 -8.36 -31.43 25.21
C ALA C 54 -8.95 -32.81 25.55
N THR C 55 -8.84 -33.73 24.61
CA THR C 55 -9.22 -35.13 24.84
C THR C 55 -7.93 -35.99 24.80
N ALA C 56 -8.02 -37.23 25.26
CA ALA C 56 -6.91 -38.16 25.19
C ALA C 56 -6.50 -38.42 23.72
N ASP C 57 -7.47 -38.45 22.81
CA ASP C 57 -7.22 -38.54 21.36
C ASP C 57 -6.37 -37.36 20.86
N ASP C 58 -6.68 -36.16 21.35
CA ASP C 58 -5.88 -34.97 21.03
C ASP C 58 -4.42 -35.23 21.39
N LEU C 59 -4.18 -35.69 22.60
CA LEU C 59 -2.83 -35.92 23.06
C LEU C 59 -2.13 -36.99 22.22
N ALA C 60 -2.86 -38.04 21.84
CA ALA C 60 -2.28 -39.14 21.05
C ALA C 60 -1.95 -38.66 19.63
N GLU C 61 -2.77 -37.79 19.07
CA GLU C 61 -2.43 -37.10 17.81
C GLU C 61 -1.08 -36.39 17.91
N THR C 62 -0.87 -35.60 18.96
CA THR C 62 0.38 -34.82 19.06
C THR C 62 1.58 -35.76 19.20
N VAL C 63 1.44 -36.85 19.95
CA VAL C 63 2.48 -37.89 20.08
C VAL C 63 2.83 -38.42 18.71
N ALA C 64 1.81 -38.76 17.94
CA ALA C 64 2.00 -39.27 16.59
C ALA C 64 2.67 -38.23 15.67
N LEU C 65 2.27 -36.97 15.78
CA LEU C 65 2.82 -35.90 14.95
C LEU C 65 4.32 -35.67 15.28
N VAL C 66 4.65 -35.66 16.58
CA VAL C 66 6.04 -35.62 17.03
C VAL C 66 6.85 -36.84 16.53
N GLU C 67 6.30 -38.04 16.65
CA GLU C 67 7.08 -39.23 16.32
C GLU C 67 7.35 -39.33 14.84
N LYS C 68 6.45 -38.78 14.03
CA LYS C 68 6.62 -38.77 12.58
C LYS C 68 7.91 -38.00 12.18
N THR C 69 8.33 -37.03 12.99
CA THR C 69 9.53 -36.25 12.67
C THR C 69 10.80 -37.07 12.91
N GLY C 70 10.70 -38.15 13.67
CA GLY C 70 11.84 -39.04 13.89
C GLY C 70 12.22 -39.04 15.35
N ARG C 71 11.64 -38.09 16.09
CA ARG C 71 11.96 -37.91 17.49
C ARG C 71 11.31 -38.92 18.45
N ARG C 72 11.88 -39.06 19.65
CA ARG C 72 11.21 -39.82 20.68
C ARG C 72 10.23 -38.92 21.43
N CYS C 73 9.15 -39.52 21.89
CA CYS C 73 8.11 -38.77 22.59
C CYS C 73 7.58 -39.56 23.79
N ILE C 74 7.36 -38.88 24.92
CA ILE C 74 6.59 -39.47 26.01
C ILE C 74 5.42 -38.51 26.33
N SER C 75 4.30 -39.07 26.75
CA SER C 75 3.13 -38.28 27.06
C SER C 75 2.51 -38.81 28.35
N ALA C 76 1.71 -37.97 29.00
CA ALA C 76 1.01 -38.41 30.20
C ALA C 76 -0.15 -37.49 30.45
N LYS C 77 -1.19 -38.01 31.12
CA LYS C 77 -2.27 -37.16 31.59
C LYS C 77 -1.80 -36.53 32.89
N VAL C 78 -1.65 -35.21 32.88
CA VAL C 78 -1.17 -34.45 34.06
C VAL C 78 -1.91 -33.14 34.15
N ASP C 79 -2.47 -32.87 35.33
CA ASP C 79 -2.99 -31.56 35.69
C ASP C 79 -1.84 -30.75 36.30
N VAL C 80 -1.45 -29.65 35.64
CA VAL C 80 -0.37 -28.79 36.16
C VAL C 80 -0.57 -28.18 37.54
N LYS C 81 -1.79 -28.18 38.07
CA LYS C 81 -2.00 -27.78 39.45
C LYS C 81 -1.47 -28.85 40.44
N ASP C 82 -1.15 -30.03 39.94
CA ASP C 82 -0.66 -31.11 40.79
C ASP C 82 0.85 -31.20 40.64
N ARG C 83 1.55 -30.54 41.55
CA ARG C 83 3.00 -30.44 41.51
C ARG C 83 3.63 -31.83 41.50
N ALA C 84 3.13 -32.73 42.34
CA ALA C 84 3.74 -34.05 42.45
C ALA C 84 3.59 -34.85 41.15
N ALA C 85 2.45 -34.69 40.48
CA ALA C 85 2.22 -35.33 39.18
C ALA C 85 3.21 -34.82 38.12
N LEU C 86 3.49 -33.52 38.15
CA LEU C 86 4.46 -32.95 37.21
C LEU C 86 5.84 -33.51 37.48
N GLU C 87 6.20 -33.56 38.76
CA GLU C 87 7.52 -34.04 39.17
C GLU C 87 7.71 -35.51 38.77
N SER C 88 6.68 -36.32 39.01
CA SER C 88 6.65 -37.67 38.48
C SER C 88 6.86 -37.74 36.94
N PHE C 89 6.18 -36.88 36.17
CA PHE C 89 6.37 -36.88 34.71
C PHE C 89 7.79 -36.42 34.32
N VAL C 90 8.33 -35.45 35.07
CA VAL C 90 9.72 -35.04 34.89
C VAL C 90 10.69 -36.21 35.13
N ALA C 91 10.44 -36.99 36.18
CA ALA C 91 11.26 -38.15 36.49
C ALA C 91 11.22 -39.21 35.36
N GLU C 92 10.05 -39.44 34.78
CA GLU C 92 9.96 -40.29 33.61
C GLU C 92 10.79 -39.72 32.43
N ALA C 93 10.77 -38.39 32.26
CA ALA C 93 11.61 -37.72 31.24
C ALA C 93 13.12 -37.85 31.48
N GLU C 94 13.55 -37.80 32.74
CA GLU C 94 14.95 -38.07 33.05
C GLU C 94 15.29 -39.52 32.69
N ASP C 95 14.47 -40.48 33.12
CA ASP C 95 14.76 -41.90 32.89
C ASP C 95 14.80 -42.31 31.40
N THR C 96 13.79 -41.89 30.65
CA THR C 96 13.61 -42.26 29.23
C THR C 96 14.37 -41.36 28.24
N LEU C 97 14.26 -40.03 28.42
CA LEU C 97 14.79 -39.08 27.42
C LEU C 97 16.08 -38.31 27.78
N GLY C 98 16.66 -38.56 28.95
CA GLY C 98 17.92 -37.90 29.33
C GLY C 98 17.76 -36.58 30.09
N GLY C 99 16.53 -36.21 30.41
CA GLY C 99 16.32 -35.03 31.23
C GLY C 99 15.88 -33.84 30.40
N ILE C 100 15.05 -33.00 30.99
CA ILE C 100 14.43 -31.89 30.29
C ILE C 100 15.39 -30.69 30.25
N ASP C 101 15.79 -30.29 29.05
CA ASP C 101 16.59 -29.07 28.84
C ASP C 101 15.74 -27.83 28.55
N ILE C 102 14.55 -28.04 28.01
CA ILE C 102 13.69 -26.95 27.54
C ILE C 102 12.29 -27.14 28.14
N ALA C 103 11.70 -26.09 28.70
CA ALA C 103 10.33 -26.20 29.19
C ALA C 103 9.44 -25.02 28.83
N ILE C 104 8.25 -25.32 28.32
CA ILE C 104 7.29 -24.32 27.87
C ILE C 104 6.01 -24.51 28.68
N THR C 105 5.72 -23.54 29.53
CA THR C 105 4.68 -23.69 30.54
C THR C 105 3.41 -23.23 29.90
N ASN C 106 2.96 -24.03 28.94
CA ASN C 106 1.91 -23.56 28.02
C ASN C 106 0.49 -23.80 28.52
N ALA C 107 0.33 -24.81 29.39
CA ALA C 107 -1.00 -25.17 29.90
C ALA C 107 -1.74 -23.96 30.44
N GLY C 108 -2.98 -23.77 30.04
CA GLY C 108 -3.73 -22.61 30.53
C GLY C 108 -5.17 -22.57 30.10
N ILE C 109 -5.94 -21.75 30.78
CA ILE C 109 -7.39 -21.64 30.49
C ILE C 109 -7.82 -20.19 30.55
N SER C 110 -8.93 -19.92 29.87
CA SER C 110 -9.51 -18.60 29.80
C SER C 110 -10.95 -18.67 30.31
N THR C 111 -11.39 -17.61 31.00
CA THR C 111 -12.75 -17.49 31.47
C THR C 111 -13.22 -16.04 31.26
N ILE C 112 -14.52 -15.81 31.37
CA ILE C 112 -15.15 -14.48 31.24
C ILE C 112 -16.18 -14.34 32.35
N ALA C 113 -16.02 -13.35 33.20
CA ALA C 113 -17.01 -13.04 34.24
C ALA C 113 -16.61 -11.76 34.93
N LEU C 114 -17.63 -10.92 35.10
CA LEU C 114 -17.51 -9.61 35.71
C LEU C 114 -17.45 -9.73 37.23
N LEU C 115 -16.61 -8.91 37.86
CA LEU C 115 -16.72 -8.67 39.31
C LEU C 115 -17.96 -7.82 39.56
N PRO C 116 -18.65 -8.06 40.69
CA PRO C 116 -18.32 -9.00 41.75
C PRO C 116 -18.90 -10.42 41.62
N GLU C 117 -19.52 -10.76 40.50
CA GLU C 117 -20.07 -12.12 40.36
C GLU C 117 -19.05 -13.14 39.81
N VAL C 118 -17.78 -13.00 40.16
CA VAL C 118 -16.83 -14.07 39.82
C VAL C 118 -16.88 -15.13 40.91
N GLU C 119 -17.20 -16.37 40.50
CA GLU C 119 -17.21 -17.51 41.40
C GLU C 119 -15.80 -17.83 41.89
N SER C 120 -15.64 -18.04 43.19
CA SER C 120 -14.38 -18.47 43.77
C SER C 120 -13.82 -19.72 43.08
N ALA C 121 -14.71 -20.67 42.73
CA ALA C 121 -14.24 -21.91 42.12
C ALA C 121 -13.63 -21.60 40.76
N GLN C 122 -14.15 -20.58 40.08
CA GLN C 122 -13.59 -20.18 38.80
C GLN C 122 -12.26 -19.41 38.98
N TRP C 123 -12.26 -18.44 39.89
CA TRP C 123 -11.02 -17.77 40.26
C TRP C 123 -9.94 -18.81 40.67
N ASP C 124 -10.30 -19.77 41.53
CA ASP C 124 -9.32 -20.78 41.96
C ASP C 124 -8.74 -21.58 40.82
N GLU C 125 -9.59 -21.98 39.87
CA GLU C 125 -9.13 -22.84 38.77
C GLU C 125 -8.21 -22.11 37.78
N VAL C 126 -8.49 -20.83 37.54
CA VAL C 126 -7.73 -20.02 36.60
C VAL C 126 -6.36 -19.65 37.19
N ILE C 127 -6.37 -19.15 38.43
CA ILE C 127 -5.12 -18.88 39.15
C ILE C 127 -4.30 -20.17 39.36
N GLY C 128 -4.98 -21.28 39.57
CA GLY C 128 -4.33 -22.56 39.83
C GLY C 128 -3.64 -23.05 38.58
N THR C 129 -4.35 -23.07 37.47
CA THR C 129 -3.81 -23.63 36.23
C THR C 129 -2.81 -22.68 35.64
N ASN C 130 -3.20 -21.41 35.51
CA ASN C 130 -2.37 -20.44 34.76
C ASN C 130 -1.16 -19.92 35.56
N LEU C 131 -1.37 -19.61 36.84
CA LEU C 131 -0.29 -19.04 37.67
C LEU C 131 0.46 -20.14 38.44
N THR C 132 -0.23 -20.81 39.37
CA THR C 132 0.38 -21.91 40.13
C THR C 132 0.90 -23.05 39.27
N GLY C 133 0.16 -23.38 38.20
CA GLY C 133 0.61 -24.40 37.26
C GLY C 133 1.95 -24.09 36.59
N THR C 134 2.15 -22.80 36.29
CA THR C 134 3.44 -22.32 35.76
C THR C 134 4.53 -22.44 36.83
N PHE C 135 4.24 -21.94 38.04
CA PHE C 135 5.13 -22.19 39.17
C PHE C 135 5.52 -23.68 39.38
N ASN C 136 4.55 -24.59 39.32
CA ASN C 136 4.77 -26.01 39.54
C ASN C 136 5.65 -26.58 38.44
N THR C 137 5.47 -26.08 37.23
CA THR C 137 6.26 -26.57 36.11
C THR C 137 7.73 -26.08 36.26
N ILE C 138 7.94 -24.82 36.61
CA ILE C 138 9.31 -24.32 36.77
C ILE C 138 9.98 -25.09 37.93
N ALA C 139 9.30 -25.23 39.06
CA ALA C 139 9.86 -25.93 40.23
C ALA C 139 10.18 -27.42 39.92
N ALA C 140 9.33 -28.07 39.13
CA ALA C 140 9.52 -29.46 38.72
C ALA C 140 10.74 -29.65 37.79
N VAL C 141 10.94 -28.72 36.86
CA VAL C 141 12.00 -28.89 35.85
C VAL C 141 13.33 -28.28 36.28
N ALA C 142 13.29 -27.33 37.22
CA ALA C 142 14.51 -26.61 37.60
C ALA C 142 15.67 -27.47 38.12
N PRO C 143 15.42 -28.41 39.06
CA PRO C 143 16.52 -29.22 39.63
C PRO C 143 17.38 -29.97 38.61
N GLY C 144 16.75 -30.54 37.58
CA GLY C 144 17.48 -31.19 36.50
C GLY C 144 18.31 -30.19 35.69
N MET C 145 17.73 -29.02 35.44
CA MET C 145 18.43 -27.98 34.69
C MET C 145 19.64 -27.44 35.46
N ILE C 146 19.52 -27.33 36.79
CA ILE C 146 20.64 -26.91 37.65
C ILE C 146 21.76 -27.97 37.63
N LYS C 147 21.37 -29.24 37.68
CA LYS C 147 22.31 -30.38 37.73
C LYS C 147 23.20 -30.45 36.47
N ARG C 148 22.63 -30.01 35.34
CA ARG C 148 23.30 -30.06 34.04
C ARG C 148 23.77 -28.67 33.62
N ASN C 149 23.50 -27.68 34.47
CA ASN C 149 23.90 -26.29 34.23
C ASN C 149 23.43 -25.77 32.88
N TYR C 150 22.20 -26.14 32.53
CA TYR C 150 21.61 -25.69 31.27
C TYR C 150 20.09 -25.74 31.31
N GLY C 151 19.47 -24.65 30.88
CA GLY C 151 18.03 -24.58 30.76
C GLY C 151 17.48 -23.42 29.94
N ARG C 152 16.39 -23.68 29.22
CA ARG C 152 15.61 -22.66 28.56
C ARG C 152 14.14 -22.84 28.94
N ILE C 153 13.63 -21.90 29.73
CA ILE C 153 12.25 -21.94 30.14
C ILE C 153 11.49 -20.76 29.51
N VAL C 154 10.41 -21.09 28.80
CA VAL C 154 9.50 -20.10 28.26
C VAL C 154 8.13 -20.24 28.89
N THR C 155 7.68 -19.17 29.55
CA THR C 155 6.34 -19.12 30.13
C THR C 155 5.40 -18.47 29.13
N VAL C 156 4.10 -18.60 29.36
CA VAL C 156 3.11 -18.02 28.45
C VAL C 156 2.24 -17.08 29.24
N SER C 157 2.38 -15.79 28.95
CA SER C 157 1.53 -14.78 29.56
C SER C 157 0.52 -14.45 28.50
N SER C 158 0.33 -13.18 28.18
CA SER C 158 -0.74 -12.76 27.30
C SER C 158 -0.63 -11.25 27.08
N MET C 159 -1.26 -10.77 26.02
CA MET C 159 -1.41 -9.32 25.81
C MET C 159 -2.10 -8.71 27.05
N LEU C 160 -2.94 -9.54 27.67
CA LEU C 160 -3.62 -9.19 28.92
C LEU C 160 -2.78 -9.35 30.20
N GLY C 161 -1.64 -10.01 30.12
CA GLY C 161 -0.67 -9.94 31.20
C GLY C 161 0.07 -8.62 31.34
N HIS C 162 -0.05 -7.72 30.34
CA HIS C 162 0.44 -6.35 30.56
C HIS C 162 -0.55 -5.24 30.18
N SER C 163 -1.84 -5.57 30.26
CA SER C 163 -2.94 -4.66 30.05
C SER C 163 -4.10 -5.12 30.95
N ALA C 164 -5.31 -4.64 30.69
CA ALA C 164 -6.50 -5.17 31.37
C ALA C 164 -7.72 -4.90 30.49
N ASN C 165 -8.82 -5.61 30.79
CA ASN C 165 -10.09 -5.48 30.05
C ASN C 165 -11.27 -5.75 31.01
N PHE C 166 -12.50 -5.68 30.49
CA PHE C 166 -13.72 -6.02 31.22
C PHE C 166 -13.91 -7.52 31.37
N ALA C 167 -14.46 -7.92 32.52
CA ALA C 167 -14.86 -9.30 32.80
C ALA C 167 -13.70 -10.31 32.71
N GLN C 168 -12.52 -9.89 33.15
CA GLN C 168 -11.35 -10.74 33.05
C GLN C 168 -10.45 -10.76 34.29
N ALA C 169 -11.01 -10.45 35.46
CA ALA C 169 -10.20 -10.40 36.67
C ALA C 169 -9.29 -11.62 36.85
N SER C 170 -9.85 -12.84 36.71
CA SER C 170 -9.12 -14.08 37.01
CA SER C 170 -9.09 -14.03 37.04
C SER C 170 -7.98 -14.25 36.03
N TYR C 171 -8.31 -14.21 34.74
CA TYR C 171 -7.37 -14.39 33.64
C TYR C 171 -6.28 -13.34 33.73
N VAL C 172 -6.68 -12.08 33.86
CA VAL C 172 -5.68 -11.01 33.79
C VAL C 172 -4.75 -11.07 34.98
N SER C 173 -5.29 -11.37 36.14
CA SER C 173 -4.48 -11.48 37.37
C SER C 173 -3.40 -12.59 37.26
N SER C 174 -3.77 -13.72 36.69
CA SER C 174 -2.88 -14.88 36.57
C SER C 174 -1.77 -14.54 35.60
N LYS C 175 -2.11 -13.83 34.53
CA LYS C 175 -1.14 -13.53 33.47
C LYS C 175 -0.16 -12.44 33.87
N TRP C 176 -0.64 -11.47 34.63
CA TRP C 176 0.26 -10.55 35.31
C TRP C 176 1.18 -11.27 36.26
N GLY C 177 0.67 -12.23 37.05
CA GLY C 177 1.50 -12.95 38.01
C GLY C 177 2.59 -13.75 37.30
N VAL C 178 2.26 -14.28 36.13
CA VAL C 178 3.19 -15.10 35.35
C VAL C 178 4.38 -14.27 34.95
N ILE C 179 4.16 -13.01 34.62
CA ILE C 179 5.29 -12.16 34.24
C ILE C 179 6.22 -11.89 35.42
N GLY C 180 5.64 -11.60 36.60
CA GLY C 180 6.45 -11.47 37.82
C GLY C 180 7.18 -12.77 38.12
N LEU C 181 6.49 -13.91 37.96
CA LEU C 181 7.12 -15.20 38.25
C LEU C 181 8.28 -15.43 37.32
N THR C 182 8.08 -15.06 36.06
CA THR C 182 9.14 -15.22 35.03
C THR C 182 10.43 -14.52 35.46
N LYS C 183 10.27 -13.30 35.94
CA LYS C 183 11.41 -12.47 36.26
C LYS C 183 12.10 -12.92 37.54
N CYS C 184 11.28 -13.41 38.49
CA CYS C 184 11.78 -14.17 39.67
C CYS C 184 12.55 -15.45 39.36
N ALA C 185 11.96 -16.30 38.51
CA ALA C 185 12.67 -17.49 38.09
C ALA C 185 13.96 -17.15 37.36
N ALA C 186 13.94 -16.09 36.55
CA ALA C 186 15.16 -15.60 35.89
C ALA C 186 16.26 -15.29 36.91
N HIS C 187 15.87 -14.69 38.05
CA HIS C 187 16.82 -14.44 39.18
C HIS C 187 17.37 -15.69 39.83
N ASP C 188 16.47 -16.55 40.31
CA ASP C 188 16.89 -17.68 41.14
C ASP C 188 17.77 -18.66 40.37
N LEU C 189 17.55 -18.73 39.06
CA LEU C 189 18.18 -19.75 38.20
C LEU C 189 19.34 -19.16 37.39
N VAL C 190 19.61 -17.87 37.59
CA VAL C 190 20.59 -17.14 36.77
C VAL C 190 22.01 -17.75 36.79
N GLY C 191 22.45 -18.24 37.94
CA GLY C 191 23.82 -18.76 38.07
C GLY C 191 24.06 -20.13 37.45
N TYR C 192 22.99 -20.74 36.94
CA TYR C 192 23.03 -22.14 36.54
C TYR C 192 22.84 -22.40 35.04
N GLY C 193 23.09 -21.39 34.20
CA GLY C 193 22.97 -21.60 32.76
C GLY C 193 21.52 -21.70 32.27
N ILE C 194 20.60 -21.12 33.04
CA ILE C 194 19.19 -21.20 32.73
C ILE C 194 18.67 -19.80 32.47
N THR C 195 17.85 -19.68 31.45
CA THR C 195 17.11 -18.45 31.19
C THR C 195 15.62 -18.70 31.32
N VAL C 196 14.88 -17.64 31.66
CA VAL C 196 13.44 -17.71 31.80
C VAL C 196 12.85 -16.47 31.14
N ASN C 197 12.01 -16.66 30.12
CA ASN C 197 11.37 -15.57 29.42
C ASN C 197 9.94 -15.92 29.19
N ALA C 198 9.12 -14.91 28.91
CA ALA C 198 7.72 -15.10 28.64
C ALA C 198 7.44 -14.71 27.21
N VAL C 199 6.50 -15.41 26.57
CA VAL C 199 5.86 -14.87 25.36
C VAL C 199 4.50 -14.30 25.79
N ALA C 200 4.03 -13.25 25.12
CA ALA C 200 2.75 -12.65 25.45
C ALA C 200 1.92 -12.53 24.17
N PRO C 201 1.20 -13.61 23.80
CA PRO C 201 0.43 -13.59 22.54
C PRO C 201 -0.80 -12.68 22.57
N GLY C 202 -1.21 -12.18 21.41
CA GLY C 202 -2.51 -11.52 21.21
C GLY C 202 -3.61 -12.54 20.93
N ASN C 203 -4.52 -12.27 20.00
CA ASN C 203 -5.56 -13.24 19.71
C ASN C 203 -5.01 -14.31 18.79
N ILE C 204 -5.03 -15.55 19.26
CA ILE C 204 -4.47 -16.66 18.53
C ILE C 204 -5.61 -17.62 18.15
N GLU C 205 -5.60 -18.06 16.90
CA GLU C 205 -6.58 -19.04 16.39
C GLU C 205 -6.24 -20.45 16.96
N THR C 206 -6.94 -20.80 18.04
CA THR C 206 -6.85 -22.11 18.73
C THR C 206 -8.23 -22.46 19.24
N PRO C 207 -8.44 -23.70 19.74
CA PRO C 207 -9.72 -24.03 20.37
C PRO C 207 -10.09 -23.23 21.64
N MET C 208 -9.20 -22.37 22.11
CA MET C 208 -9.50 -21.50 23.26
C MET C 208 -10.39 -20.32 22.86
N THR C 209 -10.19 -19.87 21.62
CA THR C 209 -10.92 -18.74 21.07
C THR C 209 -11.96 -19.17 20.03
N HIS C 210 -11.65 -20.23 19.26
CA HIS C 210 -12.53 -20.72 18.17
C HIS C 210 -13.49 -21.81 18.66
N ASN C 211 -14.54 -21.39 19.36
CA ASN C 211 -15.58 -22.27 19.92
C ASN C 211 -16.91 -21.53 20.14
N ASP C 212 -17.98 -22.30 20.31
CA ASP C 212 -19.34 -21.77 20.48
C ASP C 212 -19.47 -20.82 21.67
N PHE C 213 -18.85 -21.17 22.79
CA PHE C 213 -18.97 -20.39 24.01
C PHE C 213 -18.42 -18.96 23.87
N VAL C 214 -17.25 -18.85 23.26
CA VAL C 214 -16.54 -17.57 23.19
C VAL C 214 -17.22 -16.66 22.19
N PHE C 215 -17.51 -17.21 21.01
CA PHE C 215 -18.28 -16.53 19.96
C PHE C 215 -19.61 -16.00 20.53
N GLY C 216 -20.16 -16.71 21.51
CA GLY C 216 -21.31 -16.23 22.28
C GLY C 216 -20.93 -15.08 23.20
N LYS C 224 -26.34 -18.05 13.17
CA LYS C 224 -26.04 -17.80 14.58
C LYS C 224 -24.52 -17.68 14.77
N PRO C 225 -24.07 -16.86 15.74
CA PRO C 225 -22.69 -16.35 15.91
C PRO C 225 -21.57 -17.12 15.19
N THR C 226 -21.25 -16.67 13.96
CA THR C 226 -20.19 -17.28 13.16
C THR C 226 -18.88 -16.52 13.35
N LEU C 227 -17.85 -16.95 12.62
CA LEU C 227 -16.53 -16.36 12.71
C LEU C 227 -16.58 -14.94 12.16
N LYS C 228 -17.14 -14.79 10.96
CA LYS C 228 -17.26 -13.49 10.28
C LYS C 228 -18.07 -12.48 11.09
N ASP C 229 -18.87 -12.99 12.04
CA ASP C 229 -19.63 -12.17 12.99
C ASP C 229 -18.79 -11.63 14.17
N VAL C 230 -17.73 -12.35 14.54
CA VAL C 230 -16.92 -11.96 15.71
C VAL C 230 -15.59 -11.31 15.33
N GLU C 231 -15.22 -11.41 14.06
CA GLU C 231 -13.94 -10.95 13.55
C GLU C 231 -13.62 -9.49 13.85
N SER C 232 -14.60 -8.59 13.65
CA SER C 232 -14.34 -7.18 13.91
C SER C 232 -14.13 -6.89 15.40
N VAL C 233 -14.80 -7.64 16.29
CA VAL C 233 -14.59 -7.47 17.74
C VAL C 233 -13.20 -7.95 18.21
N PHE C 234 -12.76 -9.09 17.68
CA PHE C 234 -11.41 -9.58 17.95
C PHE C 234 -10.33 -8.66 17.34
N ALA C 235 -10.59 -8.14 16.13
CA ALA C 235 -9.69 -7.19 15.45
C ALA C 235 -9.42 -5.87 16.20
N SER C 236 -10.41 -5.42 16.98
CA SER C 236 -10.31 -4.18 17.75
CA SER C 236 -10.29 -4.17 17.73
C SER C 236 -9.27 -4.27 18.87
N LEU C 237 -8.87 -5.50 19.20
CA LEU C 237 -7.87 -5.71 20.26
C LEU C 237 -6.46 -5.67 19.69
N HIS C 238 -6.36 -5.78 18.38
CA HIS C 238 -5.11 -5.71 17.66
C HIS C 238 -5.00 -4.34 16.97
N LEU C 239 -3.79 -3.92 16.59
CA LEU C 239 -3.66 -2.67 15.81
C LEU C 239 -3.78 -2.93 14.33
N GLN C 240 -3.10 -3.98 13.86
CA GLN C 240 -3.21 -4.49 12.49
C GLN C 240 -4.61 -5.08 12.34
N TYR C 241 -5.16 -5.06 11.12
CA TYR C 241 -6.52 -5.61 10.92
C TYR C 241 -6.63 -7.14 10.79
N ALA C 242 -5.79 -7.88 11.50
CA ALA C 242 -5.86 -9.36 11.57
C ALA C 242 -6.54 -9.81 12.88
N PRO C 243 -7.78 -10.35 12.79
CA PRO C 243 -8.48 -10.81 13.99
C PRO C 243 -7.72 -11.89 14.78
N PHE C 244 -7.15 -12.88 14.10
CA PHE C 244 -6.35 -13.91 14.80
C PHE C 244 -5.03 -14.18 14.07
N LEU C 245 -4.01 -14.58 14.83
CA LEU C 245 -2.73 -14.97 14.27
C LEU C 245 -2.63 -16.48 14.36
N LYS C 246 -1.73 -17.09 13.58
CA LYS C 246 -1.57 -18.55 13.64
C LYS C 246 -0.72 -18.92 14.84
N PRO C 247 -0.94 -20.09 15.46
CA PRO C 247 -0.09 -20.58 16.55
C PRO C 247 1.40 -20.54 16.19
N GLU C 248 1.68 -20.75 14.92
CA GLU C 248 3.05 -20.84 14.50
C GLU C 248 3.74 -19.47 14.68
N GLU C 249 2.96 -18.40 14.68
CA GLU C 249 3.58 -17.06 14.83
C GLU C 249 4.13 -16.87 16.27
N VAL C 250 3.50 -17.58 17.21
CA VAL C 250 3.93 -17.60 18.60
C VAL C 250 5.08 -18.59 18.72
N THR C 251 4.93 -19.73 18.09
CA THR C 251 5.96 -20.77 18.12
C THR C 251 7.36 -20.29 17.71
N ARG C 252 7.46 -19.45 16.67
CA ARG C 252 8.79 -19.06 16.19
C ARG C 252 9.47 -18.11 17.19
N ALA C 253 8.66 -17.37 17.95
CA ALA C 253 9.19 -16.55 19.03
C ALA C 253 9.67 -17.45 20.16
N VAL C 254 8.92 -18.50 20.48
CA VAL C 254 9.42 -19.52 21.42
C VAL C 254 10.74 -20.14 20.94
N LEU C 255 10.83 -20.54 19.69
CA LEU C 255 12.11 -21.09 19.19
C LEU C 255 13.30 -20.11 19.30
N PHE C 256 13.03 -18.83 19.09
CA PHE C 256 14.05 -17.82 19.18
C PHE C 256 14.57 -17.78 20.62
N LEU C 257 13.64 -17.83 21.57
CA LEU C 257 14.00 -17.77 23.00
C LEU C 257 14.73 -19.00 23.51
N VAL C 258 14.34 -20.19 23.07
CA VAL C 258 14.90 -21.39 23.66
C VAL C 258 16.18 -21.86 22.95
N ASP C 259 16.55 -21.16 21.89
CA ASP C 259 17.82 -21.39 21.23
C ASP C 259 18.96 -21.28 22.24
N GLU C 260 19.97 -22.12 22.04
CA GLU C 260 21.19 -22.07 22.81
C GLU C 260 21.84 -20.68 22.79
N ALA C 261 21.76 -20.00 21.63
CA ALA C 261 22.36 -18.68 21.44
C ALA C 261 21.62 -17.55 22.18
N SER C 262 20.50 -17.83 22.81
CA SER C 262 19.78 -16.82 23.58
C SER C 262 20.19 -16.84 25.06
N SER C 263 21.39 -17.32 25.34
CA SER C 263 21.92 -17.44 26.71
C SER C 263 21.91 -16.13 27.50
N HIS C 264 21.92 -14.99 26.81
CA HIS C 264 21.95 -13.69 27.51
C HIS C 264 20.70 -12.89 27.36
N ILE C 265 19.62 -13.58 27.00
CA ILE C 265 18.30 -12.99 27.02
C ILE C 265 17.54 -13.72 28.13
N THR C 266 17.18 -13.00 29.19
CA THR C 266 16.46 -13.59 30.31
C THR C 266 15.63 -12.54 31.02
N GLY C 267 14.46 -12.96 31.51
CA GLY C 267 13.51 -12.09 32.21
C GLY C 267 12.67 -11.22 31.30
N THR C 268 12.73 -11.46 29.98
CA THR C 268 12.00 -10.57 29.05
C THR C 268 10.61 -11.12 28.72
N VAL C 269 9.80 -10.27 28.11
CA VAL C 269 8.45 -10.60 27.67
C VAL C 269 8.37 -10.25 26.20
N LEU C 270 8.20 -11.26 25.36
CA LEU C 270 8.13 -11.06 23.93
C LEU C 270 6.65 -11.08 23.46
N PRO C 271 6.11 -9.93 23.04
CA PRO C 271 4.76 -9.85 22.50
C PRO C 271 4.65 -10.34 21.04
N ILE C 272 3.58 -11.09 20.78
CA ILE C 272 3.19 -11.47 19.42
C ILE C 272 1.70 -11.16 19.39
N ASP C 273 1.39 -9.89 19.13
CA ASP C 273 0.05 -9.36 19.36
C ASP C 273 -0.44 -8.36 18.31
N ALA C 274 0.19 -8.42 17.12
CA ALA C 274 -0.32 -7.73 15.93
C ALA C 274 -0.46 -6.24 16.20
N GLY C 275 0.52 -5.71 16.94
CA GLY C 275 0.55 -4.28 17.24
C GLY C 275 -0.24 -3.81 18.47
N ALA C 276 -0.85 -4.73 19.23
CA ALA C 276 -1.55 -4.30 20.46
C ALA C 276 -0.55 -3.57 21.37
N THR C 277 0.69 -4.09 21.41
CA THR C 277 1.77 -3.53 22.21
C THR C 277 2.21 -2.14 21.73
N ALA C 278 1.92 -1.77 20.48
CA ALA C 278 2.21 -0.40 20.00
C ALA C 278 1.44 0.71 20.75
N ARG C 279 0.36 0.31 21.40
CA ARG C 279 -0.48 1.28 22.11
C ARG C 279 -0.05 1.44 23.58
N MET C 280 0.96 0.68 24.01
CA MET C 280 1.24 0.57 25.44
C MET C 280 2.63 0.01 25.71
N ILE C 281 2.91 -0.25 26.99
CA ILE C 281 4.19 -0.82 27.35
C ILE C 281 4.05 -2.34 27.44
N ASP D 7 -11.57 15.85 54.65
CA ASP D 7 -12.86 15.55 55.31
C ASP D 7 -13.43 14.25 54.75
N PHE D 8 -13.38 13.19 55.55
CA PHE D 8 -14.07 11.96 55.23
C PHE D 8 -15.28 11.76 56.16
N GLU D 9 -15.71 12.82 56.86
CA GLU D 9 -16.93 12.77 57.69
C GLU D 9 -18.11 12.16 56.93
N GLY D 10 -18.77 11.18 57.55
CA GLY D 10 -19.91 10.46 56.92
C GLY D 10 -19.54 9.30 56.02
N LYS D 11 -18.23 9.07 55.84
CA LYS D 11 -17.68 7.94 55.08
C LYS D 11 -17.31 6.79 56.02
N THR D 12 -17.46 5.55 55.54
CA THR D 12 -17.04 4.35 56.28
C THR D 12 -15.95 3.63 55.49
N ALA D 13 -14.84 3.30 56.15
CA ALA D 13 -13.71 2.63 55.51
C ALA D 13 -13.47 1.25 56.11
N LEU D 14 -13.30 0.27 55.22
CA LEU D 14 -12.90 -1.06 55.60
C LEU D 14 -11.43 -1.12 55.38
N ILE D 15 -10.71 -1.63 56.37
CA ILE D 15 -9.30 -1.90 56.21
C ILE D 15 -9.01 -3.33 56.68
N THR D 16 -8.51 -4.17 55.77
CA THR D 16 -8.08 -5.51 56.15
C THR D 16 -6.63 -5.42 56.63
N GLY D 17 -6.20 -6.32 57.51
CA GLY D 17 -4.86 -6.22 58.06
C GLY D 17 -4.72 -5.03 58.99
N GLY D 18 -5.84 -4.59 59.58
CA GLY D 18 -5.83 -3.38 60.38
C GLY D 18 -5.27 -3.48 61.79
N ALA D 19 -4.72 -4.63 62.17
CA ALA D 19 -4.30 -4.84 63.56
C ALA D 19 -3.00 -4.13 63.92
N ARG D 20 -2.18 -3.81 62.92
CA ARG D 20 -0.84 -3.20 63.17
C ARG D 20 -0.26 -2.63 61.87
N GLY D 21 0.95 -2.09 61.91
CA GLY D 21 1.69 -1.75 60.70
C GLY D 21 0.94 -0.67 59.90
N MET D 22 1.00 -0.79 58.58
CA MET D 22 0.33 0.16 57.72
C MET D 22 -1.17 0.19 57.86
N GLY D 23 -1.78 -0.98 58.09
CA GLY D 23 -3.23 -1.04 58.24
C GLY D 23 -3.70 -0.22 59.43
N ARG D 24 -3.00 -0.30 60.58
CA ARG D 24 -3.32 0.59 61.73
C ARG D 24 -3.11 2.07 61.32
N SER D 25 -2.05 2.33 60.58
CA SER D 25 -1.78 3.68 60.17
C SER D 25 -2.93 4.17 59.33
N HIS D 26 -3.34 3.40 58.31
CA HIS D 26 -4.49 3.81 57.50
C HIS D 26 -5.74 4.04 58.38
N ALA D 27 -6.05 3.07 59.24
CA ALA D 27 -7.24 3.15 60.09
C ALA D 27 -7.28 4.42 60.96
N VAL D 28 -6.18 4.69 61.65
CA VAL D 28 -6.12 5.88 62.50
C VAL D 28 -6.26 7.20 61.72
N ALA D 29 -5.53 7.35 60.59
CA ALA D 29 -5.62 8.56 59.78
C ALA D 29 -7.03 8.82 59.18
N LEU D 30 -7.67 7.78 58.64
CA LEU D 30 -9.01 7.91 58.11
C LEU D 30 -10.00 8.33 59.22
N ALA D 31 -9.80 7.75 60.41
CA ALA D 31 -10.64 8.07 61.58
C ALA D 31 -10.48 9.53 62.00
N GLU D 32 -9.21 9.92 62.17
CA GLU D 32 -8.86 11.30 62.51
C GLU D 32 -9.46 12.30 61.52
N ALA D 33 -9.46 11.92 60.25
CA ALA D 33 -10.07 12.70 59.14
C ALA D 33 -11.59 12.57 59.03
N GLY D 34 -12.21 11.78 59.92
CA GLY D 34 -13.66 11.79 60.02
C GLY D 34 -14.40 10.52 59.66
N ALA D 35 -13.69 9.50 59.14
CA ALA D 35 -14.34 8.25 58.73
C ALA D 35 -14.61 7.33 59.91
N ASP D 36 -15.71 6.60 59.83
CA ASP D 36 -15.92 5.46 60.72
C ASP D 36 -15.22 4.28 60.06
N ILE D 37 -14.91 3.25 60.85
CA ILE D 37 -13.88 2.30 60.51
C ILE D 37 -14.33 0.88 60.79
N ALA D 38 -14.19 0.03 59.78
CA ALA D 38 -14.31 -1.40 59.98
C ALA D 38 -12.93 -2.05 59.75
N ILE D 39 -12.40 -2.78 60.73
CA ILE D 39 -11.06 -3.37 60.59
C ILE D 39 -11.10 -4.83 60.95
N CYS D 40 -10.37 -5.64 60.20
CA CYS D 40 -10.31 -7.05 60.47
C CYS D 40 -8.89 -7.55 60.27
N ASP D 41 -8.57 -8.65 60.93
CA ASP D 41 -7.22 -9.23 60.84
C ASP D 41 -7.31 -10.71 61.18
N ARG D 42 -6.38 -11.49 60.65
CA ARG D 42 -6.24 -12.92 60.98
C ARG D 42 -5.95 -13.19 62.47
N CYS D 43 -5.16 -12.31 63.10
CA CYS D 43 -4.79 -12.44 64.50
C CYS D 43 -4.25 -13.82 64.84
N GLU D 44 -3.51 -14.41 63.91
CA GLU D 44 -2.92 -15.71 64.16
C GLU D 44 -1.70 -15.82 63.28
N ASN D 45 -0.66 -16.47 63.81
CA ASN D 45 0.59 -16.69 63.09
C ASN D 45 0.32 -17.67 61.95
N SER D 46 1.21 -17.66 60.95
CA SER D 46 1.21 -18.65 59.86
C SER D 46 2.41 -19.61 59.93
N ASP D 47 2.15 -20.89 59.67
CA ASP D 47 3.22 -21.91 59.68
C ASP D 47 4.31 -21.63 58.66
N VAL D 48 3.95 -20.96 57.58
CA VAL D 48 4.91 -20.77 56.48
C VAL D 48 5.47 -19.35 56.35
N VAL D 49 5.20 -18.52 57.36
CA VAL D 49 5.75 -17.15 57.44
C VAL D 49 6.66 -17.11 58.66
N GLY D 50 7.86 -16.55 58.51
CA GLY D 50 8.90 -16.70 59.49
C GLY D 50 8.88 -15.69 60.62
N TYR D 51 8.13 -14.61 60.46
CA TYR D 51 7.97 -13.63 61.52
C TYR D 51 6.55 -13.69 62.10
N PRO D 52 6.41 -13.28 63.37
CA PRO D 52 5.05 -13.28 63.95
C PRO D 52 4.09 -12.29 63.28
N LEU D 53 2.86 -12.77 63.10
CA LEU D 53 1.76 -11.92 62.62
C LEU D 53 1.07 -11.28 63.80
N ALA D 54 0.00 -10.56 63.53
CA ALA D 54 -0.68 -9.79 64.59
C ALA D 54 -1.48 -10.71 65.50
N THR D 55 -1.91 -10.18 66.65
CA THR D 55 -2.71 -10.90 67.61
C THR D 55 -4.01 -10.12 67.76
N ALA D 56 -4.97 -10.71 68.47
CA ALA D 56 -6.24 -10.08 68.80
C ALA D 56 -6.08 -8.84 69.67
N ASP D 57 -5.04 -8.85 70.51
CA ASP D 57 -4.69 -7.69 71.34
C ASP D 57 -4.17 -6.55 70.46
N ASP D 58 -3.39 -6.85 69.43
CA ASP D 58 -3.05 -5.84 68.43
C ASP D 58 -4.30 -5.23 67.82
N LEU D 59 -5.21 -6.09 67.36
CA LEU D 59 -6.44 -5.60 66.73
C LEU D 59 -7.24 -4.73 67.69
N ALA D 60 -7.38 -5.16 68.95
CA ALA D 60 -8.09 -4.38 69.97
C ALA D 60 -7.45 -3.01 70.23
N GLU D 61 -6.10 -2.97 70.22
CA GLU D 61 -5.36 -1.71 70.30
C GLU D 61 -5.78 -0.73 69.20
N THR D 62 -5.90 -1.24 67.98
CA THR D 62 -6.26 -0.39 66.86
C THR D 62 -7.70 0.09 67.06
N VAL D 63 -8.58 -0.82 67.53
CA VAL D 63 -9.95 -0.46 67.81
C VAL D 63 -9.99 0.72 68.79
N ALA D 64 -9.23 0.60 69.88
CA ALA D 64 -9.21 1.62 70.93
C ALA D 64 -8.66 2.95 70.43
N LEU D 65 -7.61 2.91 69.62
CA LEU D 65 -7.00 4.13 69.08
C LEU D 65 -7.95 4.90 68.15
N VAL D 66 -8.70 4.15 67.33
CA VAL D 66 -9.72 4.73 66.44
C VAL D 66 -10.87 5.39 67.20
N GLU D 67 -11.43 4.69 68.18
CA GLU D 67 -12.53 5.24 68.93
C GLU D 67 -12.07 6.45 69.74
N LYS D 68 -10.78 6.49 70.11
CA LYS D 68 -10.27 7.68 70.80
C LYS D 68 -10.46 8.94 69.95
N THR D 69 -10.44 8.79 68.62
CA THR D 69 -10.64 9.94 67.70
C THR D 69 -12.11 10.47 67.70
N GLY D 70 -13.04 9.67 68.25
CA GLY D 70 -14.43 10.06 68.34
C GLY D 70 -15.30 9.28 67.35
N ARG D 71 -14.66 8.43 66.54
CA ARG D 71 -15.37 7.68 65.50
C ARG D 71 -15.92 6.34 66.01
N ARG D 72 -16.89 5.81 65.27
CA ARG D 72 -17.36 4.44 65.50
C ARG D 72 -16.36 3.45 64.91
N CYS D 73 -16.24 2.30 65.55
CA CYS D 73 -15.34 1.26 65.03
C CYS D 73 -15.97 -0.13 65.28
N ILE D 74 -15.88 -0.99 64.28
CA ILE D 74 -16.20 -2.40 64.45
C ILE D 74 -15.02 -3.23 63.97
N SER D 75 -14.86 -4.41 64.56
CA SER D 75 -13.73 -5.26 64.23
C SER D 75 -14.08 -6.75 64.22
N ALA D 76 -13.31 -7.54 63.47
CA ALA D 76 -13.48 -8.98 63.46
C ALA D 76 -12.17 -9.72 63.16
N LYS D 77 -12.10 -10.94 63.66
CA LYS D 77 -11.01 -11.80 63.27
C LYS D 77 -11.47 -12.42 61.98
N VAL D 78 -10.81 -12.05 60.89
CA VAL D 78 -11.13 -12.51 59.58
C VAL D 78 -9.83 -12.86 58.85
N ASP D 79 -9.84 -14.03 58.19
CA ASP D 79 -8.80 -14.44 57.25
C ASP D 79 -9.30 -14.07 55.85
N VAL D 80 -8.61 -13.15 55.17
CA VAL D 80 -9.01 -12.69 53.82
C VAL D 80 -9.14 -13.80 52.75
N LYS D 81 -8.53 -14.96 53.03
CA LYS D 81 -8.61 -16.12 52.14
C LYS D 81 -10.01 -16.72 52.23
N ASP D 82 -10.79 -16.30 53.23
CA ASP D 82 -12.12 -16.84 53.44
C ASP D 82 -13.14 -15.78 52.99
N ARG D 83 -13.68 -15.98 51.79
CA ARG D 83 -14.55 -15.00 51.17
C ARG D 83 -15.85 -14.83 51.96
N ALA D 84 -16.38 -15.94 52.44
CA ALA D 84 -17.65 -15.93 53.18
C ALA D 84 -17.51 -15.16 54.50
N ALA D 85 -16.35 -15.31 55.15
CA ALA D 85 -16.01 -14.54 56.35
C ALA D 85 -15.89 -13.04 56.06
N LEU D 86 -15.30 -12.68 54.93
CA LEU D 86 -15.25 -11.27 54.55
C LEU D 86 -16.64 -10.71 54.26
N GLU D 87 -17.45 -11.49 53.54
CA GLU D 87 -18.82 -11.10 53.23
C GLU D 87 -19.66 -10.96 54.50
N SER D 88 -19.48 -11.87 55.46
CA SER D 88 -20.20 -11.76 56.72
C SER D 88 -19.79 -10.48 57.43
N PHE D 89 -18.49 -10.19 57.48
CA PHE D 89 -18.01 -8.99 58.16
C PHE D 89 -18.48 -7.68 57.50
N VAL D 90 -18.52 -7.67 56.16
CA VAL D 90 -19.03 -6.55 55.38
C VAL D 90 -20.51 -6.28 55.67
N ALA D 91 -21.31 -7.34 55.81
CA ALA D 91 -22.76 -7.16 56.04
C ALA D 91 -23.00 -6.57 57.42
N GLU D 92 -22.15 -6.98 58.35
CA GLU D 92 -22.12 -6.49 59.72
C GLU D 92 -21.73 -5.01 59.73
N ALA D 93 -20.80 -4.65 58.85
CA ALA D 93 -20.39 -3.25 58.66
C ALA D 93 -21.49 -2.41 58.06
N GLU D 94 -22.13 -2.96 57.02
CA GLU D 94 -23.19 -2.27 56.31
C GLU D 94 -24.29 -1.90 57.29
N ASP D 95 -24.60 -2.84 58.19
CA ASP D 95 -25.70 -2.73 59.13
C ASP D 95 -25.38 -1.76 60.28
N THR D 96 -24.19 -1.89 60.87
CA THR D 96 -23.82 -1.10 62.03
C THR D 96 -23.38 0.30 61.63
N LEU D 97 -22.63 0.40 60.52
CA LEU D 97 -21.99 1.67 60.11
C LEU D 97 -22.49 2.35 58.83
N GLY D 98 -23.55 1.82 58.21
CA GLY D 98 -24.14 2.44 57.02
C GLY D 98 -23.50 2.17 55.65
N GLY D 99 -22.72 1.10 55.52
CA GLY D 99 -22.22 0.77 54.21
C GLY D 99 -20.84 1.35 53.93
N ILE D 100 -20.02 0.55 53.28
CA ILE D 100 -18.60 0.78 53.15
C ILE D 100 -18.36 1.58 51.89
N ASP D 101 -17.79 2.77 52.05
CA ASP D 101 -17.50 3.67 50.97
C ASP D 101 -16.07 3.54 50.48
N ILE D 102 -15.20 3.10 51.37
CA ILE D 102 -13.75 3.08 51.13
C ILE D 102 -13.23 1.73 51.59
N ALA D 103 -12.45 1.05 50.75
CA ALA D 103 -11.83 -0.19 51.16
C ALA D 103 -10.34 -0.25 50.82
N ILE D 104 -9.51 -0.58 51.82
CA ILE D 104 -8.06 -0.70 51.64
C ILE D 104 -7.69 -2.16 51.93
N THR D 105 -7.20 -2.85 50.88
CA THR D 105 -6.94 -4.28 50.93
C THR D 105 -5.51 -4.51 51.35
N ASN D 106 -5.22 -4.20 52.62
CA ASN D 106 -3.87 -4.10 53.18
C ASN D 106 -3.34 -5.43 53.68
N ALA D 107 -4.23 -6.35 54.07
CA ALA D 107 -3.79 -7.65 54.57
C ALA D 107 -2.84 -8.29 53.57
N GLY D 108 -1.70 -8.77 54.07
CA GLY D 108 -0.67 -9.40 53.25
C GLY D 108 0.52 -9.92 54.06
N ILE D 109 1.32 -10.79 53.45
CA ILE D 109 2.48 -11.42 54.09
C ILE D 109 3.64 -11.46 53.12
N SER D 110 4.85 -11.58 53.66
CA SER D 110 6.02 -11.75 52.84
C SER D 110 6.79 -12.99 53.27
N THR D 111 7.46 -13.61 52.30
CA THR D 111 8.25 -14.79 52.55
C THR D 111 9.51 -14.69 51.74
N ILE D 112 10.48 -15.53 52.12
CA ILE D 112 11.75 -15.63 51.45
C ILE D 112 12.03 -17.13 51.22
N ALA D 113 12.22 -17.50 49.96
CA ALA D 113 12.66 -18.85 49.59
C ALA D 113 13.03 -18.89 48.12
N LEU D 114 14.22 -19.39 47.84
CA LEU D 114 14.69 -19.56 46.46
C LEU D 114 13.97 -20.69 45.74
N LEU D 115 13.62 -20.46 44.48
CA LEU D 115 13.24 -21.53 43.56
C LEU D 115 14.45 -22.47 43.32
N PRO D 116 14.21 -23.79 43.19
CA PRO D 116 12.96 -24.54 43.19
C PRO D 116 12.53 -25.06 44.56
N GLU D 117 13.26 -24.66 45.61
CA GLU D 117 12.96 -25.08 46.99
C GLU D 117 11.88 -24.24 47.70
N VAL D 118 10.84 -23.85 46.98
CA VAL D 118 9.71 -23.13 47.57
C VAL D 118 8.69 -24.21 47.90
N GLU D 119 8.32 -24.33 49.17
CA GLU D 119 7.29 -25.30 49.55
CA GLU D 119 7.28 -25.29 49.56
C GLU D 119 5.93 -24.84 49.01
N SER D 120 5.20 -25.76 48.41
CA SER D 120 3.87 -25.49 47.88
C SER D 120 2.98 -24.79 48.91
N ALA D 121 3.11 -25.17 50.17
CA ALA D 121 2.23 -24.69 51.22
C ALA D 121 2.53 -23.19 51.49
N GLN D 122 3.77 -22.80 51.30
CA GLN D 122 4.12 -21.38 51.38
C GLN D 122 3.65 -20.59 50.16
N TRP D 123 3.88 -21.10 48.96
CA TRP D 123 3.32 -20.51 47.75
C TRP D 123 1.80 -20.29 47.93
N ASP D 124 1.08 -21.32 48.40
CA ASP D 124 -0.39 -21.27 48.47
C ASP D 124 -0.86 -20.19 49.45
N GLU D 125 -0.17 -20.07 50.57
CA GLU D 125 -0.54 -19.07 51.58
C GLU D 125 -0.29 -17.63 51.07
N VAL D 126 0.80 -17.45 50.36
CA VAL D 126 1.19 -16.10 49.92
C VAL D 126 0.29 -15.66 48.81
N ILE D 127 0.19 -16.50 47.76
CA ILE D 127 -0.81 -16.24 46.72
C ILE D 127 -2.21 -16.05 47.35
N GLY D 128 -2.55 -16.91 48.31
CA GLY D 128 -3.89 -16.92 48.90
C GLY D 128 -4.20 -15.62 49.63
N THR D 129 -3.33 -15.22 50.56
CA THR D 129 -3.51 -13.98 51.32
C THR D 129 -3.39 -12.73 50.44
N ASN D 130 -2.33 -12.64 49.66
CA ASN D 130 -2.01 -11.38 48.96
C ASN D 130 -2.87 -11.14 47.71
N LEU D 131 -3.06 -12.18 46.90
CA LEU D 131 -3.73 -12.02 45.62
C LEU D 131 -5.24 -12.34 45.74
N THR D 132 -5.54 -13.59 46.12
CA THR D 132 -6.93 -14.06 46.29
C THR D 132 -7.65 -13.27 47.38
N GLY D 133 -6.95 -12.95 48.46
CA GLY D 133 -7.55 -12.16 49.55
C GLY D 133 -7.93 -10.75 49.14
N THR D 134 -7.14 -10.17 48.23
CA THR D 134 -7.47 -8.89 47.61
C THR D 134 -8.68 -9.05 46.71
N PHE D 135 -8.66 -10.10 45.90
CA PHE D 135 -9.83 -10.46 45.12
C PHE D 135 -11.07 -10.58 46.00
N ASN D 136 -10.96 -11.36 47.09
CA ASN D 136 -12.10 -11.57 47.99
C ASN D 136 -12.65 -10.30 48.60
N THR D 137 -11.74 -9.42 49.01
CA THR D 137 -12.13 -8.16 49.62
C THR D 137 -12.86 -7.32 48.57
N ILE D 138 -12.26 -7.19 47.38
CA ILE D 138 -12.95 -6.43 46.33
C ILE D 138 -14.38 -6.99 46.08
N ALA D 139 -14.47 -8.32 45.90
CA ALA D 139 -15.74 -9.00 45.65
C ALA D 139 -16.77 -8.72 46.74
N ALA D 140 -16.33 -8.79 48.00
CA ALA D 140 -17.20 -8.55 49.16
C ALA D 140 -17.74 -7.11 49.32
N VAL D 141 -16.96 -6.10 48.97
CA VAL D 141 -17.38 -4.71 49.21
C VAL D 141 -18.06 -4.09 48.01
N ALA D 142 -17.76 -4.62 46.82
CA ALA D 142 -18.27 -4.04 45.59
C ALA D 142 -19.79 -3.98 45.45
N PRO D 143 -20.55 -5.01 45.94
CA PRO D 143 -22.00 -4.92 45.76
C PRO D 143 -22.62 -3.72 46.47
N GLY D 144 -22.23 -3.46 47.72
CA GLY D 144 -22.71 -2.26 48.44
C GLY D 144 -22.32 -0.96 47.73
N MET D 145 -21.07 -0.87 47.27
CA MET D 145 -20.59 0.31 46.51
C MET D 145 -21.36 0.49 45.21
N ILE D 146 -21.66 -0.61 44.53
CA ILE D 146 -22.52 -0.56 43.34
C ILE D 146 -23.93 -0.02 43.66
N LYS D 147 -24.60 -0.61 44.64
CA LYS D 147 -25.93 -0.14 45.05
C LYS D 147 -25.94 1.38 45.34
N ARG D 148 -24.92 1.86 46.04
CA ARG D 148 -24.84 3.28 46.44
C ARG D 148 -24.19 4.16 45.38
N ASN D 149 -23.73 3.54 44.30
CA ASN D 149 -23.05 4.23 43.21
C ASN D 149 -21.87 5.11 43.70
N TYR D 150 -21.13 4.60 44.67
CA TYR D 150 -19.91 5.25 45.15
C TYR D 150 -18.95 4.26 45.81
N GLY D 151 -17.69 4.34 45.41
CA GLY D 151 -16.65 3.59 46.10
C GLY D 151 -15.26 4.08 45.81
N ARG D 152 -14.37 3.87 46.77
CA ARG D 152 -12.95 4.09 46.60
C ARG D 152 -12.21 2.89 47.16
N ILE D 153 -11.53 2.16 46.29
CA ILE D 153 -10.83 0.96 46.72
C ILE D 153 -9.36 1.17 46.45
N VAL D 154 -8.54 0.98 47.47
CA VAL D 154 -7.10 0.99 47.31
C VAL D 154 -6.51 -0.37 47.65
N THR D 155 -5.80 -0.94 46.68
CA THR D 155 -5.12 -2.21 46.85
C THR D 155 -3.66 -1.94 47.20
N VAL D 156 -3.00 -2.92 47.79
CA VAL D 156 -1.65 -2.69 48.21
C VAL D 156 -0.74 -3.67 47.47
N SER D 157 -0.01 -3.14 46.51
CA SER D 157 0.97 -3.94 45.77
C SER D 157 2.31 -3.70 46.46
N SER D 158 3.35 -3.42 45.68
CA SER D 158 4.69 -3.24 46.25
C SER D 158 5.61 -2.73 45.16
N MET D 159 6.73 -2.16 45.58
CA MET D 159 7.88 -1.99 44.69
C MET D 159 8.06 -3.28 43.87
N LEU D 160 7.85 -4.41 44.53
CA LEU D 160 8.07 -5.70 43.90
C LEU D 160 6.92 -6.16 43.01
N GLY D 161 5.84 -5.38 42.97
CA GLY D 161 4.74 -5.60 42.06
C GLY D 161 5.06 -5.15 40.64
N HIS D 162 6.16 -4.38 40.49
CA HIS D 162 6.61 -3.94 39.16
C HIS D 162 8.13 -4.08 38.97
N SER D 163 8.70 -5.03 39.73
CA SER D 163 10.10 -5.41 39.60
C SER D 163 10.26 -6.90 40.03
N ALA D 164 11.47 -7.35 40.28
CA ALA D 164 11.68 -8.69 40.84
C ALA D 164 13.04 -8.70 41.56
N ASN D 165 13.25 -9.67 42.43
CA ASN D 165 14.53 -9.88 43.09
C ASN D 165 14.73 -11.39 43.34
N PHE D 166 15.79 -11.74 44.07
CA PHE D 166 16.08 -13.13 44.32
C PHE D 166 15.18 -13.65 45.43
N ALA D 167 14.80 -14.94 45.34
CA ALA D 167 14.20 -15.65 46.47
C ALA D 167 12.79 -15.15 46.91
N GLN D 168 12.07 -14.49 45.99
CA GLN D 168 10.73 -13.96 46.27
C GLN D 168 9.68 -14.27 45.22
N ALA D 169 9.80 -15.44 44.59
CA ALA D 169 8.81 -15.85 43.57
C ALA D 169 7.36 -15.71 44.06
N SER D 170 7.05 -16.27 45.25
CA SER D 170 5.70 -16.26 45.80
C SER D 170 5.18 -14.85 45.99
N TYR D 171 5.96 -14.02 46.69
CA TYR D 171 5.59 -12.64 47.01
C TYR D 171 5.45 -11.76 45.77
N VAL D 172 6.43 -11.88 44.86
CA VAL D 172 6.48 -11.07 43.64
C VAL D 172 5.34 -11.45 42.69
N SER D 173 5.08 -12.75 42.55
CA SER D 173 3.96 -13.18 41.69
C SER D 173 2.65 -12.58 42.24
N SER D 174 2.49 -12.59 43.57
CA SER D 174 1.25 -12.09 44.18
C SER D 174 1.04 -10.61 43.93
N LYS D 175 2.15 -9.85 43.97
CA LYS D 175 2.09 -8.40 43.91
C LYS D 175 1.91 -7.89 42.51
N TRP D 176 2.46 -8.62 41.55
CA TRP D 176 2.16 -8.39 40.14
C TRP D 176 0.69 -8.69 39.85
N GLY D 177 0.21 -9.83 40.32
CA GLY D 177 -1.19 -10.20 40.19
C GLY D 177 -2.13 -9.10 40.67
N VAL D 178 -1.78 -8.48 41.82
CA VAL D 178 -2.57 -7.40 42.42
C VAL D 178 -2.78 -6.21 41.48
N ILE D 179 -1.72 -5.82 40.78
CA ILE D 179 -1.79 -4.71 39.85
C ILE D 179 -2.73 -5.04 38.69
N GLY D 180 -2.60 -6.26 38.12
CA GLY D 180 -3.53 -6.70 37.08
C GLY D 180 -4.99 -6.68 37.55
N LEU D 181 -5.21 -7.28 38.72
CA LEU D 181 -6.52 -7.32 39.38
C LEU D 181 -7.10 -5.93 39.61
N THR D 182 -6.27 -5.01 40.13
CA THR D 182 -6.62 -3.59 40.27
C THR D 182 -7.11 -2.97 38.97
N LYS D 183 -6.39 -3.20 37.88
CA LYS D 183 -6.83 -2.66 36.58
C LYS D 183 -8.16 -3.26 36.07
N CYS D 184 -8.40 -4.56 36.35
CA CYS D 184 -9.68 -5.21 36.01
C CYS D 184 -10.87 -4.73 36.88
N ALA D 185 -10.68 -4.61 38.19
CA ALA D 185 -11.73 -4.07 39.05
C ALA D 185 -12.09 -2.65 38.58
N ALA D 186 -11.09 -1.84 38.28
CA ALA D 186 -11.31 -0.51 37.72
C ALA D 186 -12.19 -0.56 36.47
N HIS D 187 -11.95 -1.55 35.61
CA HIS D 187 -12.80 -1.80 34.45
C HIS D 187 -14.20 -2.14 34.87
N ASP D 188 -14.35 -3.22 35.66
CA ASP D 188 -15.66 -3.79 35.96
C ASP D 188 -16.60 -2.87 36.73
N LEU D 189 -15.99 -1.98 37.51
CA LEU D 189 -16.74 -1.16 38.47
C LEU D 189 -16.88 0.31 38.03
N VAL D 190 -16.35 0.62 36.86
CA VAL D 190 -16.14 1.99 36.41
C VAL D 190 -17.45 2.77 36.25
N GLY D 191 -18.51 2.04 35.88
CA GLY D 191 -19.79 2.63 35.55
C GLY D 191 -20.57 2.92 36.81
N TYR D 192 -20.07 2.47 37.97
CA TYR D 192 -20.81 2.66 39.21
C TYR D 192 -20.24 3.67 40.19
N GLY D 193 -19.44 4.62 39.72
CA GLY D 193 -18.87 5.70 40.56
C GLY D 193 -17.79 5.18 41.50
N ILE D 194 -17.13 4.09 41.11
CA ILE D 194 -16.11 3.40 41.93
C ILE D 194 -14.75 3.49 41.25
N THR D 195 -13.70 3.83 42.02
CA THR D 195 -12.34 3.82 41.49
C THR D 195 -11.52 2.77 42.20
N VAL D 196 -10.49 2.25 41.54
CA VAL D 196 -9.67 1.22 42.13
C VAL D 196 -8.23 1.54 41.73
N ASN D 197 -7.39 1.83 42.72
CA ASN D 197 -6.00 2.17 42.51
C ASN D 197 -5.15 1.36 43.47
N ALA D 198 -3.88 1.21 43.13
CA ALA D 198 -2.87 0.55 43.96
C ALA D 198 -1.86 1.57 44.51
N VAL D 199 -1.45 1.42 45.78
CA VAL D 199 -0.20 2.01 46.28
C VAL D 199 0.88 0.91 46.20
N ALA D 200 2.11 1.30 45.88
CA ALA D 200 3.24 0.36 45.76
C ALA D 200 4.36 0.82 46.68
N PRO D 201 4.32 0.41 47.96
CA PRO D 201 5.30 0.95 48.90
C PRO D 201 6.70 0.32 48.73
N GLY D 202 7.74 1.07 49.10
CA GLY D 202 9.10 0.55 49.19
C GLY D 202 9.32 -0.05 50.57
N ASN D 203 10.50 0.14 51.15
CA ASN D 203 10.78 -0.44 52.45
C ASN D 203 10.08 0.38 53.53
N ILE D 204 9.08 -0.22 54.18
CA ILE D 204 8.32 0.49 55.22
C ILE D 204 8.60 -0.12 56.58
N GLU D 205 8.82 0.75 57.57
CA GLU D 205 9.02 0.31 58.95
C GLU D 205 7.72 -0.22 59.58
N THR D 206 7.58 -1.54 59.57
CA THR D 206 6.45 -2.24 60.19
C THR D 206 7.01 -3.54 60.74
N PRO D 207 6.20 -4.28 61.53
CA PRO D 207 6.58 -5.60 61.98
C PRO D 207 6.80 -6.64 60.85
N MET D 208 6.36 -6.34 59.60
CA MET D 208 6.70 -7.20 58.45
C MET D 208 8.19 -7.20 58.15
N THR D 209 8.84 -6.04 58.30
CA THR D 209 10.28 -5.95 58.03
C THR D 209 11.12 -5.88 59.30
N HIS D 210 10.58 -5.27 60.37
CA HIS D 210 11.33 -5.11 61.65
C HIS D 210 11.08 -6.26 62.64
N ASN D 211 11.84 -7.33 62.45
CA ASN D 211 11.67 -8.54 63.24
C ASN D 211 12.94 -9.37 63.18
N ASP D 212 13.03 -10.35 64.08
CA ASP D 212 14.24 -11.15 64.20
C ASP D 212 14.46 -12.08 62.99
N PHE D 213 13.40 -12.72 62.48
CA PHE D 213 13.53 -13.56 61.27
C PHE D 213 14.09 -12.82 60.03
N VAL D 214 13.57 -11.62 59.76
CA VAL D 214 13.96 -10.82 58.58
C VAL D 214 15.40 -10.30 58.68
N PHE D 215 15.83 -9.87 59.85
CA PHE D 215 17.20 -9.37 60.03
C PHE D 215 18.23 -10.51 59.97
N GLY D 216 17.82 -11.70 60.42
CA GLY D 216 18.65 -12.92 60.28
C GLY D 216 19.01 -13.19 58.84
N THR D 217 18.00 -13.17 57.97
CA THR D 217 18.20 -13.18 56.51
C THR D 217 18.76 -11.81 56.11
N MET D 218 19.64 -11.75 55.11
CA MET D 218 20.46 -10.54 54.84
C MET D 218 21.29 -10.16 56.08
N ARG D 219 22.57 -10.51 56.07
CA ARG D 219 23.44 -10.41 57.25
C ARG D 219 23.27 -11.63 58.19
N PRO D 220 23.38 -12.87 57.63
CA PRO D 220 23.40 -14.10 58.44
C PRO D 220 24.78 -14.35 59.04
N ASP D 221 25.82 -14.15 58.22
CA ASP D 221 27.20 -14.08 58.70
C ASP D 221 27.30 -12.89 59.64
N LEU D 222 26.79 -13.13 60.85
CA LEU D 222 26.47 -12.11 61.86
C LEU D 222 25.38 -12.74 62.73
N GLU D 223 25.79 -13.28 63.88
CA GLU D 223 24.92 -14.12 64.72
C GLU D 223 23.71 -13.40 65.33
N LYS D 224 23.88 -12.15 65.73
CA LYS D 224 22.78 -11.39 66.35
C LYS D 224 22.56 -10.02 65.67
N PRO D 225 21.94 -10.02 64.48
CA PRO D 225 21.86 -8.79 63.67
C PRO D 225 20.88 -7.74 64.24
N THR D 226 21.33 -6.50 64.33
CA THR D 226 20.53 -5.39 64.87
C THR D 226 19.99 -4.52 63.74
N LEU D 227 19.17 -3.52 64.07
CA LEU D 227 18.66 -2.59 63.06
C LEU D 227 19.86 -2.05 62.26
N LYS D 228 20.78 -1.39 62.96
CA LYS D 228 21.97 -0.79 62.34
C LYS D 228 22.76 -1.71 61.40
N ASP D 229 22.70 -3.02 61.60
CA ASP D 229 23.43 -4.01 60.78
C ASP D 229 22.72 -4.38 59.48
N VAL D 230 21.50 -3.89 59.32
CA VAL D 230 20.67 -4.28 58.20
C VAL D 230 20.31 -3.05 57.33
N GLU D 231 20.46 -1.85 57.90
CA GLU D 231 20.08 -0.60 57.22
C GLU D 231 20.62 -0.50 55.80
N SER D 232 21.93 -0.74 55.65
CA SER D 232 22.62 -0.64 54.35
C SER D 232 22.04 -1.56 53.26
N VAL D 233 21.63 -2.78 53.62
CA VAL D 233 21.04 -3.73 52.65
C VAL D 233 19.62 -3.36 52.21
N PHE D 234 18.84 -2.83 53.14
CA PHE D 234 17.52 -2.27 52.83
C PHE D 234 17.68 -0.99 51.97
N ALA D 235 18.51 -0.05 52.42
CA ALA D 235 18.79 1.21 51.71
C ALA D 235 19.31 1.08 50.25
N SER D 236 19.96 -0.04 49.94
CA SER D 236 20.40 -0.29 48.57
C SER D 236 19.20 -0.58 47.66
N LEU D 237 18.03 -0.80 48.27
CA LEU D 237 16.83 -1.06 47.49
C LEU D 237 16.15 0.26 47.11
N HIS D 238 16.47 1.31 47.86
CA HIS D 238 15.92 2.64 47.62
C HIS D 238 16.93 3.49 46.87
N LEU D 239 16.48 4.58 46.24
CA LEU D 239 17.44 5.50 45.61
C LEU D 239 17.96 6.48 46.65
N GLN D 240 17.03 7.08 47.40
CA GLN D 240 17.34 8.04 48.46
C GLN D 240 17.99 7.35 49.67
N TYR D 241 18.63 8.12 50.54
CA TYR D 241 19.44 7.55 51.65
C TYR D 241 18.66 6.62 52.57
N ALA D 242 17.47 7.04 52.99
CA ALA D 242 16.64 6.34 54.01
C ALA D 242 16.37 4.84 53.86
N PRO D 243 16.93 4.01 54.76
CA PRO D 243 16.61 2.60 54.61
C PRO D 243 15.13 2.29 54.74
N PHE D 244 14.41 2.99 55.64
CA PHE D 244 12.97 2.75 55.84
C PHE D 244 12.11 4.03 55.82
N LEU D 245 10.91 3.89 55.28
CA LEU D 245 9.93 4.97 55.31
C LEU D 245 8.89 4.73 56.41
N LYS D 246 8.22 5.80 56.81
CA LYS D 246 7.16 5.72 57.82
C LYS D 246 5.88 5.23 57.17
N PRO D 247 5.06 4.45 57.93
CA PRO D 247 3.79 3.98 57.43
C PRO D 247 2.93 5.16 56.99
N GLU D 248 3.05 6.29 57.69
CA GLU D 248 2.26 7.49 57.37
C GLU D 248 2.59 8.05 56.00
N GLU D 249 3.77 7.74 55.48
CA GLU D 249 4.11 8.23 54.15
C GLU D 249 3.32 7.47 53.08
N VAL D 250 2.92 6.25 53.38
CA VAL D 250 2.07 5.49 52.44
C VAL D 250 0.63 5.92 52.70
N THR D 251 0.29 6.08 53.97
CA THR D 251 -1.04 6.46 54.38
C THR D 251 -1.44 7.73 53.62
N ARG D 252 -0.53 8.70 53.53
CA ARG D 252 -0.86 9.94 52.87
C ARG D 252 -1.21 9.79 51.36
N ALA D 253 -0.58 8.85 50.67
CA ALA D 253 -0.94 8.53 49.30
C ALA D 253 -2.30 7.85 49.28
N VAL D 254 -2.52 6.93 50.22
CA VAL D 254 -3.84 6.27 50.33
C VAL D 254 -4.95 7.33 50.46
N LEU D 255 -4.75 8.32 51.34
CA LEU D 255 -5.77 9.36 51.55
C LEU D 255 -6.01 10.20 50.30
N PHE D 256 -4.94 10.50 49.55
CA PHE D 256 -5.07 11.18 48.25
C PHE D 256 -5.98 10.41 47.31
N LEU D 257 -5.82 9.09 47.26
CA LEU D 257 -6.55 8.26 46.31
C LEU D 257 -8.01 8.08 46.73
N VAL D 258 -8.27 7.87 48.01
CA VAL D 258 -9.65 7.56 48.44
C VAL D 258 -10.51 8.83 48.60
N ASP D 259 -9.89 9.99 48.38
CA ASP D 259 -10.60 11.28 48.39
C ASP D 259 -11.72 11.29 47.36
N GLU D 260 -12.86 11.90 47.72
CA GLU D 260 -13.97 12.05 46.79
C GLU D 260 -13.52 12.75 45.52
N ALA D 261 -12.60 13.71 45.66
CA ALA D 261 -12.08 14.46 44.50
C ALA D 261 -11.24 13.61 43.53
N SER D 262 -10.79 12.43 43.96
CA SER D 262 -10.02 11.52 43.08
C SER D 262 -10.92 10.65 42.17
N SER D 263 -12.11 11.17 41.87
CA SER D 263 -13.10 10.45 41.06
C SER D 263 -12.65 10.03 39.66
N HIS D 264 -11.68 10.74 39.09
CA HIS D 264 -11.20 10.43 37.72
C HIS D 264 -9.77 9.90 37.71
N ILE D 265 -9.33 9.38 38.85
CA ILE D 265 -8.07 8.66 38.96
C ILE D 265 -8.48 7.22 39.25
N THR D 266 -8.26 6.35 38.27
CA THR D 266 -8.60 4.95 38.46
C THR D 266 -7.66 4.04 37.65
N GLY D 267 -7.34 2.88 38.22
CA GLY D 267 -6.43 1.93 37.62
C GLY D 267 -4.97 2.31 37.66
N THR D 268 -4.59 3.24 38.55
CA THR D 268 -3.21 3.70 38.62
C THR D 268 -2.46 3.00 39.75
N VAL D 269 -1.12 3.01 39.65
CA VAL D 269 -0.26 2.52 40.71
C VAL D 269 0.62 3.70 41.21
N LEU D 270 0.45 4.06 42.47
CA LEU D 270 1.24 5.11 43.09
C LEU D 270 2.39 4.51 43.91
N PRO D 271 3.64 4.75 43.49
CA PRO D 271 4.80 4.33 44.28
C PRO D 271 5.14 5.28 45.41
N ILE D 272 5.39 4.74 46.60
CA ILE D 272 5.98 5.50 47.70
C ILE D 272 7.22 4.71 48.06
N ASP D 273 8.28 4.92 47.31
CA ASP D 273 9.38 4.01 47.39
C ASP D 273 10.76 4.68 47.41
N ALA D 274 10.79 5.96 47.80
CA ALA D 274 12.08 6.65 47.99
C ALA D 274 13.01 6.52 46.79
N GLY D 275 12.45 6.65 45.59
CA GLY D 275 13.28 6.72 44.35
C GLY D 275 13.55 5.41 43.63
N ALA D 276 13.15 4.28 44.24
CA ALA D 276 13.25 2.97 43.59
C ALA D 276 12.66 3.02 42.18
N THR D 277 11.52 3.69 42.04
CA THR D 277 10.81 3.84 40.77
C THR D 277 11.52 4.79 39.79
N ALA D 278 12.42 5.62 40.30
CA ALA D 278 13.33 6.38 39.42
C ALA D 278 14.23 5.45 38.58
N ARG D 279 14.43 4.21 39.01
CA ARG D 279 15.30 3.30 38.24
C ARG D 279 14.52 2.53 37.19
N MET D 280 13.22 2.66 37.19
CA MET D 280 12.44 1.71 36.39
C MET D 280 11.12 2.29 36.05
N ILE D 281 10.22 1.44 35.53
CA ILE D 281 8.86 1.84 35.25
C ILE D 281 7.95 1.46 36.45
N ALA E 6 19.72 -12.94 -9.85
CA ALA E 6 19.73 -11.53 -9.37
C ALA E 6 18.32 -10.95 -9.45
N ASP E 7 17.83 -10.82 -10.67
CA ASP E 7 16.60 -10.12 -10.98
C ASP E 7 15.39 -10.65 -10.18
N PHE E 8 15.24 -11.96 -10.05
CA PHE E 8 14.01 -12.50 -9.46
C PHE E 8 14.13 -13.37 -8.19
N GLU E 9 15.29 -13.34 -7.56
CA GLU E 9 15.51 -14.09 -6.32
C GLU E 9 14.43 -13.71 -5.30
N GLY E 10 13.93 -14.72 -4.59
CA GLY E 10 12.86 -14.53 -3.61
C GLY E 10 11.53 -14.21 -4.24
N LYS E 11 11.41 -14.37 -5.56
CA LYS E 11 10.11 -14.30 -6.19
C LYS E 11 9.65 -15.71 -6.48
N THR E 12 8.35 -15.85 -6.63
CA THR E 12 7.73 -17.08 -7.09
C THR E 12 6.86 -16.81 -8.30
N ALA E 13 6.86 -17.75 -9.25
CA ALA E 13 6.08 -17.56 -10.44
C ALA E 13 5.15 -18.71 -10.71
N LEU E 14 3.93 -18.42 -11.16
CA LEU E 14 3.03 -19.47 -11.66
C LEU E 14 2.94 -19.41 -13.18
N ILE E 15 3.19 -20.53 -13.84
CA ILE E 15 3.04 -20.59 -15.29
C ILE E 15 2.06 -21.71 -15.68
N THR E 16 0.93 -21.32 -16.26
CA THR E 16 -0.01 -22.31 -16.78
C THR E 16 0.49 -22.76 -18.16
N GLY E 17 0.20 -23.99 -18.55
CA GLY E 17 0.70 -24.51 -19.83
C GLY E 17 2.20 -24.63 -19.78
N GLY E 18 2.73 -24.92 -18.60
CA GLY E 18 4.18 -24.91 -18.39
C GLY E 18 4.89 -26.21 -18.69
N ALA E 19 4.24 -27.13 -19.41
CA ALA E 19 4.85 -28.45 -19.63
C ALA E 19 5.85 -28.47 -20.78
N ARG E 20 5.74 -27.50 -21.70
CA ARG E 20 6.59 -27.47 -22.92
C ARG E 20 6.43 -26.12 -23.59
N GLY E 21 7.20 -25.93 -24.68
CA GLY E 21 7.08 -24.73 -25.50
C GLY E 21 7.39 -23.44 -24.75
N MET E 22 6.58 -22.40 -24.97
CA MET E 22 6.84 -21.08 -24.39
C MET E 22 6.72 -21.09 -22.86
N GLY E 23 5.78 -21.88 -22.34
CA GLY E 23 5.54 -21.88 -20.90
C GLY E 23 6.76 -22.44 -20.19
N ARG E 24 7.36 -23.47 -20.79
CA ARG E 24 8.61 -24.06 -20.29
C ARG E 24 9.74 -23.06 -20.39
N SER E 25 9.88 -22.42 -21.55
CA SER E 25 10.86 -21.35 -21.72
C SER E 25 10.78 -20.26 -20.62
N HIS E 26 9.56 -19.79 -20.35
CA HIS E 26 9.36 -18.79 -19.33
C HIS E 26 9.69 -19.32 -17.95
N ALA E 27 9.27 -20.56 -17.68
CA ALA E 27 9.55 -21.19 -16.41
C ALA E 27 11.06 -21.31 -16.18
N VAL E 28 11.79 -21.79 -17.19
CA VAL E 28 13.21 -22.02 -16.99
C VAL E 28 13.97 -20.71 -16.83
N ALA E 29 13.59 -19.71 -17.64
CA ALA E 29 14.24 -18.40 -17.59
C ALA E 29 14.05 -17.70 -16.23
N LEU E 30 12.86 -17.82 -15.66
CA LEU E 30 12.60 -17.22 -14.35
C LEU E 30 13.34 -17.99 -13.24
N ALA E 31 13.43 -19.31 -13.39
CA ALA E 31 14.20 -20.15 -12.46
C ALA E 31 15.66 -19.71 -12.47
N GLU E 32 16.24 -19.55 -13.67
CA GLU E 32 17.64 -19.12 -13.83
CA GLU E 32 17.66 -19.17 -13.75
C GLU E 32 17.93 -17.77 -13.18
N ALA E 33 16.90 -16.93 -13.10
CA ALA E 33 17.06 -15.59 -12.60
C ALA E 33 16.74 -15.49 -11.09
N GLY E 34 16.31 -16.61 -10.51
CA GLY E 34 16.19 -16.73 -9.06
C GLY E 34 14.80 -16.99 -8.50
N ALA E 35 13.79 -17.15 -9.36
CA ALA E 35 12.42 -17.46 -8.91
C ALA E 35 12.16 -18.96 -8.66
N ASP E 36 11.37 -19.24 -7.63
CA ASP E 36 10.71 -20.54 -7.48
C ASP E 36 9.47 -20.57 -8.39
N ILE E 37 9.06 -21.78 -8.78
CA ILE E 37 8.14 -21.94 -9.89
C ILE E 37 6.99 -22.83 -9.50
N ALA E 38 5.79 -22.43 -9.88
CA ALA E 38 4.66 -23.35 -9.92
C ALA E 38 4.20 -23.46 -11.36
N ILE E 39 4.18 -24.68 -11.87
CA ILE E 39 3.68 -24.95 -13.21
C ILE E 39 2.53 -25.94 -13.21
N CYS E 40 1.55 -25.68 -14.07
CA CYS E 40 0.51 -26.65 -14.29
C CYS E 40 0.22 -26.82 -15.76
N ASP E 41 -0.41 -27.93 -16.10
CA ASP E 41 -0.74 -28.24 -17.47
C ASP E 41 -1.80 -29.33 -17.53
N ARG E 42 -2.58 -29.30 -18.58
CA ARG E 42 -3.62 -30.29 -18.77
C ARG E 42 -3.03 -31.68 -19.00
N CYS E 43 -1.90 -31.77 -19.68
CA CYS E 43 -1.24 -33.07 -19.88
C CYS E 43 -2.17 -34.08 -20.55
N GLU E 44 -3.07 -33.61 -21.40
CA GLU E 44 -3.97 -34.50 -22.13
C GLU E 44 -4.29 -33.88 -23.47
N ASN E 45 -4.54 -34.73 -24.47
CA ASN E 45 -4.98 -34.29 -25.79
C ASN E 45 -6.43 -33.79 -25.76
N SER E 46 -6.78 -33.03 -26.78
CA SER E 46 -8.16 -32.63 -27.01
C SER E 46 -8.62 -33.18 -28.36
N ASP E 47 -9.77 -33.84 -28.34
CA ASP E 47 -10.40 -34.34 -29.56
C ASP E 47 -10.64 -33.21 -30.57
N VAL E 48 -10.77 -31.97 -30.12
CA VAL E 48 -11.08 -30.85 -31.02
C VAL E 48 -9.82 -30.07 -31.43
N VAL E 49 -8.66 -30.57 -31.02
CA VAL E 49 -7.37 -30.00 -31.42
C VAL E 49 -6.58 -31.01 -32.27
N GLY E 50 -6.10 -30.55 -33.43
CA GLY E 50 -5.48 -31.46 -34.39
C GLY E 50 -4.12 -32.05 -34.05
N TYR E 51 -3.36 -31.32 -33.24
CA TYR E 51 -1.99 -31.72 -32.90
C TYR E 51 -1.92 -32.21 -31.43
N PRO E 52 -0.91 -33.04 -31.09
CA PRO E 52 -0.89 -33.55 -29.69
C PRO E 52 -0.57 -32.46 -28.65
N LEU E 53 -1.18 -32.53 -27.49
CA LEU E 53 -0.85 -31.61 -26.42
C LEU E 53 0.26 -32.21 -25.55
N ALA E 54 0.70 -31.49 -24.51
CA ALA E 54 1.75 -31.98 -23.61
C ALA E 54 1.35 -33.27 -22.87
N THR E 55 2.33 -33.98 -22.32
CA THR E 55 2.06 -35.18 -21.52
C THR E 55 2.52 -34.94 -20.09
N ALA E 56 2.19 -35.89 -19.21
CA ALA E 56 2.78 -36.01 -17.86
C ALA E 56 4.32 -35.96 -17.90
N ASP E 57 4.93 -36.71 -18.82
CA ASP E 57 6.39 -36.71 -18.96
C ASP E 57 6.98 -35.32 -19.27
N ASP E 58 6.34 -34.56 -20.18
CA ASP E 58 6.74 -33.18 -20.46
C ASP E 58 6.74 -32.31 -19.20
N LEU E 59 5.67 -32.39 -18.42
CA LEU E 59 5.56 -31.66 -17.16
C LEU E 59 6.66 -32.04 -16.17
N ALA E 60 6.88 -33.35 -15.97
CA ALA E 60 8.04 -33.83 -15.17
C ALA E 60 9.36 -33.28 -15.68
N GLU E 61 9.49 -33.19 -17.00
CA GLU E 61 10.70 -32.65 -17.62
C GLU E 61 10.96 -31.14 -17.29
N THR E 62 9.94 -30.29 -17.42
CA THR E 62 10.09 -28.88 -17.02
C THR E 62 10.48 -28.77 -15.53
N VAL E 63 9.86 -29.59 -14.68
CA VAL E 63 10.18 -29.62 -13.25
C VAL E 63 11.67 -29.90 -13.02
N ALA E 64 12.18 -30.91 -13.74
CA ALA E 64 13.60 -31.29 -13.62
C ALA E 64 14.47 -30.15 -14.10
N LEU E 65 14.12 -29.58 -15.26
CA LEU E 65 14.86 -28.44 -15.80
C LEU E 65 14.91 -27.30 -14.79
N VAL E 66 13.77 -26.98 -14.16
CA VAL E 66 13.73 -25.94 -13.13
C VAL E 66 14.61 -26.28 -11.90
N GLU E 67 14.49 -27.51 -11.39
CA GLU E 67 15.20 -27.90 -10.16
C GLU E 67 16.71 -27.99 -10.35
N LYS E 68 17.12 -28.25 -11.59
CA LYS E 68 18.54 -28.24 -12.01
C LYS E 68 19.20 -26.87 -11.74
N THR E 69 18.42 -25.79 -11.82
CA THR E 69 18.87 -24.42 -11.47
C THR E 69 19.02 -24.25 -9.96
N GLY E 70 18.44 -25.13 -9.17
CA GLY E 70 18.57 -25.08 -7.72
C GLY E 70 17.35 -24.48 -7.05
N ARG E 71 16.47 -23.90 -7.87
CA ARG E 71 15.19 -23.38 -7.37
C ARG E 71 14.20 -24.52 -7.02
N ARG E 72 13.16 -24.16 -6.29
CA ARG E 72 12.06 -25.08 -5.95
C ARG E 72 10.97 -25.03 -7.01
N CYS E 73 10.35 -26.19 -7.25
CA CYS E 73 9.32 -26.30 -8.26
C CYS E 73 8.22 -27.26 -7.82
N ILE E 74 6.97 -26.84 -7.94
CA ILE E 74 5.84 -27.74 -7.81
C ILE E 74 5.06 -27.79 -9.13
N SER E 75 4.37 -28.90 -9.37
CA SER E 75 3.56 -29.06 -10.57
C SER E 75 2.26 -29.78 -10.26
N ALA E 76 1.30 -29.61 -11.16
CA ALA E 76 0.00 -30.25 -11.07
C ALA E 76 -0.56 -30.42 -12.45
N LYS E 77 -1.32 -31.49 -12.65
CA LYS E 77 -2.12 -31.63 -13.84
C LYS E 77 -3.41 -30.81 -13.62
N VAL E 78 -3.55 -29.71 -14.37
CA VAL E 78 -4.70 -28.80 -14.17
C VAL E 78 -5.20 -28.34 -15.51
N ASP E 79 -6.50 -28.51 -15.73
CA ASP E 79 -7.19 -27.88 -16.87
C ASP E 79 -7.57 -26.47 -16.45
N VAL E 80 -7.10 -25.47 -17.19
CA VAL E 80 -7.39 -24.06 -16.83
C VAL E 80 -8.86 -23.67 -16.97
N LYS E 81 -9.63 -24.50 -17.68
CA LYS E 81 -11.08 -24.35 -17.78
C LYS E 81 -11.74 -24.65 -16.44
N ASP E 82 -10.96 -25.25 -15.52
CA ASP E 82 -11.50 -25.68 -14.25
C ASP E 82 -11.07 -24.71 -13.15
N ARG E 83 -11.94 -23.75 -12.82
CA ARG E 83 -11.60 -22.72 -11.84
C ARG E 83 -11.25 -23.28 -10.47
N ALA E 84 -12.04 -24.24 -9.98
CA ALA E 84 -11.78 -24.88 -8.67
C ALA E 84 -10.42 -25.57 -8.62
N ALA E 85 -10.12 -26.33 -9.67
CA ALA E 85 -8.82 -27.00 -9.78
C ALA E 85 -7.66 -26.02 -9.68
N LEU E 86 -7.69 -24.93 -10.48
CA LEU E 86 -6.66 -23.89 -10.42
C LEU E 86 -6.56 -23.23 -9.06
N GLU E 87 -7.70 -22.93 -8.45
CA GLU E 87 -7.68 -22.29 -7.14
C GLU E 87 -7.03 -23.18 -6.09
N SER E 88 -7.27 -24.50 -6.17
CA SER E 88 -6.63 -25.44 -5.24
CA SER E 88 -6.64 -25.44 -5.23
C SER E 88 -5.12 -25.43 -5.41
N PHE E 89 -4.65 -25.57 -6.67
CA PHE E 89 -3.22 -25.56 -7.00
C PHE E 89 -2.51 -24.23 -6.61
N VAL E 90 -3.19 -23.10 -6.87
CA VAL E 90 -2.72 -21.78 -6.40
C VAL E 90 -2.57 -21.77 -4.86
N ALA E 91 -3.52 -22.36 -4.15
CA ALA E 91 -3.41 -22.46 -2.68
C ALA E 91 -2.20 -23.34 -2.29
N GLU E 92 -2.05 -24.47 -2.98
CA GLU E 92 -0.87 -25.31 -2.81
C GLU E 92 0.43 -24.48 -2.95
N ALA E 93 0.57 -23.78 -4.08
CA ALA E 93 1.73 -22.93 -4.34
C ALA E 93 1.94 -21.81 -3.30
N GLU E 94 0.87 -21.13 -2.92
CA GLU E 94 0.93 -20.08 -1.91
C GLU E 94 1.51 -20.59 -0.59
N ASP E 95 1.11 -21.81 -0.23
CA ASP E 95 1.51 -22.44 1.02
C ASP E 95 2.89 -23.12 0.97
N THR E 96 3.21 -23.76 -0.16
CA THR E 96 4.49 -24.47 -0.34
C THR E 96 5.63 -23.48 -0.64
N LEU E 97 5.33 -22.40 -1.37
CA LEU E 97 6.38 -21.51 -1.84
C LEU E 97 6.33 -20.07 -1.30
N GLY E 98 5.34 -19.73 -0.48
CA GLY E 98 5.31 -18.39 0.15
C GLY E 98 4.67 -17.23 -0.63
N GLY E 99 3.57 -17.53 -1.33
CA GLY E 99 2.89 -16.55 -2.17
C GLY E 99 3.35 -16.56 -3.62
N ILE E 100 2.46 -16.17 -4.52
CA ILE E 100 2.80 -16.08 -5.92
C ILE E 100 2.94 -14.59 -6.24
N ASP E 101 4.08 -14.24 -6.83
CA ASP E 101 4.39 -12.85 -7.21
C ASP E 101 4.09 -12.58 -8.68
N ILE E 102 4.17 -13.64 -9.48
CA ILE E 102 4.14 -13.54 -10.92
C ILE E 102 3.24 -14.64 -11.48
N ALA E 103 2.30 -14.28 -12.36
CA ALA E 103 1.48 -15.26 -13.07
C ALA E 103 1.58 -15.02 -14.55
N ILE E 104 1.76 -16.10 -15.30
CA ILE E 104 1.80 -16.04 -16.75
C ILE E 104 0.77 -17.01 -17.23
N THR E 105 -0.30 -16.46 -17.80
CA THR E 105 -1.45 -17.23 -18.27
C THR E 105 -1.19 -17.79 -19.69
N ASN E 106 -0.34 -18.80 -19.75
CA ASN E 106 0.22 -19.24 -21.03
C ASN E 106 -0.52 -20.43 -21.67
N ALA E 107 -1.26 -21.19 -20.88
CA ALA E 107 -2.01 -22.29 -21.46
C ALA E 107 -2.89 -21.81 -22.60
N GLY E 108 -2.76 -22.47 -23.74
CA GLY E 108 -3.64 -22.15 -24.85
C GLY E 108 -3.63 -23.20 -25.95
N ILE E 109 -4.62 -23.11 -26.83
CA ILE E 109 -4.65 -24.00 -27.99
C ILE E 109 -4.92 -23.22 -29.27
N SER E 110 -4.60 -23.84 -30.41
CA SER E 110 -4.91 -23.26 -31.72
C SER E 110 -5.70 -24.25 -32.57
N THR E 111 -6.57 -23.70 -33.43
CA THR E 111 -7.40 -24.48 -34.35
C THR E 111 -7.57 -23.76 -35.69
N ILE E 112 -8.06 -24.51 -36.67
CA ILE E 112 -8.29 -24.02 -38.03
C ILE E 112 -9.60 -24.60 -38.51
N ALA E 113 -10.53 -23.71 -38.87
CA ALA E 113 -11.88 -24.09 -39.25
C ALA E 113 -12.59 -22.86 -39.78
N LEU E 114 -13.15 -23.00 -40.96
CA LEU E 114 -13.87 -21.92 -41.62
C LEU E 114 -15.26 -21.80 -41.04
N LEU E 115 -15.76 -20.58 -40.85
CA LEU E 115 -17.21 -20.36 -40.65
C LEU E 115 -17.91 -20.66 -41.98
N PRO E 116 -19.18 -21.12 -41.95
CA PRO E 116 -20.05 -21.49 -40.81
C PRO E 116 -19.81 -22.89 -40.26
N GLU E 117 -18.85 -23.64 -40.83
CA GLU E 117 -18.58 -25.02 -40.39
C GLU E 117 -17.50 -25.08 -39.32
N VAL E 118 -17.62 -24.23 -38.29
CA VAL E 118 -16.85 -24.39 -37.08
C VAL E 118 -17.83 -25.10 -36.15
N GLU E 119 -17.38 -26.19 -35.55
CA GLU E 119 -18.22 -27.01 -34.68
C GLU E 119 -18.27 -26.35 -33.29
N SER E 120 -19.42 -26.43 -32.64
CA SER E 120 -19.59 -25.81 -31.33
C SER E 120 -18.59 -26.33 -30.26
N ALA E 121 -18.33 -27.64 -30.27
CA ALA E 121 -17.37 -28.26 -29.35
C ALA E 121 -15.98 -27.63 -29.46
N GLN E 122 -15.59 -27.28 -30.69
CA GLN E 122 -14.30 -26.67 -30.93
C GLN E 122 -14.28 -25.18 -30.48
N TRP E 123 -15.31 -24.41 -30.87
CA TRP E 123 -15.47 -23.05 -30.33
C TRP E 123 -15.37 -23.06 -28.81
N ASP E 124 -16.11 -23.95 -28.17
CA ASP E 124 -16.19 -24.04 -26.72
C ASP E 124 -14.82 -24.25 -26.09
N GLU E 125 -14.05 -25.17 -26.66
CA GLU E 125 -12.72 -25.53 -26.14
C GLU E 125 -11.67 -24.42 -26.26
N VAL E 126 -11.70 -23.68 -27.35
CA VAL E 126 -10.78 -22.58 -27.59
C VAL E 126 -11.16 -21.36 -26.74
N ILE E 127 -12.43 -20.96 -26.77
CA ILE E 127 -12.91 -19.90 -25.90
C ILE E 127 -12.60 -20.29 -24.47
N GLY E 128 -13.00 -21.50 -24.11
CA GLY E 128 -12.81 -22.02 -22.78
C GLY E 128 -11.37 -22.00 -22.29
N THR E 129 -10.47 -22.63 -23.03
CA THR E 129 -9.05 -22.66 -22.66
C THR E 129 -8.35 -21.29 -22.72
N ASN E 130 -8.40 -20.62 -23.87
CA ASN E 130 -7.64 -19.40 -24.10
C ASN E 130 -8.16 -18.18 -23.35
N LEU E 131 -9.49 -18.01 -23.33
CA LEU E 131 -10.05 -16.82 -22.76
C LEU E 131 -10.54 -17.06 -21.33
N THR E 132 -11.46 -18.02 -21.18
CA THR E 132 -12.00 -18.31 -19.88
C THR E 132 -10.90 -18.82 -18.96
N GLY E 133 -9.98 -19.61 -19.51
CA GLY E 133 -8.84 -20.13 -18.74
C GLY E 133 -7.95 -19.01 -18.21
N THR E 134 -7.80 -17.95 -19.01
CA THR E 134 -7.07 -16.73 -18.58
C THR E 134 -7.79 -16.02 -17.47
N PHE E 135 -9.12 -15.85 -17.63
CA PHE E 135 -9.98 -15.29 -16.58
C PHE E 135 -9.85 -16.08 -15.28
N ASN E 136 -9.92 -17.41 -15.36
CA ASN E 136 -9.88 -18.27 -14.17
C ASN E 136 -8.58 -18.18 -13.44
N THR E 137 -7.51 -18.07 -14.24
CA THR E 137 -6.17 -17.97 -13.70
C THR E 137 -5.93 -16.62 -13.01
N ILE E 138 -6.45 -15.52 -13.59
CA ILE E 138 -6.32 -14.20 -12.94
C ILE E 138 -7.17 -14.18 -11.65
N ALA E 139 -8.37 -14.72 -11.77
CA ALA E 139 -9.27 -14.80 -10.66
C ALA E 139 -8.66 -15.62 -9.53
N ALA E 140 -7.98 -16.73 -9.87
CA ALA E 140 -7.29 -17.58 -8.87
C ALA E 140 -6.11 -16.91 -8.13
N VAL E 141 -5.13 -16.40 -8.88
CA VAL E 141 -3.92 -15.79 -8.27
C VAL E 141 -4.15 -14.46 -7.56
N ALA E 142 -5.17 -13.74 -8.02
CA ALA E 142 -5.39 -12.35 -7.62
C ALA E 142 -5.64 -12.14 -6.14
N PRO E 143 -6.46 -12.99 -5.48
CA PRO E 143 -6.68 -12.80 -4.04
C PRO E 143 -5.40 -12.67 -3.21
N GLY E 144 -4.47 -13.60 -3.34
CA GLY E 144 -3.17 -13.50 -2.63
C GLY E 144 -2.27 -12.32 -3.00
N MET E 145 -2.15 -12.05 -4.31
CA MET E 145 -1.45 -10.84 -4.78
C MET E 145 -2.05 -9.58 -4.09
N ILE E 146 -3.38 -9.50 -4.02
CA ILE E 146 -4.04 -8.41 -3.28
C ILE E 146 -3.59 -8.39 -1.82
N LYS E 147 -3.60 -9.56 -1.17
CA LYS E 147 -3.29 -9.64 0.28
C LYS E 147 -1.87 -9.13 0.50
N ARG E 148 -0.98 -9.52 -0.40
CA ARG E 148 0.42 -9.11 -0.32
C ARG E 148 0.73 -7.75 -0.98
N ASN E 149 -0.25 -7.19 -1.68
CA ASN E 149 -0.08 -5.90 -2.38
C ASN E 149 1.12 -5.87 -3.30
N TYR E 150 1.24 -6.95 -4.06
CA TYR E 150 2.23 -7.08 -5.13
C TYR E 150 1.82 -8.13 -6.17
N GLY E 151 1.82 -7.72 -7.43
CA GLY E 151 1.78 -8.74 -8.49
C GLY E 151 2.17 -8.31 -9.88
N ARG E 152 2.70 -9.26 -10.64
CA ARG E 152 2.94 -9.09 -12.06
C ARG E 152 2.27 -10.26 -12.80
N ILE E 153 1.21 -9.93 -13.55
CA ILE E 153 0.48 -10.91 -14.34
C ILE E 153 0.77 -10.61 -15.82
N VAL E 154 1.19 -11.62 -16.59
CA VAL E 154 1.38 -11.47 -18.04
C VAL E 154 0.43 -12.42 -18.74
N THR E 155 -0.44 -11.90 -19.59
CA THR E 155 -1.32 -12.74 -20.37
C THR E 155 -0.65 -12.98 -21.72
N VAL E 156 -1.12 -13.98 -22.43
CA VAL E 156 -0.53 -14.28 -23.72
C VAL E 156 -1.60 -14.21 -24.75
N SER E 157 -1.54 -13.16 -25.55
CA SER E 157 -2.52 -12.94 -26.60
C SER E 157 -1.86 -13.48 -27.84
N SER E 158 -1.88 -12.72 -28.91
CA SER E 158 -1.22 -13.13 -30.13
C SER E 158 -1.23 -11.95 -31.09
N MET E 159 -0.36 -12.04 -32.09
CA MET E 159 -0.50 -11.34 -33.36
C MET E 159 -1.97 -11.25 -33.78
N LEU E 160 -2.66 -12.37 -33.65
CA LEU E 160 -4.03 -12.51 -34.08
C LEU E 160 -5.03 -11.93 -33.04
N GLY E 161 -4.52 -11.48 -31.89
CA GLY E 161 -5.32 -10.71 -30.91
C GLY E 161 -5.58 -9.26 -31.30
N HIS E 162 -4.89 -8.76 -32.33
CA HIS E 162 -5.18 -7.42 -32.90
C HIS E 162 -5.16 -7.40 -34.41
N SER E 163 -5.52 -8.54 -35.00
CA SER E 163 -5.74 -8.66 -36.43
C SER E 163 -6.68 -9.81 -36.66
N ALA E 164 -6.68 -10.32 -37.87
CA ALA E 164 -7.54 -11.44 -38.23
C ALA E 164 -7.06 -12.06 -39.52
N ASN E 165 -7.45 -13.30 -39.74
CA ASN E 165 -7.12 -14.04 -40.96
C ASN E 165 -8.26 -15.04 -41.24
N PHE E 166 -8.14 -15.82 -42.29
CA PHE E 166 -9.12 -16.84 -42.63
C PHE E 166 -9.14 -18.02 -41.64
N ALA E 167 -10.32 -18.59 -41.45
CA ALA E 167 -10.52 -19.87 -40.77
C ALA E 167 -9.97 -19.92 -39.34
N GLN E 168 -9.98 -18.79 -38.67
CA GLN E 168 -9.47 -18.77 -37.31
C GLN E 168 -10.37 -18.08 -36.32
N ALA E 169 -11.67 -18.02 -36.63
CA ALA E 169 -12.61 -17.31 -35.77
C ALA E 169 -12.54 -17.66 -34.28
N SER E 170 -12.42 -18.95 -33.93
CA SER E 170 -12.40 -19.34 -32.48
C SER E 170 -11.17 -18.77 -31.76
N TYR E 171 -10.02 -18.95 -32.37
CA TYR E 171 -8.74 -18.48 -31.88
C TYR E 171 -8.63 -16.95 -31.81
N VAL E 172 -8.88 -16.27 -32.92
CA VAL E 172 -8.88 -14.79 -33.00
C VAL E 172 -9.83 -14.18 -31.97
N SER E 173 -11.08 -14.64 -31.95
CA SER E 173 -12.03 -14.20 -30.91
C SER E 173 -11.45 -14.34 -29.50
N SER E 174 -10.88 -15.51 -29.18
CA SER E 174 -10.36 -15.71 -27.83
C SER E 174 -9.21 -14.75 -27.53
N LYS E 175 -8.36 -14.50 -28.53
CA LYS E 175 -7.17 -13.69 -28.33
C LYS E 175 -7.46 -12.19 -28.30
N TRP E 176 -8.51 -11.75 -29.00
CA TRP E 176 -9.04 -10.37 -28.81
C TRP E 176 -9.60 -10.22 -27.42
N GLY E 177 -10.35 -11.22 -26.99
CA GLY E 177 -10.98 -11.18 -25.67
C GLY E 177 -9.94 -11.12 -24.57
N VAL E 178 -8.83 -11.83 -24.77
CA VAL E 178 -7.72 -11.78 -23.84
C VAL E 178 -7.13 -10.36 -23.64
N ILE E 179 -7.05 -9.58 -24.71
CA ILE E 179 -6.61 -8.21 -24.59
C ILE E 179 -7.60 -7.33 -23.83
N GLY E 180 -8.89 -7.39 -24.19
CA GLY E 180 -9.94 -6.80 -23.35
C GLY E 180 -9.87 -7.20 -21.88
N LEU E 181 -9.81 -8.50 -21.61
CA LEU E 181 -9.61 -9.02 -20.23
C LEU E 181 -8.36 -8.44 -19.51
N THR E 182 -7.22 -8.43 -20.21
CA THR E 182 -5.96 -7.84 -19.71
C THR E 182 -6.20 -6.39 -19.19
N LYS E 183 -6.91 -5.58 -19.98
CA LYS E 183 -7.08 -4.18 -19.60
C LYS E 183 -8.02 -3.98 -18.38
N CYS E 184 -9.05 -4.83 -18.29
CA CYS E 184 -9.96 -4.86 -17.12
C CYS E 184 -9.28 -5.29 -15.85
N ALA E 185 -8.46 -6.35 -15.96
CA ALA E 185 -7.77 -6.83 -14.79
C ALA E 185 -6.80 -5.77 -14.26
N ALA E 186 -6.20 -5.05 -15.22
CA ALA E 186 -5.30 -3.93 -14.93
C ALA E 186 -6.06 -2.82 -14.17
N HIS E 187 -7.33 -2.62 -14.50
CA HIS E 187 -8.15 -1.68 -13.70
C HIS E 187 -8.38 -2.26 -12.32
N ASP E 188 -9.08 -3.39 -12.28
CA ASP E 188 -9.62 -3.90 -11.00
C ASP E 188 -8.51 -4.09 -9.97
N LEU E 189 -7.30 -4.41 -10.42
CA LEU E 189 -6.20 -4.74 -9.51
C LEU E 189 -5.21 -3.60 -9.32
N VAL E 190 -5.54 -2.45 -9.92
CA VAL E 190 -4.62 -1.32 -10.03
C VAL E 190 -4.11 -0.82 -8.68
N GLY E 191 -4.97 -0.90 -7.68
CA GLY E 191 -4.75 -0.20 -6.42
C GLY E 191 -3.99 -1.08 -5.45
N TYR E 192 -3.65 -2.30 -5.86
CA TYR E 192 -3.03 -3.27 -4.94
C TYR E 192 -1.64 -3.67 -5.36
N GLY E 193 -0.95 -2.80 -6.10
CA GLY E 193 0.42 -3.03 -6.52
C GLY E 193 0.54 -4.16 -7.53
N ILE E 194 -0.52 -4.41 -8.30
CA ILE E 194 -0.53 -5.46 -9.33
C ILE E 194 -0.53 -4.83 -10.73
N THR E 195 0.31 -5.36 -11.63
CA THR E 195 0.16 -4.96 -13.01
C THR E 195 -0.32 -6.16 -13.83
N VAL E 196 -0.91 -5.85 -14.97
CA VAL E 196 -1.41 -6.86 -15.87
C VAL E 196 -1.11 -6.39 -17.28
N ASN E 197 -0.27 -7.13 -17.99
CA ASN E 197 0.11 -6.83 -19.35
C ASN E 197 0.02 -8.09 -20.20
N ALA E 198 -0.06 -7.90 -21.51
CA ALA E 198 -0.19 -8.96 -22.52
C ALA E 198 1.08 -9.00 -23.39
N VAL E 199 1.57 -10.21 -23.72
CA VAL E 199 2.49 -10.37 -24.85
C VAL E 199 1.68 -10.88 -26.05
N ALA E 200 2.09 -10.49 -27.25
CA ALA E 200 1.37 -10.87 -28.48
C ALA E 200 2.37 -11.45 -29.47
N PRO E 201 2.69 -12.75 -29.34
CA PRO E 201 3.71 -13.30 -30.23
C PRO E 201 3.20 -13.45 -31.67
N GLY E 202 4.12 -13.34 -32.62
CA GLY E 202 3.92 -13.78 -34.01
C GLY E 202 4.20 -15.27 -33.99
N ASN E 203 4.81 -15.78 -35.05
CA ASN E 203 4.97 -17.22 -35.18
C ASN E 203 6.18 -17.73 -34.42
N ILE E 204 5.93 -18.64 -33.49
CA ILE E 204 6.96 -19.12 -32.58
C ILE E 204 7.17 -20.61 -32.79
N GLU E 205 8.43 -21.03 -32.79
CA GLU E 205 8.73 -22.43 -32.95
C GLU E 205 8.45 -23.14 -31.63
N THR E 206 7.33 -23.84 -31.56
CA THR E 206 6.92 -24.62 -30.42
C THR E 206 6.14 -25.81 -30.96
N PRO E 207 5.77 -26.76 -30.10
CA PRO E 207 4.98 -27.89 -30.64
C PRO E 207 3.59 -27.53 -31.17
N MET E 208 3.11 -26.32 -30.89
CA MET E 208 1.83 -25.84 -31.44
C MET E 208 1.90 -25.66 -32.96
N THR E 209 3.04 -25.22 -33.48
CA THR E 209 3.20 -24.93 -34.91
C THR E 209 4.08 -25.97 -35.60
N HIS E 210 4.89 -26.66 -34.82
CA HIS E 210 5.86 -27.61 -35.35
C HIS E 210 5.40 -29.03 -35.09
N ASN E 211 4.47 -29.50 -35.92
CA ASN E 211 3.87 -30.84 -35.83
C ASN E 211 3.23 -31.21 -37.17
N ASP E 212 2.96 -32.51 -37.38
CA ASP E 212 2.38 -33.03 -38.64
C ASP E 212 1.02 -32.42 -39.03
N PHE E 213 0.12 -32.25 -38.06
CA PHE E 213 -1.21 -31.67 -38.34
C PHE E 213 -1.15 -30.27 -38.99
N VAL E 214 -0.25 -29.43 -38.46
CA VAL E 214 -0.06 -28.05 -38.93
C VAL E 214 0.63 -28.04 -40.29
N PHE E 215 1.65 -28.89 -40.41
CA PHE E 215 2.37 -29.05 -41.65
C PHE E 215 1.42 -29.61 -42.70
N GLY E 216 0.68 -30.65 -42.30
CA GLY E 216 -0.29 -31.29 -43.17
C GLY E 216 -1.25 -30.30 -43.82
N THR E 217 -2.08 -29.66 -43.01
CA THR E 217 -3.04 -28.68 -43.52
C THR E 217 -2.40 -27.30 -43.73
N LYS E 228 11.46 -27.46 -44.05
CA LYS E 228 10.02 -27.49 -44.20
C LYS E 228 9.55 -26.98 -45.57
N ASP E 229 8.38 -27.49 -46.00
CA ASP E 229 7.65 -26.96 -47.16
C ASP E 229 6.64 -25.92 -46.66
N VAL E 230 6.64 -25.70 -45.34
CA VAL E 230 5.71 -24.80 -44.66
C VAL E 230 6.29 -23.40 -44.50
N GLU E 231 7.62 -23.32 -44.45
CA GLU E 231 8.33 -22.07 -44.12
C GLU E 231 7.87 -20.83 -44.90
N SER E 232 7.51 -21.02 -46.17
CA SER E 232 7.04 -19.92 -47.02
C SER E 232 5.72 -19.28 -46.56
N VAL E 233 4.82 -20.09 -45.98
CA VAL E 233 3.50 -19.61 -45.55
C VAL E 233 3.62 -18.71 -44.32
N PHE E 234 4.42 -19.19 -43.36
CA PHE E 234 4.72 -18.50 -42.12
C PHE E 234 5.56 -17.24 -42.32
N ALA E 235 6.56 -17.31 -43.21
CA ALA E 235 7.38 -16.13 -43.51
C ALA E 235 6.54 -14.93 -43.98
N SER E 236 5.46 -15.22 -44.72
CA SER E 236 4.60 -14.16 -45.23
C SER E 236 3.80 -13.39 -44.16
N LEU E 237 3.60 -14.02 -43.00
CA LEU E 237 2.89 -13.40 -41.86
C LEU E 237 3.72 -12.33 -41.16
N HIS E 238 5.03 -12.53 -41.16
CA HIS E 238 6.02 -11.61 -40.58
C HIS E 238 6.56 -10.63 -41.63
N LEU E 239 7.03 -9.48 -41.18
CA LEU E 239 7.66 -8.53 -42.08
C LEU E 239 9.11 -8.92 -42.33
N GLN E 240 9.82 -9.29 -41.28
CA GLN E 240 11.20 -9.78 -41.43
C GLN E 240 11.17 -11.19 -42.02
N TYR E 241 12.30 -11.59 -42.61
CA TYR E 241 12.42 -12.85 -43.35
C TYR E 241 12.12 -14.10 -42.52
N ALA E 242 12.61 -14.12 -41.27
CA ALA E 242 12.44 -15.25 -40.31
C ALA E 242 11.02 -15.80 -40.16
N PRO E 243 10.80 -17.05 -40.62
CA PRO E 243 9.49 -17.73 -40.50
C PRO E 243 9.05 -18.05 -39.05
N PHE E 244 9.99 -18.45 -38.18
CA PHE E 244 9.69 -18.65 -36.73
C PHE E 244 10.67 -17.93 -35.80
N LEU E 245 10.17 -17.46 -34.67
CA LEU E 245 10.99 -16.90 -33.61
C LEU E 245 11.25 -17.95 -32.54
N LYS E 246 12.29 -17.75 -31.74
CA LYS E 246 12.59 -18.69 -30.69
C LYS E 246 11.65 -18.38 -29.53
N PRO E 247 11.29 -19.40 -28.73
CA PRO E 247 10.49 -19.18 -27.53
C PRO E 247 11.13 -18.13 -26.66
N GLU E 248 12.47 -18.15 -26.54
CA GLU E 248 13.23 -17.19 -25.71
C GLU E 248 13.06 -15.69 -26.09
N GLU E 249 12.75 -15.42 -27.35
CA GLU E 249 12.45 -14.03 -27.80
C GLU E 249 11.14 -13.49 -27.18
N VAL E 250 10.16 -14.37 -26.96
CA VAL E 250 8.98 -13.98 -26.22
C VAL E 250 9.29 -13.88 -24.72
N THR E 251 10.07 -14.83 -24.24
CA THR E 251 10.40 -14.86 -22.83
C THR E 251 11.06 -13.57 -22.32
N ARG E 252 11.89 -12.95 -23.14
CA ARG E 252 12.57 -11.79 -22.63
C ARG E 252 11.65 -10.57 -22.51
N ALA E 253 10.57 -10.56 -23.31
CA ALA E 253 9.53 -9.55 -23.17
C ALA E 253 8.73 -9.80 -21.89
N VAL E 254 8.47 -11.06 -21.60
CA VAL E 254 7.74 -11.45 -20.39
C VAL E 254 8.52 -11.01 -19.17
N LEU E 255 9.83 -11.22 -19.21
CA LEU E 255 10.68 -10.88 -18.08
C LEU E 255 10.81 -9.37 -17.93
N PHE E 256 10.87 -8.64 -19.05
CA PHE E 256 10.86 -7.19 -18.99
C PHE E 256 9.62 -6.70 -18.21
N LEU E 257 8.48 -7.31 -18.50
CA LEU E 257 7.19 -6.86 -17.96
C LEU E 257 6.96 -7.24 -16.49
N VAL E 258 7.44 -8.42 -16.10
CA VAL E 258 7.18 -8.96 -14.75
C VAL E 258 8.27 -8.51 -13.76
N ASP E 259 9.26 -7.80 -14.27
CA ASP E 259 10.25 -7.19 -13.39
C ASP E 259 9.56 -6.26 -12.38
N GLU E 260 10.04 -6.24 -11.13
CA GLU E 260 9.56 -5.24 -10.16
C GLU E 260 9.64 -3.78 -10.68
N ALA E 261 10.63 -3.47 -11.52
CA ALA E 261 10.81 -2.10 -12.03
C ALA E 261 9.72 -1.67 -13.05
N SER E 262 8.85 -2.61 -13.45
CA SER E 262 7.76 -2.33 -14.41
C SER E 262 6.45 -1.99 -13.70
N SER E 263 6.56 -1.40 -12.52
CA SER E 263 5.43 -1.08 -11.64
C SER E 263 4.43 -0.15 -12.30
N HIS E 264 4.90 0.66 -13.24
CA HIS E 264 4.04 1.65 -13.91
C HIS E 264 3.82 1.35 -15.39
N ILE E 265 4.07 0.09 -15.79
CA ILE E 265 3.59 -0.43 -17.08
C ILE E 265 2.41 -1.38 -16.79
N THR E 266 1.22 -0.96 -17.18
CA THR E 266 0.06 -1.81 -16.99
C THR E 266 -0.93 -1.64 -18.11
N GLY E 267 -1.68 -2.70 -18.40
CA GLY E 267 -2.73 -2.64 -19.43
C GLY E 267 -2.17 -2.60 -20.83
N THR E 268 -0.89 -2.91 -21.00
CA THR E 268 -0.26 -2.78 -22.32
C THR E 268 -0.17 -4.12 -23.04
N VAL E 269 0.15 -4.02 -24.34
CA VAL E 269 0.31 -5.19 -25.22
C VAL E 269 1.67 -5.09 -25.92
N LEU E 270 2.57 -6.02 -25.60
CA LEU E 270 3.89 -6.02 -26.22
C LEU E 270 4.00 -7.06 -27.34
N PRO E 271 4.11 -6.60 -28.60
CA PRO E 271 4.27 -7.58 -29.69
C PRO E 271 5.70 -8.11 -29.82
N ILE E 272 5.85 -9.41 -30.04
CA ILE E 272 7.12 -10.00 -30.47
C ILE E 272 6.79 -10.79 -31.73
N ASP E 273 6.78 -10.08 -32.85
CA ASP E 273 6.21 -10.64 -34.07
C ASP E 273 6.94 -10.23 -35.36
N ALA E 274 8.23 -9.93 -35.24
CA ALA E 274 9.08 -9.87 -36.41
C ALA E 274 8.57 -8.89 -37.46
N GLY E 275 7.97 -7.81 -36.96
CA GLY E 275 7.49 -6.71 -37.80
C GLY E 275 6.08 -6.87 -38.35
N ALA E 276 5.38 -7.92 -37.97
CA ALA E 276 3.96 -8.01 -38.35
C ALA E 276 3.24 -6.74 -37.82
N THR E 277 3.54 -6.32 -36.59
CA THR E 277 2.95 -5.07 -36.04
C THR E 277 3.31 -3.79 -36.80
N ALA E 278 4.42 -3.80 -37.57
CA ALA E 278 4.70 -2.64 -38.39
C ALA E 278 3.59 -2.37 -39.42
N ARG E 279 2.76 -3.38 -39.70
CA ARG E 279 1.73 -3.25 -40.71
C ARG E 279 0.41 -2.71 -40.15
N MET E 280 0.35 -2.50 -38.85
CA MET E 280 -0.97 -2.31 -38.25
C MET E 280 -0.86 -1.63 -36.88
N ILE E 281 -1.97 -1.57 -36.17
CA ILE E 281 -1.95 -1.11 -34.80
C ILE E 281 -1.75 -2.33 -33.88
N ASP F 7 -33.86 1.68 -49.29
CA ASP F 7 -35.02 0.80 -49.70
C ASP F 7 -34.69 -0.69 -49.69
N PHE F 8 -35.25 -1.37 -48.68
CA PHE F 8 -34.99 -2.76 -48.39
C PHE F 8 -36.11 -3.70 -48.88
N GLU F 9 -36.94 -3.20 -49.80
CA GLU F 9 -38.03 -4.01 -50.41
C GLU F 9 -37.45 -5.32 -50.96
N GLY F 10 -38.07 -6.41 -50.53
CA GLY F 10 -37.70 -7.73 -51.02
C GLY F 10 -36.69 -8.41 -50.14
N LYS F 11 -36.10 -7.68 -49.19
CA LYS F 11 -35.11 -8.21 -48.24
C LYS F 11 -35.75 -8.77 -46.95
N THR F 12 -35.11 -9.79 -46.38
CA THR F 12 -35.54 -10.27 -45.07
C THR F 12 -34.39 -10.03 -44.11
N ALA F 13 -34.71 -9.47 -42.95
CA ALA F 13 -33.71 -9.23 -41.90
C ALA F 13 -34.00 -10.04 -40.66
N LEU F 14 -32.95 -10.57 -40.04
CA LEU F 14 -33.06 -11.28 -38.77
C LEU F 14 -32.40 -10.43 -37.67
N ILE F 15 -33.12 -10.12 -36.61
CA ILE F 15 -32.56 -9.34 -35.50
C ILE F 15 -32.72 -10.15 -34.20
N THR F 16 -31.62 -10.51 -33.55
CA THR F 16 -31.72 -11.21 -32.27
C THR F 16 -31.91 -10.20 -31.13
N GLY F 17 -32.58 -10.61 -30.05
CA GLY F 17 -32.90 -9.68 -28.98
C GLY F 17 -33.80 -8.56 -29.51
N GLY F 18 -34.69 -8.91 -30.44
CA GLY F 18 -35.64 -7.97 -31.01
C GLY F 18 -36.80 -7.50 -30.12
N ALA F 19 -36.93 -8.02 -28.90
CA ALA F 19 -38.09 -7.68 -28.05
C ALA F 19 -38.23 -6.23 -27.58
N ARG F 20 -37.11 -5.52 -27.44
CA ARG F 20 -37.12 -4.16 -26.89
C ARG F 20 -35.81 -3.45 -27.21
N GLY F 21 -35.58 -2.26 -26.65
CA GLY F 21 -34.28 -1.60 -26.75
C GLY F 21 -33.87 -1.36 -28.19
N MET F 22 -32.59 -1.53 -28.49
CA MET F 22 -32.06 -1.26 -29.83
C MET F 22 -32.56 -2.29 -30.86
N GLY F 23 -32.76 -3.53 -30.42
CA GLY F 23 -33.24 -4.56 -31.34
C GLY F 23 -34.57 -4.19 -31.97
N ARG F 24 -35.47 -3.64 -31.13
CA ARG F 24 -36.77 -3.14 -31.58
C ARG F 24 -36.58 -1.98 -32.56
N SER F 25 -35.82 -0.98 -32.14
CA SER F 25 -35.52 0.15 -33.01
C SER F 25 -35.03 -0.33 -34.38
N HIS F 26 -34.05 -1.25 -34.41
CA HIS F 26 -33.52 -1.75 -35.69
C HIS F 26 -34.60 -2.43 -36.54
N ALA F 27 -35.48 -3.20 -35.90
CA ALA F 27 -36.47 -4.03 -36.59
C ALA F 27 -37.52 -3.16 -37.24
N VAL F 28 -37.99 -2.15 -36.50
CA VAL F 28 -38.95 -1.18 -37.01
C VAL F 28 -38.34 -0.35 -38.15
N ALA F 29 -37.10 0.11 -38.00
CA ALA F 29 -36.51 0.96 -39.04
C ALA F 29 -36.33 0.19 -40.34
N LEU F 30 -35.88 -1.05 -40.24
CA LEU F 30 -35.71 -1.91 -41.39
C LEU F 30 -37.05 -2.17 -42.06
N ALA F 31 -38.06 -2.38 -41.22
CA ALA F 31 -39.41 -2.62 -41.69
C ALA F 31 -39.96 -1.42 -42.44
N GLU F 32 -39.82 -0.23 -41.87
CA GLU F 32 -40.26 0.99 -42.58
C GLU F 32 -39.52 1.13 -43.91
N ALA F 33 -38.26 0.71 -43.96
CA ALA F 33 -37.41 0.84 -45.15
C ALA F 33 -37.67 -0.23 -46.18
N GLY F 34 -38.45 -1.25 -45.83
CA GLY F 34 -38.90 -2.22 -46.85
C GLY F 34 -38.69 -3.69 -46.51
N ALA F 35 -37.91 -3.97 -45.46
CA ALA F 35 -37.59 -5.35 -45.13
C ALA F 35 -38.72 -6.09 -44.39
N ASP F 36 -38.94 -7.36 -44.71
CA ASP F 36 -39.67 -8.26 -43.81
C ASP F 36 -38.74 -8.71 -42.65
N ILE F 37 -39.31 -9.01 -41.47
CA ILE F 37 -38.56 -9.12 -40.24
C ILE F 37 -38.77 -10.48 -39.55
N ALA F 38 -37.66 -11.13 -39.23
CA ALA F 38 -37.59 -12.22 -38.27
C ALA F 38 -36.90 -11.73 -36.98
N ILE F 39 -37.63 -11.74 -35.86
CA ILE F 39 -37.10 -11.30 -34.57
C ILE F 39 -37.18 -12.44 -33.55
N CYS F 40 -36.13 -12.60 -32.77
CA CYS F 40 -36.17 -13.55 -31.67
C CYS F 40 -35.57 -12.94 -30.41
N ASP F 41 -35.95 -13.50 -29.27
CA ASP F 41 -35.50 -13.02 -27.96
C ASP F 41 -35.66 -14.11 -26.90
N ARG F 42 -34.82 -14.05 -25.87
CA ARG F 42 -34.84 -14.99 -24.76
C ARG F 42 -36.16 -14.93 -23.95
N CYS F 43 -36.73 -13.73 -23.81
CA CYS F 43 -38.05 -13.55 -23.18
C CYS F 43 -38.09 -14.10 -21.75
N GLU F 44 -36.97 -13.98 -21.05
CA GLU F 44 -36.80 -14.42 -19.67
C GLU F 44 -35.58 -13.76 -19.05
N ASN F 45 -35.66 -13.60 -17.74
CA ASN F 45 -34.58 -13.10 -16.90
C ASN F 45 -33.44 -14.10 -16.79
N SER F 46 -32.27 -13.59 -16.40
CA SER F 46 -31.17 -14.44 -15.98
C SER F 46 -30.86 -14.14 -14.52
N ASP F 47 -30.68 -15.21 -13.74
CA ASP F 47 -30.32 -15.09 -12.33
C ASP F 47 -29.01 -14.34 -12.07
N VAL F 48 -28.18 -14.15 -13.08
CA VAL F 48 -26.89 -13.47 -12.89
C VAL F 48 -26.85 -12.09 -13.54
N VAL F 49 -28.01 -11.61 -14.00
CA VAL F 49 -28.12 -10.30 -14.58
C VAL F 49 -29.08 -9.53 -13.70
N GLY F 50 -28.61 -8.42 -13.16
CA GLY F 50 -29.35 -7.74 -12.10
C GLY F 50 -30.65 -7.10 -12.51
N TYR F 51 -30.76 -6.70 -13.78
CA TYR F 51 -31.94 -6.00 -14.28
C TYR F 51 -32.89 -6.96 -15.03
N PRO F 52 -34.18 -6.62 -15.13
CA PRO F 52 -35.02 -7.58 -15.88
C PRO F 52 -34.69 -7.58 -17.38
N LEU F 53 -34.74 -8.76 -17.99
CA LEU F 53 -34.65 -8.90 -19.43
C LEU F 53 -36.06 -8.76 -20.04
N ALA F 54 -36.18 -8.90 -21.36
CA ALA F 54 -37.46 -8.73 -22.05
C ALA F 54 -38.45 -9.84 -21.71
N THR F 55 -39.73 -9.55 -21.93
CA THR F 55 -40.81 -10.51 -21.80
C THR F 55 -41.40 -10.88 -23.17
N ALA F 56 -42.21 -11.95 -23.17
CA ALA F 56 -42.98 -12.37 -24.35
C ALA F 56 -43.92 -11.25 -24.80
N ASP F 57 -44.52 -10.54 -23.85
CA ASP F 57 -45.29 -9.32 -24.16
C ASP F 57 -44.49 -8.27 -24.93
N ASP F 58 -43.24 -8.03 -24.52
CA ASP F 58 -42.36 -7.06 -25.21
C ASP F 58 -42.19 -7.50 -26.65
N LEU F 59 -41.92 -8.79 -26.84
CA LEU F 59 -41.68 -9.33 -28.17
C LEU F 59 -42.91 -9.17 -29.10
N ALA F 60 -44.11 -9.34 -28.52
CA ALA F 60 -45.37 -9.27 -29.27
C ALA F 60 -45.64 -7.83 -29.69
N GLU F 61 -45.23 -6.92 -28.81
CA GLU F 61 -45.25 -5.50 -29.07
C GLU F 61 -44.35 -5.09 -30.27
N THR F 62 -43.12 -5.59 -30.32
CA THR F 62 -42.27 -5.35 -31.49
C THR F 62 -42.97 -5.84 -32.76
N VAL F 63 -43.51 -7.06 -32.70
CA VAL F 63 -44.18 -7.67 -33.85
C VAL F 63 -45.32 -6.78 -34.36
N ALA F 64 -46.14 -6.26 -33.46
CA ALA F 64 -47.25 -5.41 -33.85
C ALA F 64 -46.71 -4.11 -34.47
N LEU F 65 -45.63 -3.56 -33.91
CA LEU F 65 -44.98 -2.38 -34.47
C LEU F 65 -44.46 -2.61 -35.91
N VAL F 66 -43.80 -3.75 -36.13
CA VAL F 66 -43.37 -4.16 -37.48
C VAL F 66 -44.59 -4.28 -38.44
N GLU F 67 -45.64 -4.98 -38.01
CA GLU F 67 -46.81 -5.26 -38.87
C GLU F 67 -47.58 -4.00 -39.22
N LYS F 68 -47.46 -3.00 -38.36
CA LYS F 68 -48.06 -1.70 -38.56
C LYS F 68 -47.43 -0.94 -39.74
N THR F 69 -46.19 -1.31 -40.10
CA THR F 69 -45.52 -0.68 -41.23
C THR F 69 -46.00 -1.24 -42.57
N GLY F 70 -46.76 -2.34 -42.51
CA GLY F 70 -47.15 -3.08 -43.72
C GLY F 70 -46.29 -4.31 -43.97
N ARG F 71 -45.22 -4.48 -43.20
CA ARG F 71 -44.34 -5.63 -43.38
C ARG F 71 -44.88 -6.93 -42.78
N ARG F 72 -44.39 -8.06 -43.27
CA ARG F 72 -44.59 -9.35 -42.63
C ARG F 72 -43.51 -9.57 -41.55
N CYS F 73 -43.91 -10.25 -40.47
CA CYS F 73 -43.04 -10.49 -39.33
C CYS F 73 -43.30 -11.88 -38.72
N ILE F 74 -42.22 -12.57 -38.34
CA ILE F 74 -42.32 -13.76 -37.49
C ILE F 74 -41.46 -13.56 -36.26
N SER F 75 -41.85 -14.20 -35.17
CA SER F 75 -41.11 -14.07 -33.92
C SER F 75 -40.97 -15.43 -33.30
N ALA F 76 -39.96 -15.59 -32.45
CA ALA F 76 -39.82 -16.80 -31.67
C ALA F 76 -39.06 -16.50 -30.39
N LYS F 77 -39.37 -17.29 -29.36
CA LYS F 77 -38.58 -17.27 -28.16
C LYS F 77 -37.35 -18.13 -28.45
N VAL F 78 -36.17 -17.48 -28.46
CA VAL F 78 -34.90 -18.17 -28.73
C VAL F 78 -33.80 -17.64 -27.79
N ASP F 79 -33.02 -18.56 -27.19
CA ASP F 79 -31.79 -18.24 -26.48
C ASP F 79 -30.65 -18.35 -27.51
N VAL F 80 -29.95 -17.24 -27.75
CA VAL F 80 -28.82 -17.25 -28.70
C VAL F 80 -27.63 -18.11 -28.28
N LYS F 81 -27.51 -18.46 -27.01
CA LYS F 81 -26.49 -19.46 -26.60
C LYS F 81 -26.76 -20.86 -27.20
N ASP F 82 -27.95 -21.07 -27.74
CA ASP F 82 -28.36 -22.39 -28.26
C ASP F 82 -28.35 -22.34 -29.78
N ARG F 83 -27.26 -22.83 -30.37
CA ARG F 83 -27.05 -22.71 -31.83
C ARG F 83 -28.15 -23.41 -32.62
N ALA F 84 -28.52 -24.60 -32.16
CA ALA F 84 -29.50 -25.42 -32.85
C ALA F 84 -30.88 -24.77 -32.86
N ALA F 85 -31.17 -24.02 -31.79
CA ALA F 85 -32.44 -23.27 -31.70
C ALA F 85 -32.41 -22.13 -32.73
N LEU F 86 -31.29 -21.40 -32.80
CA LEU F 86 -31.10 -20.37 -33.82
C LEU F 86 -31.29 -20.95 -35.20
N GLU F 87 -30.74 -22.13 -35.42
CA GLU F 87 -30.75 -22.77 -36.72
C GLU F 87 -32.14 -23.19 -37.19
N SER F 88 -32.93 -23.76 -36.29
CA SER F 88 -34.32 -24.06 -36.64
C SER F 88 -35.14 -22.76 -36.80
N PHE F 89 -34.81 -21.68 -36.08
CA PHE F 89 -35.56 -20.43 -36.29
C PHE F 89 -35.25 -19.83 -37.66
N VAL F 90 -33.99 -19.96 -38.09
CA VAL F 90 -33.58 -19.50 -39.41
C VAL F 90 -34.39 -20.24 -40.48
N ALA F 91 -34.55 -21.55 -40.30
CA ALA F 91 -35.32 -22.39 -41.22
C ALA F 91 -36.81 -22.00 -41.27
N GLU F 92 -37.46 -21.89 -40.11
CA GLU F 92 -38.83 -21.37 -40.05
C GLU F 92 -38.97 -20.04 -40.80
N ALA F 93 -38.02 -19.13 -40.56
CA ALA F 93 -38.05 -17.78 -41.12
C ALA F 93 -37.89 -17.77 -42.63
N GLU F 94 -37.01 -18.61 -43.14
CA GLU F 94 -36.82 -18.72 -44.59
C GLU F 94 -38.04 -19.36 -45.30
N ASP F 95 -38.61 -20.40 -44.71
CA ASP F 95 -39.86 -21.00 -45.21
C ASP F 95 -41.00 -19.98 -45.35
N THR F 96 -41.12 -19.11 -44.36
CA THR F 96 -42.19 -18.10 -44.31
C THR F 96 -41.86 -16.80 -45.07
N LEU F 97 -40.65 -16.28 -44.90
CA LEU F 97 -40.30 -14.96 -45.41
C LEU F 97 -39.25 -14.94 -46.52
N GLY F 98 -38.78 -16.12 -46.92
CA GLY F 98 -37.68 -16.25 -47.88
C GLY F 98 -36.33 -16.07 -47.20
N GLY F 99 -35.27 -16.27 -47.95
CA GLY F 99 -33.91 -16.26 -47.40
C GLY F 99 -33.51 -14.96 -46.70
N ILE F 100 -32.76 -15.08 -45.63
CA ILE F 100 -32.37 -13.94 -44.80
C ILE F 100 -31.19 -13.24 -45.45
N ASP F 101 -31.30 -11.93 -45.65
CA ASP F 101 -30.29 -11.14 -46.37
C ASP F 101 -29.43 -10.33 -45.40
N ILE F 102 -30.01 -10.09 -44.23
CA ILE F 102 -29.51 -9.12 -43.28
C ILE F 102 -29.65 -9.78 -41.90
N ALA F 103 -28.58 -9.71 -41.11
CA ALA F 103 -28.64 -10.26 -39.77
C ALA F 103 -27.98 -9.29 -38.81
N ILE F 104 -28.68 -8.97 -37.72
CA ILE F 104 -28.14 -8.09 -36.69
C ILE F 104 -28.08 -8.86 -35.39
N THR F 105 -26.87 -9.12 -34.91
CA THR F 105 -26.65 -9.91 -33.72
C THR F 105 -26.66 -9.01 -32.49
N ASN F 106 -27.87 -8.57 -32.15
CA ASN F 106 -28.11 -7.57 -31.15
C ASN F 106 -28.31 -8.13 -29.74
N ALA F 107 -28.87 -9.32 -29.58
CA ALA F 107 -28.98 -9.95 -28.23
C ALA F 107 -27.69 -9.78 -27.39
N GLY F 108 -27.87 -9.22 -26.21
CA GLY F 108 -26.75 -9.05 -25.31
C GLY F 108 -27.18 -8.63 -23.92
N ILE F 109 -26.25 -8.75 -22.98
CA ILE F 109 -26.48 -8.46 -21.56
C ILE F 109 -25.25 -7.78 -20.97
N SER F 110 -25.46 -6.98 -19.93
CA SER F 110 -24.40 -6.27 -19.23
C SER F 110 -24.34 -6.69 -17.75
N THR F 111 -23.14 -6.76 -17.19
CA THR F 111 -23.03 -7.03 -15.75
C THR F 111 -21.97 -6.14 -15.18
N ILE F 112 -21.99 -5.99 -13.87
CA ILE F 112 -20.97 -5.21 -13.15
C ILE F 112 -20.49 -6.08 -12.01
N ALA F 113 -19.18 -6.35 -11.99
CA ALA F 113 -18.53 -7.14 -10.94
C ALA F 113 -17.01 -7.06 -11.04
N LEU F 114 -16.39 -6.75 -9.89
CA LEU F 114 -14.94 -6.54 -9.82
C LEU F 114 -14.28 -7.88 -9.72
N LEU F 115 -13.18 -8.06 -10.46
CA LEU F 115 -12.22 -9.13 -10.14
C LEU F 115 -11.64 -8.93 -8.75
N PRO F 116 -11.34 -10.03 -8.02
CA PRO F 116 -11.40 -11.43 -8.44
C PRO F 116 -12.77 -12.07 -8.19
N GLU F 117 -13.66 -11.37 -7.49
CA GLU F 117 -14.98 -11.93 -7.10
C GLU F 117 -15.99 -11.88 -8.24
N VAL F 118 -15.60 -12.32 -9.42
CA VAL F 118 -16.56 -12.48 -10.49
C VAL F 118 -16.97 -13.95 -10.50
N GLU F 119 -18.26 -14.20 -10.27
CA GLU F 119 -18.82 -15.56 -10.27
C GLU F 119 -18.70 -16.22 -11.63
N SER F 120 -18.21 -17.45 -11.67
CA SER F 120 -18.06 -18.22 -12.94
C SER F 120 -19.35 -18.27 -13.79
N ALA F 121 -20.48 -18.41 -13.10
CA ALA F 121 -21.81 -18.38 -13.71
C ALA F 121 -22.10 -17.08 -14.45
N GLN F 122 -21.66 -15.96 -13.88
CA GLN F 122 -21.93 -14.67 -14.48
C GLN F 122 -21.01 -14.51 -15.72
N TRP F 123 -19.73 -14.80 -15.55
CA TRP F 123 -18.80 -14.88 -16.68
C TRP F 123 -19.35 -15.76 -17.82
N ASP F 124 -19.80 -16.97 -17.51
CA ASP F 124 -20.27 -17.91 -18.56
C ASP F 124 -21.46 -17.32 -19.33
N GLU F 125 -22.37 -16.69 -18.62
CA GLU F 125 -23.58 -16.16 -19.21
C GLU F 125 -23.29 -14.97 -20.13
N VAL F 126 -22.39 -14.11 -19.69
CA VAL F 126 -22.00 -12.92 -20.45
C VAL F 126 -21.19 -13.28 -21.67
N ILE F 127 -20.09 -14.03 -21.50
CA ILE F 127 -19.36 -14.57 -22.64
C ILE F 127 -20.33 -15.35 -23.55
N GLY F 128 -21.22 -16.13 -22.94
CA GLY F 128 -22.12 -17.03 -23.72
C GLY F 128 -23.14 -16.29 -24.58
N THR F 129 -23.90 -15.37 -23.99
CA THR F 129 -24.85 -14.53 -24.74
C THR F 129 -24.18 -13.58 -25.73
N ASN F 130 -23.21 -12.79 -25.25
CA ASN F 130 -22.64 -11.69 -26.04
C ASN F 130 -21.69 -12.15 -27.13
N LEU F 131 -20.87 -13.13 -26.82
CA LEU F 131 -19.80 -13.54 -27.73
C LEU F 131 -20.18 -14.83 -28.46
N THR F 132 -20.38 -15.91 -27.71
CA THR F 132 -20.78 -17.17 -28.30
C THR F 132 -22.10 -17.03 -29.04
N GLY F 133 -23.01 -16.23 -28.51
CA GLY F 133 -24.32 -15.97 -29.13
C GLY F 133 -24.24 -15.26 -30.47
N THR F 134 -23.23 -14.42 -30.63
CA THR F 134 -22.96 -13.77 -31.91
C THR F 134 -22.39 -14.75 -32.91
N PHE F 135 -21.46 -15.57 -32.44
CA PHE F 135 -20.93 -16.67 -33.24
C PHE F 135 -22.01 -17.66 -33.71
N ASN F 136 -22.89 -18.09 -32.80
CA ASN F 136 -24.05 -18.90 -33.12
C ASN F 136 -24.97 -18.28 -34.15
N THR F 137 -25.13 -16.96 -34.07
CA THR F 137 -26.05 -16.29 -34.99
C THR F 137 -25.45 -16.20 -36.39
N ILE F 138 -24.19 -15.81 -36.48
CA ILE F 138 -23.50 -15.78 -37.77
C ILE F 138 -23.56 -17.18 -38.36
N ALA F 139 -23.21 -18.18 -37.56
CA ALA F 139 -23.12 -19.56 -38.08
C ALA F 139 -24.49 -20.06 -38.49
N ALA F 140 -25.54 -19.58 -37.83
CA ALA F 140 -26.90 -19.95 -38.20
C ALA F 140 -27.32 -19.40 -39.56
N VAL F 141 -26.94 -18.15 -39.84
CA VAL F 141 -27.41 -17.44 -41.04
C VAL F 141 -26.49 -17.59 -42.26
N ALA F 142 -25.22 -17.87 -42.02
CA ALA F 142 -24.20 -17.91 -43.08
C ALA F 142 -24.37 -18.90 -44.22
N PRO F 143 -24.82 -20.15 -43.92
CA PRO F 143 -25.07 -21.10 -45.01
C PRO F 143 -26.06 -20.57 -46.05
N GLY F 144 -27.22 -20.07 -45.60
CA GLY F 144 -28.21 -19.48 -46.51
C GLY F 144 -27.60 -18.32 -47.29
N MET F 145 -26.89 -17.39 -46.61
CA MET F 145 -26.28 -16.26 -47.35
C MET F 145 -25.19 -16.72 -48.33
N ILE F 146 -24.48 -17.77 -47.96
CA ILE F 146 -23.40 -18.29 -48.82
C ILE F 146 -24.05 -18.89 -50.07
N LYS F 147 -25.12 -19.66 -49.87
CA LYS F 147 -25.89 -20.27 -50.93
C LYS F 147 -26.47 -19.20 -51.87
N ARG F 148 -27.01 -18.12 -51.31
CA ARG F 148 -27.63 -17.06 -52.13
C ARG F 148 -26.64 -16.03 -52.62
N ASN F 149 -25.39 -16.14 -52.18
CA ASN F 149 -24.32 -15.19 -52.52
C ASN F 149 -24.63 -13.72 -52.15
N TYR F 150 -25.23 -13.51 -50.97
CA TYR F 150 -25.53 -12.16 -50.49
C TYR F 150 -25.83 -12.15 -49.00
N GLY F 151 -25.20 -11.20 -48.31
CA GLY F 151 -25.52 -10.97 -46.90
C GLY F 151 -24.88 -9.71 -46.38
N ARG F 152 -25.56 -9.11 -45.40
CA ARG F 152 -25.07 -7.99 -44.63
C ARG F 152 -25.29 -8.35 -43.18
N ILE F 153 -24.20 -8.56 -42.45
CA ILE F 153 -24.22 -8.92 -41.04
C ILE F 153 -23.64 -7.76 -40.25
N VAL F 154 -24.35 -7.34 -39.20
CA VAL F 154 -23.86 -6.30 -38.32
C VAL F 154 -23.83 -6.92 -36.94
N THR F 155 -22.67 -6.90 -36.31
CA THR F 155 -22.57 -7.32 -34.92
C THR F 155 -22.60 -6.11 -34.02
N VAL F 156 -22.94 -6.31 -32.75
CA VAL F 156 -22.99 -5.21 -31.82
C VAL F 156 -21.90 -5.37 -30.79
N SER F 157 -20.88 -4.53 -30.89
CA SER F 157 -19.88 -4.49 -29.86
C SER F 157 -20.29 -3.37 -28.88
N SER F 158 -19.35 -2.51 -28.51
CA SER F 158 -19.57 -1.46 -27.55
C SER F 158 -18.37 -0.55 -27.57
N MET F 159 -18.55 0.68 -27.11
CA MET F 159 -17.41 1.54 -26.73
C MET F 159 -16.40 0.77 -25.85
N LEU F 160 -16.92 -0.07 -24.95
CA LEU F 160 -16.10 -1.01 -24.19
C LEU F 160 -15.48 -2.17 -25.00
N GLY F 161 -15.86 -2.37 -26.24
CA GLY F 161 -15.18 -3.36 -27.09
C GLY F 161 -13.85 -2.89 -27.67
N HIS F 162 -13.52 -1.61 -27.44
CA HIS F 162 -12.19 -1.09 -27.74
C HIS F 162 -11.65 -0.16 -26.63
N SER F 163 -12.14 -0.35 -25.41
CA SER F 163 -11.59 0.27 -24.21
C SER F 163 -11.78 -0.71 -23.02
N ALA F 164 -11.59 -0.23 -21.80
CA ALA F 164 -11.93 -0.98 -20.59
C ALA F 164 -12.30 0.02 -19.50
N ASN F 165 -13.02 -0.48 -18.49
CA ASN F 165 -13.39 0.28 -17.29
C ASN F 165 -13.27 -0.66 -16.08
N PHE F 166 -13.58 -0.17 -14.88
CA PHE F 166 -13.60 -0.97 -13.65
C PHE F 166 -14.84 -1.88 -13.62
N ALA F 167 -14.67 -3.07 -13.04
CA ALA F 167 -15.75 -4.03 -12.72
C ALA F 167 -16.52 -4.54 -13.95
N GLN F 168 -15.83 -4.69 -15.08
CA GLN F 168 -16.45 -5.04 -16.37
CA GLN F 168 -16.51 -5.12 -16.32
C GLN F 168 -15.75 -6.17 -17.15
N ALA F 169 -14.94 -6.99 -16.49
CA ALA F 169 -14.16 -8.02 -17.18
C ALA F 169 -14.95 -8.93 -18.14
N SER F 170 -16.10 -9.42 -17.68
CA SER F 170 -16.93 -10.31 -18.50
C SER F 170 -17.40 -9.57 -19.75
N TYR F 171 -18.01 -8.40 -19.53
CA TYR F 171 -18.63 -7.62 -20.61
C TYR F 171 -17.65 -7.11 -21.66
N VAL F 172 -16.61 -6.43 -21.18
CA VAL F 172 -15.50 -5.98 -22.02
C VAL F 172 -14.81 -7.14 -22.79
N SER F 173 -14.51 -8.24 -22.10
CA SER F 173 -13.90 -9.39 -22.77
C SER F 173 -14.81 -9.88 -23.90
N SER F 174 -16.12 -9.85 -23.67
CA SER F 174 -17.06 -10.33 -24.71
C SER F 174 -17.11 -9.35 -25.90
N LYS F 175 -17.16 -8.05 -25.61
CA LYS F 175 -17.26 -7.01 -26.65
C LYS F 175 -15.97 -6.86 -27.53
N TRP F 176 -14.79 -7.05 -26.91
CA TRP F 176 -13.50 -7.23 -27.62
C TRP F 176 -13.56 -8.45 -28.49
N GLY F 177 -13.94 -9.59 -27.89
CA GLY F 177 -14.19 -10.84 -28.62
C GLY F 177 -15.02 -10.65 -29.89
N VAL F 178 -16.10 -9.87 -29.78
CA VAL F 178 -17.03 -9.64 -30.87
C VAL F 178 -16.39 -8.97 -32.08
N ILE F 179 -15.48 -8.04 -31.79
CA ILE F 179 -14.76 -7.34 -32.82
C ILE F 179 -13.82 -8.26 -33.55
N GLY F 180 -13.03 -9.03 -32.80
CA GLY F 180 -12.20 -10.06 -33.46
C GLY F 180 -13.06 -11.01 -34.29
N LEU F 181 -14.20 -11.47 -33.74
CA LEU F 181 -15.08 -12.38 -34.50
C LEU F 181 -15.61 -11.74 -35.80
N THR F 182 -16.17 -10.53 -35.69
CA THR F 182 -16.59 -9.72 -36.85
C THR F 182 -15.58 -9.77 -38.01
N LYS F 183 -14.31 -9.51 -37.66
CA LYS F 183 -13.22 -9.43 -38.62
C LYS F 183 -12.93 -10.78 -39.29
N CYS F 184 -13.01 -11.85 -38.50
CA CYS F 184 -12.92 -13.21 -38.98
C CYS F 184 -14.08 -13.62 -39.88
N ALA F 185 -15.27 -13.23 -39.50
CA ALA F 185 -16.42 -13.61 -40.31
C ALA F 185 -16.26 -12.86 -41.60
N ALA F 186 -15.76 -11.62 -41.55
CA ALA F 186 -15.64 -10.81 -42.77
C ALA F 186 -14.61 -11.48 -43.71
N HIS F 187 -13.62 -12.15 -43.13
CA HIS F 187 -12.68 -13.00 -43.91
C HIS F 187 -13.31 -14.23 -44.55
N ASP F 188 -13.95 -15.08 -43.74
CA ASP F 188 -14.45 -16.38 -44.24
C ASP F 188 -15.54 -16.24 -45.26
N LEU F 189 -16.38 -15.21 -45.08
CA LEU F 189 -17.56 -15.02 -45.91
C LEU F 189 -17.31 -14.09 -47.09
N VAL F 190 -16.08 -13.60 -47.23
CA VAL F 190 -15.76 -12.51 -48.15
C VAL F 190 -16.16 -12.76 -49.62
N GLY F 191 -15.83 -13.96 -50.12
CA GLY F 191 -16.00 -14.30 -51.53
C GLY F 191 -17.43 -14.60 -51.93
N TYR F 192 -18.34 -14.55 -50.95
CA TYR F 192 -19.76 -14.84 -51.21
C TYR F 192 -20.68 -13.62 -51.14
N GLY F 193 -20.16 -12.43 -51.43
CA GLY F 193 -20.99 -11.21 -51.44
C GLY F 193 -21.61 -10.90 -50.08
N ILE F 194 -20.91 -11.29 -49.01
CA ILE F 194 -21.35 -11.05 -47.63
C ILE F 194 -20.39 -10.09 -46.96
N THR F 195 -20.95 -9.05 -46.31
CA THR F 195 -20.18 -8.16 -45.44
C THR F 195 -20.53 -8.38 -43.98
N VAL F 196 -19.57 -8.11 -43.10
CA VAL F 196 -19.76 -8.23 -41.68
C VAL F 196 -19.12 -7.03 -41.03
N ASN F 197 -19.91 -6.23 -40.33
CA ASN F 197 -19.36 -5.07 -39.64
C ASN F 197 -19.97 -4.99 -38.26
N ALA F 198 -19.29 -4.26 -37.36
CA ALA F 198 -19.76 -4.00 -35.99
C ALA F 198 -20.20 -2.54 -35.81
N VAL F 199 -21.26 -2.32 -35.07
CA VAL F 199 -21.51 -1.02 -34.48
C VAL F 199 -21.01 -1.11 -33.03
N ALA F 200 -20.46 0.00 -32.53
CA ALA F 200 -19.98 0.12 -31.17
C ALA F 200 -20.64 1.32 -30.46
N PRO F 201 -21.80 1.09 -29.83
CA PRO F 201 -22.47 2.19 -29.18
C PRO F 201 -21.82 2.66 -27.89
N GLY F 202 -21.97 3.95 -27.60
CA GLY F 202 -21.69 4.53 -26.27
C GLY F 202 -22.86 4.25 -25.36
N ASN F 203 -23.20 5.17 -24.44
CA ASN F 203 -24.36 4.97 -23.56
C ASN F 203 -25.67 5.23 -24.32
N ILE F 204 -26.51 4.21 -24.40
CA ILE F 204 -27.77 4.29 -25.11
C ILE F 204 -28.93 4.16 -24.13
N GLU F 205 -29.92 5.03 -24.26
CA GLU F 205 -31.12 4.87 -23.44
C GLU F 205 -31.96 3.64 -23.87
N THR F 206 -31.90 2.58 -23.07
CA THR F 206 -32.66 1.34 -23.25
C THR F 206 -32.91 0.76 -21.85
N PRO F 207 -33.72 -0.34 -21.73
CA PRO F 207 -33.86 -0.92 -20.38
C PRO F 207 -32.61 -1.65 -19.83
N MET F 208 -31.53 -1.73 -20.63
CA MET F 208 -30.25 -2.23 -20.13
C MET F 208 -29.64 -1.27 -19.11
N THR F 209 -29.77 0.03 -19.37
CA THR F 209 -29.09 1.07 -18.59
C THR F 209 -30.07 1.84 -17.71
N HIS F 210 -31.33 1.96 -18.16
CA HIS F 210 -32.37 2.64 -17.40
C HIS F 210 -33.22 1.65 -16.60
N ASN F 211 -32.78 1.33 -15.39
CA ASN F 211 -33.49 0.39 -14.51
C ASN F 211 -32.98 0.62 -13.08
N ASP F 212 -33.78 0.22 -12.08
CA ASP F 212 -33.37 0.41 -10.68
C ASP F 212 -32.02 -0.25 -10.31
N PHE F 213 -31.69 -1.40 -10.90
CA PHE F 213 -30.46 -2.15 -10.55
C PHE F 213 -29.16 -1.43 -10.92
N VAL F 214 -29.09 -0.99 -12.18
CA VAL F 214 -27.97 -0.17 -12.64
C VAL F 214 -27.87 1.10 -11.79
N PHE F 215 -29.01 1.76 -11.59
CA PHE F 215 -29.04 3.00 -10.82
C PHE F 215 -28.49 2.79 -9.41
N GLY F 216 -29.03 1.78 -8.70
CA GLY F 216 -28.61 1.40 -7.35
C GLY F 216 -27.15 0.95 -7.19
N THR F 217 -26.58 0.42 -8.28
CA THR F 217 -25.18 -0.01 -8.33
C THR F 217 -24.25 1.18 -8.55
N MET F 218 -24.69 2.19 -9.29
CA MET F 218 -23.87 3.38 -9.54
C MET F 218 -23.85 4.34 -8.37
N ARG F 219 -24.92 4.32 -7.58
CA ARG F 219 -25.06 5.21 -6.44
C ARG F 219 -25.44 4.39 -5.23
N PRO F 220 -24.48 3.60 -4.70
CA PRO F 220 -24.73 2.83 -3.46
C PRO F 220 -24.87 3.73 -2.22
N ASP F 221 -24.44 5.00 -2.32
CA ASP F 221 -24.55 5.93 -1.19
C ASP F 221 -25.98 6.41 -0.91
N LEU F 222 -26.85 6.27 -1.91
CA LEU F 222 -28.24 6.76 -1.86
C LEU F 222 -29.24 5.62 -1.78
N GLU F 223 -30.32 5.80 -1.03
CA GLU F 223 -31.27 4.72 -0.78
C GLU F 223 -32.12 4.38 -1.99
N LYS F 224 -32.48 5.42 -2.76
CA LYS F 224 -33.35 5.27 -3.92
C LYS F 224 -32.93 6.20 -5.08
N PRO F 225 -31.89 5.80 -5.84
CA PRO F 225 -31.37 6.72 -6.84
C PRO F 225 -32.22 6.77 -8.10
N THR F 226 -32.25 7.93 -8.73
CA THR F 226 -32.98 8.13 -9.97
C THR F 226 -31.99 8.56 -11.08
N LEU F 227 -32.50 8.75 -12.30
CA LEU F 227 -31.67 9.18 -13.44
C LEU F 227 -30.75 10.35 -13.09
N LYS F 228 -31.27 11.37 -12.41
CA LYS F 228 -30.47 12.57 -12.09
C LYS F 228 -29.24 12.28 -11.21
N ASP F 229 -29.29 11.20 -10.46
CA ASP F 229 -28.22 10.85 -9.52
C ASP F 229 -27.07 10.12 -10.21
N VAL F 230 -27.36 9.63 -11.40
CA VAL F 230 -26.50 8.71 -12.14
C VAL F 230 -26.00 9.37 -13.46
N GLU F 231 -26.62 10.48 -13.85
CA GLU F 231 -26.30 11.15 -15.13
C GLU F 231 -24.85 11.58 -15.33
N SER F 232 -24.23 12.18 -14.33
CA SER F 232 -22.86 12.66 -14.51
C SER F 232 -21.89 11.51 -14.73
N VAL F 233 -22.15 10.38 -14.07
CA VAL F 233 -21.29 9.22 -14.23
C VAL F 233 -21.35 8.65 -15.65
N PHE F 234 -22.56 8.55 -16.22
CA PHE F 234 -22.68 8.15 -17.62
C PHE F 234 -22.09 9.22 -18.57
N ALA F 235 -22.36 10.50 -18.28
CA ALA F 235 -21.82 11.62 -19.07
C ALA F 235 -20.29 11.63 -19.15
N SER F 236 -19.63 11.22 -18.07
CA SER F 236 -18.18 11.18 -17.99
C SER F 236 -17.54 10.20 -19.00
N LEU F 237 -18.34 9.25 -19.52
CA LEU F 237 -17.84 8.33 -20.53
C LEU F 237 -17.92 8.91 -21.94
N HIS F 238 -18.78 9.91 -22.11
CA HIS F 238 -18.90 10.61 -23.39
C HIS F 238 -18.03 11.86 -23.40
N LEU F 239 -17.64 12.33 -24.58
CA LEU F 239 -17.05 13.66 -24.73
C LEU F 239 -18.14 14.72 -24.78
N GLN F 240 -19.13 14.49 -25.65
CA GLN F 240 -20.23 15.42 -25.79
C GLN F 240 -21.07 15.37 -24.51
N TYR F 241 -21.88 16.40 -24.29
CA TYR F 241 -22.56 16.55 -23.00
C TYR F 241 -23.64 15.51 -22.71
N ALA F 242 -24.33 15.04 -23.75
CA ALA F 242 -25.41 14.03 -23.61
C ALA F 242 -25.05 12.77 -22.78
N PRO F 243 -25.74 12.55 -21.65
CA PRO F 243 -25.44 11.33 -20.88
C PRO F 243 -25.84 10.04 -21.61
N PHE F 244 -26.92 10.10 -22.37
CA PHE F 244 -27.43 8.98 -23.16
C PHE F 244 -27.85 9.39 -24.59
N LEU F 245 -27.71 8.46 -25.52
CA LEU F 245 -28.16 8.62 -26.91
C LEU F 245 -29.39 7.78 -27.14
N LYS F 246 -30.17 8.15 -28.15
CA LYS F 246 -31.37 7.41 -28.50
C LYS F 246 -30.99 6.14 -29.28
N PRO F 247 -31.73 5.03 -29.07
CA PRO F 247 -31.51 3.81 -29.87
C PRO F 247 -31.46 4.08 -31.38
N GLU F 248 -32.24 5.05 -31.85
CA GLU F 248 -32.33 5.36 -33.28
C GLU F 248 -31.04 5.87 -33.93
N GLU F 249 -30.17 6.47 -33.10
CA GLU F 249 -28.90 7.04 -33.54
C GLU F 249 -27.96 5.90 -33.88
N VAL F 250 -28.11 4.79 -33.15
CA VAL F 250 -27.40 3.55 -33.53
C VAL F 250 -28.03 2.88 -34.75
N THR F 251 -29.35 2.81 -34.78
CA THR F 251 -30.10 2.25 -35.90
C THR F 251 -29.66 2.83 -37.23
N ARG F 252 -29.55 4.15 -37.29
CA ARG F 252 -29.20 4.75 -38.59
C ARG F 252 -27.80 4.30 -39.06
N ALA F 253 -26.86 4.07 -38.14
CA ALA F 253 -25.57 3.46 -38.49
C ALA F 253 -25.75 2.01 -39.00
N VAL F 254 -26.61 1.27 -38.35
CA VAL F 254 -26.94 -0.08 -38.79
C VAL F 254 -27.44 -0.06 -40.23
N LEU F 255 -28.46 0.74 -40.51
CA LEU F 255 -28.97 0.91 -41.89
C LEU F 255 -27.89 1.29 -42.92
N PHE F 256 -26.98 2.20 -42.54
CA PHE F 256 -25.90 2.61 -43.42
C PHE F 256 -25.11 1.38 -43.82
N LEU F 257 -24.76 0.55 -42.83
CA LEU F 257 -23.92 -0.64 -43.05
C LEU F 257 -24.65 -1.74 -43.86
N VAL F 258 -25.91 -2.04 -43.52
CA VAL F 258 -26.61 -3.15 -44.17
C VAL F 258 -27.16 -2.80 -45.57
N ASP F 259 -26.97 -1.55 -46.01
CA ASP F 259 -27.36 -1.16 -47.38
C ASP F 259 -26.65 -2.02 -48.37
N GLU F 260 -27.36 -2.36 -49.43
CA GLU F 260 -26.76 -2.99 -50.60
C GLU F 260 -25.58 -2.18 -51.14
N ALA F 261 -25.69 -0.85 -51.09
CA ALA F 261 -24.56 0.00 -51.52
C ALA F 261 -23.30 -0.08 -50.65
N SER F 262 -23.38 -0.75 -49.50
CA SER F 262 -22.19 -0.92 -48.64
C SER F 262 -21.42 -2.21 -48.94
N SER F 263 -21.49 -2.67 -50.20
CA SER F 263 -20.81 -3.91 -50.64
C SER F 263 -19.29 -3.95 -50.38
N HIS F 264 -18.69 -2.78 -50.21
CA HIS F 264 -17.25 -2.70 -50.10
C HIS F 264 -16.80 -2.16 -48.77
N ILE F 265 -17.70 -2.18 -47.79
CA ILE F 265 -17.33 -1.88 -46.43
C ILE F 265 -17.47 -3.20 -45.65
N THR F 266 -16.35 -3.76 -45.22
CA THR F 266 -16.41 -5.00 -44.44
C THR F 266 -15.27 -5.01 -43.42
N GLY F 267 -15.54 -5.62 -42.26
CA GLY F 267 -14.51 -5.78 -41.26
C GLY F 267 -14.34 -4.53 -40.41
N THR F 268 -15.30 -3.61 -40.48
CA THR F 268 -15.17 -2.32 -39.83
C THR F 268 -15.98 -2.22 -38.51
N VAL F 269 -15.65 -1.21 -37.72
CA VAL F 269 -16.32 -0.91 -36.46
C VAL F 269 -16.75 0.54 -36.55
N LEU F 270 -18.06 0.79 -36.47
CA LEU F 270 -18.65 2.13 -36.53
C LEU F 270 -19.09 2.54 -35.13
N PRO F 271 -18.37 3.48 -34.50
CA PRO F 271 -18.74 3.93 -33.18
C PRO F 271 -19.86 4.95 -33.24
N ILE F 272 -20.84 4.83 -32.34
CA ILE F 272 -21.86 5.85 -32.16
C ILE F 272 -21.81 6.10 -30.68
N ASP F 273 -20.93 7.00 -30.25
CA ASP F 273 -20.56 7.04 -28.83
C ASP F 273 -20.29 8.45 -28.30
N ALA F 274 -20.85 9.44 -28.97
CA ALA F 274 -20.87 10.83 -28.49
C ALA F 274 -19.46 11.36 -28.19
N GLY F 275 -18.50 11.01 -29.04
CA GLY F 275 -17.14 11.55 -28.92
C GLY F 275 -16.19 10.77 -28.02
N ALA F 276 -16.71 9.71 -27.37
CA ALA F 276 -15.87 8.81 -26.61
C ALA F 276 -14.67 8.31 -27.44
N THR F 277 -14.90 7.97 -28.71
CA THR F 277 -13.85 7.53 -29.65
C THR F 277 -12.89 8.68 -30.03
N ALA F 278 -13.30 9.94 -29.85
CA ALA F 278 -12.35 11.06 -29.96
C ALA F 278 -11.12 10.95 -28.99
N ARG F 279 -11.28 10.14 -27.95
CA ARG F 279 -10.26 10.00 -26.90
C ARG F 279 -9.31 8.85 -27.18
N MET F 280 -9.57 8.07 -28.22
CA MET F 280 -8.85 6.80 -28.39
C MET F 280 -8.90 6.33 -29.85
N ILE F 281 -8.44 5.12 -30.09
CA ILE F 281 -8.60 4.47 -31.39
C ILE F 281 -9.93 3.69 -31.39
N ALA G 6 -31.36 12.25 -47.24
CA ALA G 6 -30.28 13.28 -47.27
C ALA G 6 -30.78 14.63 -47.79
N ASP G 7 -30.85 15.61 -46.89
CA ASP G 7 -31.20 16.95 -47.28
C ASP G 7 -30.37 18.00 -46.55
N PHE G 8 -29.62 18.78 -47.33
CA PHE G 8 -28.75 19.81 -46.80
C PHE G 8 -29.20 21.20 -47.26
N GLU G 9 -30.49 21.33 -47.60
CA GLU G 9 -31.04 22.61 -48.06
C GLU G 9 -30.78 23.69 -47.02
N GLY G 10 -30.18 24.79 -47.45
CA GLY G 10 -29.83 25.87 -46.54
C GLY G 10 -28.40 25.81 -46.03
N LYS G 11 -27.74 24.67 -46.26
CA LYS G 11 -26.33 24.55 -45.90
C LYS G 11 -25.35 24.93 -47.04
N THR G 12 -24.12 25.23 -46.67
CA THR G 12 -23.07 25.45 -47.64
C THR G 12 -21.94 24.51 -47.26
N ALA G 13 -21.34 23.87 -48.27
CA ALA G 13 -20.27 22.92 -48.06
C ALA G 13 -19.03 23.43 -48.72
N LEU G 14 -17.90 23.35 -48.01
CA LEU G 14 -16.60 23.60 -48.61
C LEU G 14 -15.91 22.25 -48.91
N ILE G 15 -15.38 22.12 -50.12
CA ILE G 15 -14.62 20.91 -50.51
C ILE G 15 -13.28 21.35 -51.09
N THR G 16 -12.20 21.08 -50.39
CA THR G 16 -10.89 21.44 -50.93
C THR G 16 -10.46 20.31 -51.86
N GLY G 17 -9.70 20.65 -52.91
CA GLY G 17 -9.34 19.65 -53.91
C GLY G 17 -10.57 19.20 -54.72
N GLY G 18 -11.53 20.12 -54.87
CA GLY G 18 -12.76 19.84 -55.55
C GLY G 18 -12.75 19.87 -57.07
N ALA G 19 -11.57 20.01 -57.70
CA ALA G 19 -11.44 20.02 -59.18
C ALA G 19 -11.72 18.71 -59.89
N ARG G 20 -11.59 17.58 -59.19
CA ARG G 20 -11.67 16.28 -59.86
C ARG G 20 -11.72 15.20 -58.80
N GLY G 21 -11.84 13.94 -59.22
CA GLY G 21 -11.62 12.81 -58.28
C GLY G 21 -12.70 12.76 -57.20
N MET G 22 -12.28 12.45 -55.97
CA MET G 22 -13.21 12.34 -54.84
C MET G 22 -13.86 13.67 -54.48
N GLY G 23 -13.09 14.77 -54.60
CA GLY G 23 -13.59 16.08 -54.21
C GLY G 23 -14.78 16.52 -55.06
N ARG G 24 -14.65 16.28 -56.35
CA ARG G 24 -15.71 16.51 -57.31
C ARG G 24 -16.90 15.61 -57.02
N SER G 25 -16.61 14.35 -56.70
CA SER G 25 -17.70 13.45 -56.30
C SER G 25 -18.41 13.98 -55.09
N HIS G 26 -17.67 14.39 -54.05
CA HIS G 26 -18.36 14.89 -52.85
C HIS G 26 -19.17 16.15 -53.14
N ALA G 27 -18.59 17.03 -53.95
CA ALA G 27 -19.17 18.33 -54.21
C ALA G 27 -20.51 18.18 -54.97
N VAL G 28 -20.53 17.31 -55.97
CA VAL G 28 -21.75 17.12 -56.75
C VAL G 28 -22.87 16.44 -55.92
N ALA G 29 -22.50 15.42 -55.15
CA ALA G 29 -23.45 14.74 -54.28
C ALA G 29 -24.06 15.69 -53.25
N LEU G 30 -23.22 16.54 -52.67
CA LEU G 30 -23.68 17.50 -51.66
C LEU G 30 -24.65 18.51 -52.29
N ALA G 31 -24.34 18.97 -53.48
CA ALA G 31 -25.20 19.85 -54.27
C ALA G 31 -26.53 19.17 -54.64
N GLU G 32 -26.48 17.94 -55.13
CA GLU G 32 -27.68 17.18 -55.42
C GLU G 32 -28.61 17.08 -54.18
N ALA G 33 -28.00 16.95 -53.00
CA ALA G 33 -28.76 16.78 -51.77
C ALA G 33 -29.15 18.14 -51.11
N GLY G 34 -28.85 19.22 -51.83
CA GLY G 34 -29.36 20.57 -51.53
C GLY G 34 -28.36 21.63 -51.03
N ALA G 35 -27.09 21.25 -50.83
CA ALA G 35 -26.08 22.18 -50.28
C ALA G 35 -25.52 23.12 -51.36
N ASP G 36 -25.36 24.42 -51.07
CA ASP G 36 -24.55 25.31 -51.93
C ASP G 36 -23.09 24.99 -51.65
N ILE G 37 -22.20 25.37 -52.58
CA ILE G 37 -20.87 24.78 -52.65
C ILE G 37 -19.78 25.81 -52.89
N ALA G 38 -18.73 25.72 -52.07
CA ALA G 38 -17.47 26.41 -52.32
C ALA G 38 -16.43 25.31 -52.61
N ILE G 39 -15.80 25.37 -53.78
CA ILE G 39 -14.78 24.38 -54.10
C ILE G 39 -13.49 25.09 -54.43
N CYS G 40 -12.38 24.58 -53.95
CA CYS G 40 -11.10 25.16 -54.35
C CYS G 40 -10.10 24.07 -54.65
N ASP G 41 -9.02 24.46 -55.30
CA ASP G 41 -8.04 23.51 -55.78
C ASP G 41 -6.81 24.26 -56.20
N ARG G 42 -5.64 23.69 -55.92
CA ARG G 42 -4.38 24.28 -56.35
C ARG G 42 -4.30 24.45 -57.89
N CYS G 43 -4.86 23.50 -58.66
CA CYS G 43 -4.92 23.64 -60.14
C CYS G 43 -3.56 23.78 -60.78
N GLU G 44 -2.58 23.02 -60.31
CA GLU G 44 -1.30 23.04 -60.96
C GLU G 44 -0.48 21.92 -60.42
N ASN G 45 0.45 21.45 -61.24
CA ASN G 45 1.30 20.35 -60.86
C ASN G 45 2.29 20.77 -59.77
N SER G 46 2.86 19.78 -59.10
CA SER G 46 3.92 19.99 -58.15
C SER G 46 5.14 19.20 -58.59
N ASP G 47 6.31 19.79 -58.44
CA ASP G 47 7.55 19.17 -58.90
C ASP G 47 7.90 17.88 -58.15
N VAL G 48 7.28 17.67 -56.99
CA VAL G 48 7.58 16.48 -56.20
C VAL G 48 6.50 15.40 -56.24
N VAL G 49 5.51 15.56 -57.13
CA VAL G 49 4.44 14.58 -57.32
C VAL G 49 4.55 14.10 -58.76
N GLY G 50 4.55 12.78 -58.93
CA GLY G 50 4.92 12.16 -60.22
C GLY G 50 3.82 12.19 -61.27
N TYR G 51 2.58 12.36 -60.83
CA TYR G 51 1.41 12.37 -61.72
C TYR G 51 0.81 13.81 -61.85
N PRO G 52 0.10 14.11 -62.96
CA PRO G 52 -0.48 15.45 -63.06
C PRO G 52 -1.56 15.77 -62.02
N LEU G 53 -1.60 17.01 -61.59
CA LEU G 53 -2.65 17.46 -60.67
C LEU G 53 -3.70 18.15 -61.52
N ALA G 54 -4.71 18.74 -60.88
CA ALA G 54 -5.83 19.31 -61.59
C ALA G 54 -5.47 20.57 -62.39
N THR G 55 -6.36 20.89 -63.32
CA THR G 55 -6.23 22.05 -64.19
C THR G 55 -7.39 23.01 -63.85
N ALA G 56 -7.33 24.24 -64.36
CA ALA G 56 -8.41 25.21 -64.18
C ALA G 56 -9.68 24.79 -64.92
N ASP G 57 -9.53 24.12 -66.08
CA ASP G 57 -10.66 23.54 -66.81
C ASP G 57 -11.33 22.47 -65.95
N ASP G 58 -10.54 21.71 -65.20
CA ASP G 58 -11.07 20.68 -64.27
C ASP G 58 -12.01 21.33 -63.29
N LEU G 59 -11.54 22.41 -62.69
CA LEU G 59 -12.28 23.09 -61.68
C LEU G 59 -13.55 23.70 -62.28
N ALA G 60 -13.44 24.24 -63.50
CA ALA G 60 -14.60 24.83 -64.18
C ALA G 60 -15.67 23.77 -64.51
N GLU G 61 -15.25 22.57 -64.93
CA GLU G 61 -16.17 21.40 -65.04
C GLU G 61 -16.97 21.15 -63.76
N THR G 62 -16.27 21.08 -62.62
CA THR G 62 -16.97 20.87 -61.34
C THR G 62 -17.95 22.00 -61.00
N VAL G 63 -17.60 23.25 -61.28
CA VAL G 63 -18.52 24.38 -61.08
C VAL G 63 -19.79 24.12 -61.87
N ALA G 64 -19.59 23.75 -63.14
CA ALA G 64 -20.74 23.51 -64.03
C ALA G 64 -21.65 22.34 -63.60
N LEU G 65 -21.05 21.27 -63.08
CA LEU G 65 -21.78 20.06 -62.66
C LEU G 65 -22.61 20.37 -61.39
N VAL G 66 -22.02 21.16 -60.49
CA VAL G 66 -22.72 21.64 -59.29
C VAL G 66 -23.90 22.56 -59.65
N GLU G 67 -23.66 23.56 -60.49
CA GLU G 67 -24.69 24.50 -60.90
C GLU G 67 -25.79 23.81 -61.69
N LYS G 68 -25.43 22.73 -62.38
CA LYS G 68 -26.46 21.96 -63.06
C LYS G 68 -27.56 21.49 -62.08
N THR G 69 -27.19 21.13 -60.84
CA THR G 69 -28.17 20.63 -59.86
C THR G 69 -29.13 21.73 -59.40
N GLY G 70 -28.84 22.99 -59.74
CA GLY G 70 -29.64 24.13 -59.32
C GLY G 70 -29.08 24.86 -58.10
N ARG G 71 -27.93 24.42 -57.62
CA ARG G 71 -27.31 25.10 -56.46
C ARG G 71 -26.41 26.26 -56.89
N ARG G 72 -26.07 27.13 -55.93
CA ARG G 72 -25.07 28.16 -56.17
C ARG G 72 -23.69 27.60 -55.91
N CYS G 73 -22.71 28.13 -56.64
CA CYS G 73 -21.33 27.66 -56.54
C CYS G 73 -20.31 28.81 -56.65
N ILE G 74 -19.27 28.75 -55.82
CA ILE G 74 -18.13 29.63 -56.00
C ILE G 74 -16.92 28.74 -56.05
N SER G 75 -15.86 29.21 -56.69
CA SER G 75 -14.64 28.43 -56.77
C SER G 75 -13.44 29.38 -56.75
N ALA G 76 -12.26 28.81 -56.54
CA ALA G 76 -11.07 29.63 -56.55
C ALA G 76 -9.82 28.79 -56.58
N LYS G 77 -8.73 29.39 -57.05
CA LYS G 77 -7.43 28.71 -57.04
C LYS G 77 -6.81 28.92 -55.67
N VAL G 78 -6.70 27.84 -54.92
CA VAL G 78 -6.24 27.91 -53.53
C VAL G 78 -5.32 26.73 -53.23
N ASP G 79 -4.13 27.04 -52.73
CA ASP G 79 -3.22 26.05 -52.17
C ASP G 79 -3.53 25.91 -50.68
N VAL G 80 -3.96 24.71 -50.26
CA VAL G 80 -4.34 24.50 -48.85
C VAL G 80 -3.21 24.70 -47.85
N LYS G 81 -1.95 24.71 -48.32
CA LYS G 81 -0.80 25.09 -47.48
C LYS G 81 -0.81 26.57 -47.12
N ASP G 82 -1.55 27.38 -47.87
CA ASP G 82 -1.65 28.81 -47.60
C ASP G 82 -2.89 29.09 -46.74
N ARG G 83 -2.67 29.21 -45.43
CA ARG G 83 -3.76 29.44 -44.48
C ARG G 83 -4.53 30.71 -44.83
N ALA G 84 -3.82 31.80 -45.06
CA ALA G 84 -4.45 33.09 -45.40
C ALA G 84 -5.33 33.03 -46.70
N ALA G 85 -4.85 32.33 -47.71
CA ALA G 85 -5.65 32.13 -48.94
C ALA G 85 -6.91 31.34 -48.69
N LEU G 86 -6.81 30.29 -47.86
CA LEU G 86 -8.02 29.57 -47.45
C LEU G 86 -9.01 30.46 -46.71
N GLU G 87 -8.52 31.26 -45.76
CA GLU G 87 -9.42 32.10 -44.94
C GLU G 87 -10.11 33.17 -45.79
N SER G 88 -9.38 33.72 -46.75
CA SER G 88 -9.93 34.63 -47.72
C SER G 88 -11.06 33.98 -48.48
N PHE G 89 -10.84 32.74 -48.94
CA PHE G 89 -11.87 31.98 -49.65
C PHE G 89 -13.11 31.70 -48.77
N VAL G 90 -12.90 31.28 -47.53
CA VAL G 90 -14.01 31.11 -46.56
C VAL G 90 -14.79 32.44 -46.45
N ALA G 91 -14.09 33.55 -46.26
CA ALA G 91 -14.72 34.89 -46.22
C ALA G 91 -15.58 35.21 -47.46
N GLU G 92 -15.12 34.79 -48.63
CA GLU G 92 -15.92 34.92 -49.83
C GLU G 92 -17.14 34.00 -49.75
N ALA G 93 -16.95 32.78 -49.23
CA ALA G 93 -18.12 31.94 -48.92
C ALA G 93 -19.07 32.58 -47.91
N GLU G 94 -18.54 33.24 -46.89
CA GLU G 94 -19.42 33.95 -45.94
C GLU G 94 -20.23 35.04 -46.66
N ASP G 95 -19.55 35.83 -47.50
CA ASP G 95 -20.17 36.95 -48.22
C ASP G 95 -21.21 36.54 -49.25
N THR G 96 -20.91 35.52 -50.04
CA THR G 96 -21.76 35.13 -51.17
C THR G 96 -22.77 34.06 -50.78
N LEU G 97 -22.28 32.97 -50.17
CA LEU G 97 -23.15 31.82 -49.91
C LEU G 97 -23.75 31.75 -48.51
N GLY G 98 -23.20 32.51 -47.56
CA GLY G 98 -23.78 32.57 -46.22
C GLY G 98 -23.07 31.84 -45.08
N GLY G 99 -21.84 31.38 -45.30
CA GLY G 99 -21.07 30.76 -44.23
C GLY G 99 -20.98 29.26 -44.44
N ILE G 100 -19.79 28.71 -44.23
CA ILE G 100 -19.56 27.29 -44.45
C ILE G 100 -20.04 26.47 -43.23
N ASP G 101 -21.00 25.57 -43.46
CA ASP G 101 -21.50 24.62 -42.46
C ASP G 101 -20.85 23.25 -42.50
N ILE G 102 -20.43 22.84 -43.70
CA ILE G 102 -19.91 21.49 -43.94
C ILE G 102 -18.57 21.66 -44.60
N ALA G 103 -17.54 20.98 -44.09
CA ALA G 103 -16.23 21.09 -44.69
C ALA G 103 -15.55 19.73 -44.85
N ILE G 104 -15.08 19.47 -46.06
CA ILE G 104 -14.43 18.22 -46.45
C ILE G 104 -12.98 18.50 -46.88
N THR G 105 -12.04 18.07 -46.05
CA THR G 105 -10.65 18.42 -46.25
C THR G 105 -10.00 17.42 -47.15
N ASN G 106 -10.44 17.44 -48.40
CA ASN G 106 -10.11 16.44 -49.38
C ASN G 106 -8.75 16.65 -50.10
N ALA G 107 -8.33 17.92 -50.29
CA ALA G 107 -7.10 18.21 -51.01
C ALA G 107 -5.96 17.36 -50.50
N GLY G 108 -5.27 16.69 -51.42
CA GLY G 108 -4.18 15.79 -51.02
C GLY G 108 -3.42 15.19 -52.18
N ILE G 109 -2.22 14.72 -51.85
CA ILE G 109 -1.26 14.19 -52.82
C ILE G 109 -0.59 12.93 -52.29
N SER G 110 -0.09 12.11 -53.21
CA SER G 110 0.56 10.87 -52.85
CA SER G 110 0.57 10.88 -52.85
C SER G 110 1.92 10.81 -53.55
N THR G 111 2.89 10.21 -52.87
CA THR G 111 4.25 10.05 -53.40
C THR G 111 4.74 8.67 -53.01
N ILE G 112 5.80 8.22 -53.68
CA ILE G 112 6.46 6.94 -53.39
C ILE G 112 7.94 7.24 -53.34
N ALA G 113 8.55 6.93 -52.21
CA ALA G 113 10.01 7.04 -52.02
C ALA G 113 10.45 6.37 -50.71
N LEU G 114 11.50 5.59 -50.84
CA LEU G 114 12.07 4.75 -49.80
C LEU G 114 12.93 5.61 -48.90
N LEU G 115 12.85 5.42 -47.59
CA LEU G 115 13.86 6.00 -46.71
C LEU G 115 15.21 5.26 -46.92
N PRO G 116 16.35 5.96 -46.77
CA PRO G 116 16.52 7.36 -46.44
C PRO G 116 16.62 8.27 -47.67
N GLU G 117 16.38 7.75 -48.87
CA GLU G 117 16.39 8.64 -50.04
C GLU G 117 15.07 9.43 -50.27
N VAL G 118 14.42 9.89 -49.21
CA VAL G 118 13.24 10.77 -49.41
C VAL G 118 13.77 12.20 -49.44
N GLU G 119 13.45 12.95 -50.50
CA GLU G 119 13.83 14.38 -50.53
C GLU G 119 13.03 15.14 -49.48
N SER G 120 13.71 16.00 -48.71
CA SER G 120 13.02 16.95 -47.83
C SER G 120 11.90 17.70 -48.56
N ALA G 121 12.18 18.12 -49.81
CA ALA G 121 11.21 18.89 -50.59
C ALA G 121 9.94 18.10 -50.84
N GLN G 122 10.10 16.78 -50.99
CA GLN G 122 8.96 15.89 -51.15
C GLN G 122 8.25 15.65 -49.81
N TRP G 123 9.03 15.35 -48.77
CA TRP G 123 8.48 15.27 -47.43
C TRP G 123 7.71 16.55 -47.05
N ASP G 124 8.29 17.72 -47.30
CA ASP G 124 7.68 19.02 -46.99
C ASP G 124 6.34 19.23 -47.69
N GLU G 125 6.26 18.87 -48.98
CA GLU G 125 5.02 19.02 -49.78
C GLU G 125 3.86 18.12 -49.31
N VAL G 126 4.19 16.86 -49.02
CA VAL G 126 3.21 15.87 -48.58
C VAL G 126 2.67 16.22 -47.17
N ILE G 127 3.55 16.44 -46.19
CA ILE G 127 3.12 16.87 -44.86
C ILE G 127 2.37 18.21 -44.95
N GLY G 128 2.87 19.14 -45.76
CA GLY G 128 2.26 20.45 -45.95
C GLY G 128 0.84 20.37 -46.49
N THR G 129 0.65 19.68 -47.61
CA THR G 129 -0.67 19.59 -48.24
C THR G 129 -1.64 18.70 -47.45
N ASN G 130 -1.17 17.51 -47.09
CA ASN G 130 -2.03 16.49 -46.47
C ASN G 130 -2.31 16.75 -45.02
N LEU G 131 -1.29 17.14 -44.26
CA LEU G 131 -1.48 17.33 -42.83
C LEU G 131 -1.70 18.80 -42.43
N THR G 132 -0.74 19.65 -42.73
CA THR G 132 -0.91 21.09 -42.48
C THR G 132 -2.10 21.71 -43.23
N GLY G 133 -2.35 21.28 -44.47
CA GLY G 133 -3.54 21.71 -45.25
C GLY G 133 -4.90 21.36 -44.63
N THR G 134 -4.98 20.19 -43.99
CA THR G 134 -6.16 19.78 -43.24
C THR G 134 -6.32 20.71 -42.04
N PHE G 135 -5.25 20.86 -41.26
CA PHE G 135 -5.19 21.88 -40.19
C PHE G 135 -5.66 23.30 -40.64
N ASN G 136 -5.12 23.78 -41.75
CA ASN G 136 -5.46 25.10 -42.24
C ASN G 136 -6.94 25.18 -42.52
N THR G 137 -7.49 24.14 -43.14
CA THR G 137 -8.89 24.14 -43.52
C THR G 137 -9.81 24.16 -42.29
N ILE G 138 -9.51 23.30 -41.31
CA ILE G 138 -10.23 23.28 -40.03
C ILE G 138 -10.15 24.63 -39.31
N ALA G 139 -8.96 25.23 -39.26
CA ALA G 139 -8.80 26.55 -38.62
C ALA G 139 -9.57 27.66 -39.37
N ALA G 140 -9.69 27.51 -40.69
CA ALA G 140 -10.39 28.50 -41.48
C ALA G 140 -11.92 28.45 -41.32
N VAL G 141 -12.50 27.26 -41.20
CA VAL G 141 -13.97 27.13 -41.19
C VAL G 141 -14.54 27.15 -39.80
N ALA G 142 -13.72 26.77 -38.81
CA ALA G 142 -14.19 26.64 -37.44
C ALA G 142 -14.80 27.93 -36.89
N PRO G 143 -14.18 29.09 -37.11
CA PRO G 143 -14.78 30.27 -36.47
C PRO G 143 -16.26 30.51 -36.89
N GLY G 144 -16.54 30.40 -38.19
CA GLY G 144 -17.93 30.60 -38.67
C GLY G 144 -18.88 29.56 -38.07
N MET G 145 -18.39 28.32 -37.99
CA MET G 145 -19.14 27.20 -37.42
C MET G 145 -19.40 27.43 -35.94
N ILE G 146 -18.39 27.91 -35.25
CA ILE G 146 -18.55 28.26 -33.83
C ILE G 146 -19.57 29.39 -33.63
N LYS G 147 -19.48 30.43 -34.43
CA LYS G 147 -20.46 31.53 -34.37
C LYS G 147 -21.91 31.03 -34.49
N ARG G 148 -22.13 30.04 -35.35
CA ARG G 148 -23.47 29.59 -35.67
C ARG G 148 -23.88 28.36 -34.85
N ASN G 149 -22.97 27.88 -34.00
CA ASN G 149 -23.21 26.66 -33.19
C ASN G 149 -23.60 25.43 -34.03
N TYR G 150 -22.97 25.28 -35.20
CA TYR G 150 -23.18 24.10 -36.05
C TYR G 150 -22.03 23.86 -37.03
N GLY G 151 -21.55 22.63 -37.11
CA GLY G 151 -20.66 22.25 -38.19
C GLY G 151 -20.48 20.76 -38.33
N ARG G 152 -20.20 20.34 -39.55
CA ARG G 152 -19.81 18.97 -39.84
C ARG G 152 -18.51 18.99 -40.66
N ILE G 153 -17.41 18.54 -40.06
CA ILE G 153 -16.14 18.53 -40.71
C ILE G 153 -15.79 17.08 -41.01
N VAL G 154 -15.43 16.78 -42.25
CA VAL G 154 -14.94 15.44 -42.56
C VAL G 154 -13.55 15.56 -43.13
N THR G 155 -12.60 14.84 -42.52
CA THR G 155 -11.22 14.87 -42.98
C THR G 155 -11.01 13.62 -43.80
N VAL G 156 -9.91 13.56 -44.56
CA VAL G 156 -9.63 12.40 -45.38
C VAL G 156 -8.32 11.79 -44.95
N SER G 157 -8.39 10.62 -44.33
CA SER G 157 -7.17 9.92 -44.03
C SER G 157 -6.94 8.92 -45.17
N SER G 158 -6.59 7.68 -44.83
CA SER G 158 -6.44 6.60 -45.79
C SER G 158 -6.41 5.28 -44.99
N MET G 159 -6.49 4.14 -45.67
CA MET G 159 -6.22 2.87 -44.97
C MET G 159 -4.79 2.89 -44.44
N LEU G 160 -3.91 3.62 -45.14
CA LEU G 160 -2.53 3.88 -44.69
C LEU G 160 -2.41 4.92 -43.58
N GLY G 161 -3.52 5.56 -43.19
CA GLY G 161 -3.53 6.34 -41.96
C GLY G 161 -3.64 5.46 -40.72
N HIS G 162 -3.95 4.17 -40.88
CA HIS G 162 -3.92 3.28 -39.72
C HIS G 162 -3.20 1.96 -39.97
N SER G 163 -2.23 2.02 -40.89
CA SER G 163 -1.36 0.90 -41.27
C SER G 163 -0.05 1.52 -41.79
N ALA G 164 0.79 0.72 -42.42
CA ALA G 164 2.02 1.23 -43.02
C ALA G 164 2.41 0.29 -44.12
N ASN G 165 3.23 0.78 -45.05
CA ASN G 165 3.79 -0.04 -46.16
C ASN G 165 5.20 0.47 -46.54
N PHE G 166 5.81 -0.12 -47.57
CA PHE G 166 7.12 0.27 -48.08
C PHE G 166 7.06 1.56 -48.91
N ALA G 167 8.10 2.39 -48.80
CA ALA G 167 8.33 3.58 -49.64
C ALA G 167 7.26 4.67 -49.51
N GLN G 168 6.71 4.80 -48.30
CA GLN G 168 5.59 5.68 -48.07
C GLN G 168 5.69 6.49 -46.80
N ALA G 169 6.91 6.80 -46.37
CA ALA G 169 7.07 7.50 -45.11
C ALA G 169 6.28 8.79 -45.08
N SER G 170 6.43 9.62 -46.10
CA SER G 170 5.78 10.94 -46.14
CA SER G 170 5.79 10.93 -46.09
C SER G 170 4.27 10.81 -46.09
N TYR G 171 3.72 10.01 -47.01
CA TYR G 171 2.27 9.85 -47.12
C TYR G 171 1.69 9.28 -45.85
N VAL G 172 2.31 8.20 -45.37
CA VAL G 172 1.74 7.51 -44.23
C VAL G 172 1.78 8.44 -43.02
N SER G 173 2.90 9.12 -42.82
CA SER G 173 3.04 10.04 -41.66
C SER G 173 1.93 11.08 -41.64
N SER G 174 1.62 11.63 -42.80
CA SER G 174 0.61 12.69 -42.90
C SER G 174 -0.78 12.19 -42.60
N LYS G 175 -1.03 10.94 -42.97
CA LYS G 175 -2.37 10.36 -42.89
C LYS G 175 -2.68 9.91 -41.46
N TRP G 176 -1.65 9.42 -40.76
CA TRP G 176 -1.75 9.20 -39.32
C TRP G 176 -1.93 10.51 -38.57
N GLY G 177 -1.22 11.56 -39.00
CA GLY G 177 -1.31 12.85 -38.34
C GLY G 177 -2.73 13.37 -38.50
N VAL G 178 -3.37 13.04 -39.63
CA VAL G 178 -4.74 13.51 -39.91
C VAL G 178 -5.77 12.95 -38.91
N ILE G 179 -5.67 11.65 -38.62
CA ILE G 179 -6.51 11.01 -37.60
C ILE G 179 -6.29 11.62 -36.22
N GLY G 180 -5.04 11.79 -35.80
CA GLY G 180 -4.76 12.57 -34.56
C GLY G 180 -5.43 13.95 -34.57
N LEU G 181 -5.24 14.69 -35.66
CA LEU G 181 -5.81 16.03 -35.76
C LEU G 181 -7.32 16.01 -35.70
N THR G 182 -7.92 15.02 -36.37
CA THR G 182 -9.37 14.87 -36.42
C THR G 182 -9.96 14.77 -34.99
N LYS G 183 -9.30 13.97 -34.16
CA LYS G 183 -9.73 13.69 -32.80
C LYS G 183 -9.43 14.87 -31.87
N CYS G 184 -8.37 15.61 -32.18
CA CYS G 184 -8.17 16.90 -31.53
C CYS G 184 -9.24 17.95 -31.87
N ALA G 185 -9.56 18.09 -33.16
CA ALA G 185 -10.57 19.02 -33.59
C ALA G 185 -11.96 18.67 -33.05
N ALA G 186 -12.27 17.37 -32.99
CA ALA G 186 -13.45 16.87 -32.27
C ALA G 186 -13.55 17.39 -30.82
N HIS G 187 -12.41 17.40 -30.09
CA HIS G 187 -12.37 17.91 -28.70
C HIS G 187 -12.60 19.42 -28.64
N ASP G 188 -11.79 20.16 -29.40
CA ASP G 188 -11.73 21.62 -29.26
C ASP G 188 -13.08 22.27 -29.65
N LEU G 189 -13.79 21.58 -30.54
CA LEU G 189 -15.01 22.13 -31.15
C LEU G 189 -16.27 21.52 -30.59
N VAL G 190 -16.11 20.61 -29.61
CA VAL G 190 -17.21 19.76 -29.14
C VAL G 190 -18.44 20.53 -28.62
N GLY G 191 -18.20 21.59 -27.86
CA GLY G 191 -19.28 22.36 -27.22
C GLY G 191 -20.02 23.33 -28.12
N TYR G 192 -19.71 23.33 -29.42
CA TYR G 192 -20.30 24.27 -30.35
C TYR G 192 -21.12 23.63 -31.45
N GLY G 193 -21.60 22.40 -31.23
CA GLY G 193 -22.50 21.73 -32.21
C GLY G 193 -21.79 21.27 -33.46
N ILE G 194 -20.50 20.99 -33.32
CA ILE G 194 -19.65 20.65 -34.46
C ILE G 194 -19.07 19.25 -34.21
N THR G 195 -19.09 18.44 -35.26
CA THR G 195 -18.45 17.13 -35.25
C THR G 195 -17.33 17.10 -36.28
N VAL G 196 -16.36 16.24 -36.02
CA VAL G 196 -15.22 16.06 -36.89
C VAL G 196 -14.89 14.57 -36.93
N ASN G 197 -14.94 13.99 -38.14
CA ASN G 197 -14.71 12.57 -38.33
C ASN G 197 -13.85 12.40 -39.58
N ALA G 198 -13.21 11.24 -39.74
CA ALA G 198 -12.40 10.97 -40.93
C ALA G 198 -13.03 9.89 -41.79
N VAL G 199 -12.84 9.96 -43.11
CA VAL G 199 -13.02 8.75 -43.91
C VAL G 199 -11.63 8.21 -44.22
N ALA G 200 -11.52 6.90 -44.33
CA ALA G 200 -10.23 6.30 -44.62
C ALA G 200 -10.37 5.37 -45.82
N PRO G 201 -10.25 5.93 -47.04
CA PRO G 201 -10.54 5.11 -48.23
C PRO G 201 -9.47 4.07 -48.47
N GLY G 202 -9.82 3.04 -49.24
CA GLY G 202 -8.85 2.08 -49.77
C GLY G 202 -8.38 2.62 -51.11
N ASN G 203 -8.09 1.72 -52.06
CA ASN G 203 -7.70 2.10 -53.42
C ASN G 203 -8.93 2.60 -54.15
N ILE G 204 -8.91 3.87 -54.56
CA ILE G 204 -10.06 4.50 -55.19
C ILE G 204 -9.69 4.88 -56.61
N GLU G 205 -10.60 4.64 -57.55
CA GLU G 205 -10.33 4.96 -58.94
C GLU G 205 -10.50 6.49 -59.12
N THR G 206 -9.36 7.20 -59.13
CA THR G 206 -9.27 8.66 -59.41
C THR G 206 -7.97 8.93 -60.16
N PRO G 207 -7.78 10.15 -60.68
CA PRO G 207 -6.46 10.42 -61.28
C PRO G 207 -5.24 10.36 -60.31
N MET G 208 -5.45 10.08 -59.01
CA MET G 208 -4.31 9.85 -58.09
C MET G 208 -3.68 8.48 -58.33
N THR G 209 -4.54 7.50 -58.65
CA THR G 209 -4.08 6.12 -58.83
C THR G 209 -4.06 5.71 -60.31
N HIS G 210 -4.96 6.29 -61.12
CA HIS G 210 -5.08 5.94 -62.53
C HIS G 210 -4.28 6.89 -63.43
N ASN G 211 -2.98 6.62 -63.56
CA ASN G 211 -2.06 7.41 -64.41
C ASN G 211 -0.80 6.62 -64.79
N ASP G 212 -0.01 7.15 -65.71
CA ASP G 212 1.22 6.49 -66.18
C ASP G 212 2.26 6.30 -65.06
N PHE G 213 2.45 7.36 -64.27
CA PHE G 213 3.48 7.33 -63.24
C PHE G 213 3.28 6.22 -62.21
N VAL G 214 2.04 6.09 -61.74
CA VAL G 214 1.72 5.15 -60.65
C VAL G 214 1.67 3.72 -61.20
N PHE G 215 1.12 3.56 -62.40
CA PHE G 215 1.02 2.28 -63.12
C PHE G 215 2.42 1.72 -63.40
N GLY G 216 3.32 2.59 -63.88
CA GLY G 216 4.73 2.24 -64.07
C GLY G 216 5.34 1.74 -62.78
N THR G 217 5.44 2.63 -61.79
CA THR G 217 5.98 2.29 -60.47
C THR G 217 5.00 1.45 -59.64
N PRO G 225 2.77 -0.76 -69.17
CA PRO G 225 1.92 -1.18 -68.05
C PRO G 225 0.52 -0.58 -68.13
N THR G 226 -0.48 -1.42 -68.42
CA THR G 226 -1.89 -0.96 -68.47
C THR G 226 -2.61 -1.32 -67.16
N LEU G 227 -3.90 -1.03 -67.08
CA LEU G 227 -4.68 -1.31 -65.87
C LEU G 227 -4.66 -2.80 -65.50
N LYS G 228 -5.05 -3.67 -66.44
CA LYS G 228 -5.09 -5.12 -66.21
C LYS G 228 -3.76 -5.68 -65.72
N ASP G 229 -2.66 -5.00 -66.08
CA ASP G 229 -1.31 -5.37 -65.64
C ASP G 229 -0.94 -4.89 -64.21
N VAL G 230 -1.79 -4.05 -63.61
CA VAL G 230 -1.57 -3.54 -62.24
C VAL G 230 -2.65 -4.02 -61.26
N GLU G 231 -3.75 -4.51 -61.81
CA GLU G 231 -4.95 -4.81 -61.03
C GLU G 231 -4.70 -5.75 -59.85
N SER G 232 -4.10 -6.91 -60.12
CA SER G 232 -3.82 -7.89 -59.06
C SER G 232 -2.97 -7.31 -57.92
N VAL G 233 -2.05 -6.40 -58.26
CA VAL G 233 -1.19 -5.74 -57.26
C VAL G 233 -1.99 -4.80 -56.35
N PHE G 234 -2.87 -4.02 -56.97
CA PHE G 234 -3.79 -3.16 -56.23
C PHE G 234 -4.78 -4.01 -55.39
N ALA G 235 -5.36 -5.05 -56.01
CA ALA G 235 -6.30 -5.99 -55.35
C ALA G 235 -5.73 -6.66 -54.09
N SER G 236 -4.41 -6.80 -54.05
CA SER G 236 -3.69 -7.43 -52.94
CA SER G 236 -3.75 -7.46 -52.93
C SER G 236 -3.77 -6.61 -51.65
N LEU G 237 -3.91 -5.29 -51.81
CA LEU G 237 -4.05 -4.42 -50.64
C LEU G 237 -5.48 -4.45 -50.05
N HIS G 238 -6.43 -4.93 -50.84
CA HIS G 238 -7.80 -5.11 -50.37
C HIS G 238 -8.02 -6.56 -49.95
N LEU G 239 -9.11 -6.83 -49.24
CA LEU G 239 -9.45 -8.22 -48.93
C LEU G 239 -10.35 -8.81 -50.01
N GLN G 240 -11.41 -8.05 -50.35
CA GLN G 240 -12.28 -8.36 -51.48
C GLN G 240 -11.45 -8.24 -52.75
N TYR G 241 -11.75 -9.01 -53.78
CA TYR G 241 -10.88 -9.05 -54.98
C TYR G 241 -11.01 -7.83 -55.93
N ALA G 242 -11.71 -6.78 -55.48
CA ALA G 242 -11.92 -5.55 -56.26
C ALA G 242 -10.72 -4.61 -56.18
N PRO G 243 -9.96 -4.46 -57.31
CA PRO G 243 -8.81 -3.55 -57.35
C PRO G 243 -9.11 -2.12 -56.90
N PHE G 244 -10.20 -1.53 -57.40
CA PHE G 244 -10.53 -0.14 -57.07
C PHE G 244 -12.01 0.02 -56.76
N LEU G 245 -12.32 0.91 -55.82
CA LEU G 245 -13.68 1.31 -55.54
C LEU G 245 -14.01 2.61 -56.28
N LYS G 246 -15.29 2.89 -56.52
CA LYS G 246 -15.69 4.15 -57.13
C LYS G 246 -15.69 5.26 -56.07
N PRO G 247 -15.27 6.50 -56.44
CA PRO G 247 -15.32 7.65 -55.50
C PRO G 247 -16.69 7.79 -54.81
N GLU G 248 -17.74 7.35 -55.47
CA GLU G 248 -19.09 7.42 -54.93
C GLU G 248 -19.27 6.53 -53.68
N GLU G 249 -18.44 5.51 -53.55
CA GLU G 249 -18.54 4.66 -52.35
C GLU G 249 -17.93 5.33 -51.12
N VAL G 250 -17.04 6.30 -51.35
CA VAL G 250 -16.51 7.16 -50.31
C VAL G 250 -17.49 8.29 -50.01
N THR G 251 -18.03 8.89 -51.07
CA THR G 251 -18.99 9.98 -50.94
C THR G 251 -20.20 9.61 -50.06
N ARG G 252 -20.71 8.39 -50.21
CA ARG G 252 -21.84 8.00 -49.36
C ARG G 252 -21.50 7.91 -47.86
N ALA G 253 -20.27 7.46 -47.54
CA ALA G 253 -19.75 7.54 -46.17
C ALA G 253 -19.67 8.99 -45.68
N VAL G 254 -19.14 9.87 -46.53
CA VAL G 254 -19.15 11.33 -46.27
C VAL G 254 -20.56 11.89 -46.01
N LEU G 255 -21.54 11.57 -46.84
CA LEU G 255 -22.92 12.05 -46.63
C LEU G 255 -23.58 11.55 -45.35
N PHE G 256 -23.29 10.31 -45.03
CA PHE G 256 -23.75 9.74 -43.78
C PHE G 256 -23.16 10.52 -42.61
N LEU G 257 -21.89 10.90 -42.70
CA LEU G 257 -21.27 11.68 -41.62
C LEU G 257 -21.71 13.14 -41.48
N VAL G 258 -21.90 13.86 -42.59
CA VAL G 258 -22.21 15.30 -42.49
C VAL G 258 -23.69 15.57 -42.32
N ASP G 259 -24.49 14.51 -42.35
CA ASP G 259 -25.90 14.59 -42.01
C ASP G 259 -26.18 15.26 -40.66
N GLU G 260 -27.25 16.03 -40.62
CA GLU G 260 -27.76 16.64 -39.39
C GLU G 260 -27.90 15.62 -38.24
N ALA G 261 -28.43 14.44 -38.57
CA ALA G 261 -28.68 13.39 -37.58
C ALA G 261 -27.40 12.73 -37.01
N SER G 262 -26.23 13.05 -37.58
CA SER G 262 -24.98 12.50 -37.05
C SER G 262 -24.37 13.36 -35.94
N SER G 263 -25.18 14.17 -35.25
CA SER G 263 -24.72 15.04 -34.19
C SER G 263 -23.91 14.36 -33.10
N HIS G 264 -24.10 13.05 -32.92
CA HIS G 264 -23.38 12.33 -31.85
C HIS G 264 -22.38 11.29 -32.33
N ILE G 265 -21.95 11.46 -33.56
CA ILE G 265 -20.79 10.72 -34.07
C ILE G 265 -19.70 11.76 -34.25
N THR G 266 -18.63 11.63 -33.45
CA THR G 266 -17.50 12.53 -33.57
C THR G 266 -16.19 11.86 -33.14
N GLY G 267 -15.10 12.21 -33.82
CA GLY G 267 -13.78 11.63 -33.55
C GLY G 267 -13.59 10.26 -34.20
N THR G 268 -14.51 9.85 -35.09
CA THR G 268 -14.44 8.48 -35.61
C THR G 268 -13.70 8.45 -36.93
N VAL G 269 -13.28 7.24 -37.30
CA VAL G 269 -12.64 6.97 -38.58
C VAL G 269 -13.42 5.90 -39.35
N LEU G 270 -14.03 6.29 -40.47
CA LEU G 270 -14.84 5.38 -41.28
C LEU G 270 -14.06 4.82 -42.47
N PRO G 271 -13.63 3.54 -42.41
CA PRO G 271 -12.93 2.91 -43.54
C PRO G 271 -13.88 2.56 -44.68
N ILE G 272 -13.46 2.88 -45.92
CA ILE G 272 -14.09 2.36 -47.14
C ILE G 272 -13.00 1.70 -47.92
N ASP G 273 -12.68 0.47 -47.53
CA ASP G 273 -11.42 -0.12 -48.01
C ASP G 273 -11.53 -1.59 -48.43
N ALA G 274 -12.75 -2.05 -48.75
CA ALA G 274 -12.96 -3.37 -49.35
C ALA G 274 -12.34 -4.48 -48.49
N GLY G 275 -12.51 -4.33 -47.19
CA GLY G 275 -12.08 -5.36 -46.22
C GLY G 275 -10.64 -5.27 -45.72
N ALA G 276 -9.89 -4.27 -46.21
CA ALA G 276 -8.50 -4.09 -45.74
C ALA G 276 -8.52 -4.00 -44.23
N THR G 277 -9.51 -3.28 -43.71
CA THR G 277 -9.70 -3.08 -42.28
C THR G 277 -10.05 -4.38 -41.52
N ALA G 278 -10.60 -5.39 -42.20
CA ALA G 278 -10.77 -6.75 -41.57
C ALA G 278 -9.48 -7.40 -41.05
N ARG G 279 -8.36 -7.02 -41.63
CA ARG G 279 -7.05 -7.58 -41.30
C ARG G 279 -6.40 -6.88 -40.08
N MET G 280 -6.98 -5.74 -39.67
CA MET G 280 -6.34 -4.88 -38.68
C MET G 280 -7.38 -4.03 -37.90
N ILE G 281 -6.88 -3.15 -37.05
CA ILE G 281 -7.70 -2.16 -36.35
C ILE G 281 -7.83 -0.90 -37.24
N ASP H 7 26.65 -5.21 -21.88
CA ASP H 7 25.46 -4.94 -22.73
C ASP H 7 25.84 -4.12 -23.97
N PHE H 8 26.29 -2.88 -23.80
CA PHE H 8 26.46 -2.00 -24.97
C PHE H 8 27.91 -1.59 -25.35
N GLU H 9 28.90 -2.26 -24.77
CA GLU H 9 30.30 -2.03 -25.14
C GLU H 9 30.50 -2.25 -26.64
N GLY H 10 31.17 -1.30 -27.27
CA GLY H 10 31.43 -1.38 -28.70
C GLY H 10 30.39 -0.64 -29.52
N LYS H 11 29.25 -0.33 -28.90
CA LYS H 11 28.16 0.39 -29.58
C LYS H 11 28.24 1.90 -29.40
N THR H 12 27.74 2.63 -30.39
CA THR H 12 27.61 4.07 -30.29
C THR H 12 26.15 4.49 -30.48
N ALA H 13 25.67 5.35 -29.60
CA ALA H 13 24.27 5.80 -29.63
C ALA H 13 24.17 7.30 -29.84
N LEU H 14 23.27 7.70 -30.74
CA LEU H 14 22.94 9.12 -30.93
C LEU H 14 21.67 9.38 -30.16
N ILE H 15 21.62 10.48 -29.41
CA ILE H 15 20.40 10.90 -28.75
C ILE H 15 20.23 12.38 -29.07
N THR H 16 19.17 12.76 -29.78
CA THR H 16 18.85 14.17 -29.98
C THR H 16 18.05 14.63 -28.75
N GLY H 17 17.94 15.95 -28.54
CA GLY H 17 17.40 16.47 -27.26
C GLY H 17 18.14 15.96 -26.02
N GLY H 18 19.44 15.67 -26.18
CA GLY H 18 20.28 15.11 -25.10
C GLY H 18 20.69 16.00 -23.92
N ALA H 19 20.28 17.25 -23.93
CA ALA H 19 20.76 18.25 -22.94
C ALA H 19 20.17 18.11 -21.55
N ARG H 20 19.01 17.46 -21.46
CA ARG H 20 18.26 17.40 -20.18
C ARG H 20 17.14 16.39 -20.28
N GLY H 21 16.43 16.16 -19.16
CA GLY H 21 15.18 15.37 -19.13
C GLY H 21 15.41 13.95 -19.59
N MET H 22 14.48 13.42 -20.38
CA MET H 22 14.64 12.05 -20.85
C MET H 22 15.91 11.79 -21.66
N GLY H 23 16.23 12.70 -22.59
CA GLY H 23 17.42 12.55 -23.42
C GLY H 23 18.66 12.35 -22.60
N ARG H 24 18.83 13.14 -21.53
CA ARG H 24 19.98 12.96 -20.66
C ARG H 24 19.85 11.60 -19.97
N SER H 25 18.62 11.24 -19.60
CA SER H 25 18.44 9.97 -18.96
C SER H 25 18.89 8.85 -19.87
N HIS H 26 18.44 8.85 -21.13
CA HIS H 26 18.87 7.78 -22.07
C HIS H 26 20.40 7.73 -22.24
N ALA H 27 20.99 8.91 -22.47
CA ALA H 27 22.45 9.04 -22.67
C ALA H 27 23.27 8.49 -21.50
N VAL H 28 22.96 8.94 -20.29
CA VAL H 28 23.67 8.42 -19.12
C VAL H 28 23.49 6.89 -18.94
N ALA H 29 22.26 6.38 -19.00
CA ALA H 29 22.06 4.93 -18.95
C ALA H 29 22.84 4.15 -20.06
N LEU H 30 22.80 4.64 -21.31
CA LEU H 30 23.48 3.95 -22.40
C LEU H 30 25.01 3.93 -22.19
N ALA H 31 25.52 5.04 -21.63
CA ALA H 31 26.95 5.16 -21.31
C ALA H 31 27.37 4.21 -20.20
N GLU H 32 26.58 4.18 -19.12
CA GLU H 32 26.82 3.24 -18.02
C GLU H 32 26.80 1.79 -18.46
N ALA H 33 25.97 1.46 -19.45
CA ALA H 33 25.90 0.11 -20.00
C ALA H 33 26.94 -0.12 -21.10
N GLY H 34 27.80 0.87 -21.31
CA GLY H 34 28.98 0.70 -22.15
C GLY H 34 29.01 1.37 -23.50
N ALA H 35 27.97 2.14 -23.86
CA ALA H 35 27.98 2.81 -25.17
C ALA H 35 28.70 4.16 -25.16
N ASP H 36 29.38 4.45 -26.27
CA ASP H 36 29.87 5.79 -26.55
C ASP H 36 28.69 6.62 -27.08
N ILE H 37 28.73 7.90 -26.84
CA ILE H 37 27.57 8.73 -27.01
C ILE H 37 27.81 9.94 -27.91
N ALA H 38 26.89 10.15 -28.86
CA ALA H 38 26.75 11.40 -29.59
C ALA H 38 25.43 12.05 -29.21
N ILE H 39 25.47 13.23 -28.57
CA ILE H 39 24.24 13.93 -28.17
C ILE H 39 24.16 15.30 -28.81
N CYS H 40 22.97 15.69 -29.21
CA CYS H 40 22.80 17.04 -29.70
C CYS H 40 21.53 17.65 -29.14
N ASP H 41 21.48 18.97 -29.21
CA ASP H 41 20.37 19.75 -28.73
C ASP H 41 20.40 21.16 -29.32
N ARG H 42 19.20 21.72 -29.49
CA ARG H 42 18.98 23.09 -29.96
C ARG H 42 19.65 24.14 -29.06
N CYS H 43 19.61 23.92 -27.75
CA CYS H 43 20.21 24.86 -26.76
C CYS H 43 19.75 26.28 -27.00
N GLU H 44 18.46 26.44 -27.31
CA GLU H 44 17.86 27.75 -27.49
C GLU H 44 16.37 27.62 -27.30
N ASN H 45 15.81 28.64 -26.66
CA ASN H 45 14.38 28.80 -26.51
C ASN H 45 13.67 29.01 -27.86
N SER H 46 12.38 28.68 -27.88
CA SER H 46 11.51 29.00 -28.99
C SER H 46 10.47 30.06 -28.62
N ASP H 47 10.26 31.03 -29.53
CA ASP H 47 9.17 32.04 -29.43
C ASP H 47 7.77 31.45 -29.27
N VAL H 48 7.56 30.24 -29.75
CA VAL H 48 6.21 29.65 -29.71
C VAL H 48 6.06 28.51 -28.70
N VAL H 49 7.03 28.41 -27.78
CA VAL H 49 6.96 27.47 -26.68
C VAL H 49 7.06 28.23 -25.36
N GLY H 50 6.05 28.01 -24.51
CA GLY H 50 5.84 28.83 -23.32
C GLY H 50 6.77 28.56 -22.15
N TYR H 51 7.50 27.45 -22.20
CA TYR H 51 8.49 27.12 -21.18
C TYR H 51 9.93 27.15 -21.74
N PRO H 52 10.95 27.41 -20.88
CA PRO H 52 12.33 27.42 -21.38
C PRO H 52 12.81 26.05 -21.85
N LEU H 53 13.48 26.06 -22.99
CA LEU H 53 14.15 24.87 -23.50
C LEU H 53 15.54 24.86 -22.89
N ALA H 54 16.38 23.95 -23.34
CA ALA H 54 17.68 23.69 -22.73
C ALA H 54 18.71 24.69 -23.25
N THR H 55 19.84 24.79 -22.53
CA THR H 55 20.94 25.69 -22.85
C THR H 55 22.19 24.87 -23.21
N ALA H 56 23.19 25.52 -23.81
CA ALA H 56 24.53 24.99 -24.07
C ALA H 56 25.20 24.39 -22.84
N ASP H 57 24.95 25.01 -21.69
CA ASP H 57 25.46 24.56 -20.42
C ASP H 57 24.79 23.25 -19.97
N ASP H 58 23.46 23.17 -20.11
CA ASP H 58 22.74 21.90 -19.95
C ASP H 58 23.40 20.82 -20.80
N LEU H 59 23.56 21.09 -22.08
CA LEU H 59 24.25 20.12 -22.96
C LEU H 59 25.61 19.70 -22.38
N ALA H 60 26.40 20.67 -21.92
CA ALA H 60 27.74 20.39 -21.37
C ALA H 60 27.69 19.52 -20.10
N GLU H 61 26.69 19.78 -19.25
CA GLU H 61 26.40 18.89 -18.10
C GLU H 61 26.22 17.45 -18.56
N THR H 62 25.39 17.23 -19.58
CA THR H 62 25.15 15.87 -20.02
C THR H 62 26.43 15.22 -20.52
N VAL H 63 27.25 15.97 -21.28
CA VAL H 63 28.53 15.48 -21.80
C VAL H 63 29.45 15.01 -20.68
N ALA H 64 29.58 15.87 -19.67
CA ALA H 64 30.43 15.64 -18.53
C ALA H 64 29.98 14.42 -17.73
N LEU H 65 28.69 14.31 -17.48
CA LEU H 65 28.11 13.13 -16.82
C LEU H 65 28.37 11.83 -17.61
N VAL H 66 28.25 11.89 -18.94
CA VAL H 66 28.63 10.73 -19.80
C VAL H 66 30.15 10.41 -19.69
N GLU H 67 31.00 11.41 -19.89
CA GLU H 67 32.44 11.18 -19.76
C GLU H 67 32.84 10.63 -18.38
N LYS H 68 32.05 10.96 -17.35
CA LYS H 68 32.27 10.39 -16.01
C LYS H 68 32.11 8.87 -15.94
N THR H 69 31.29 8.28 -16.80
CA THR H 69 31.12 6.83 -16.80
C THR H 69 32.31 6.11 -17.47
N GLY H 70 33.15 6.89 -18.18
CA GLY H 70 34.35 6.38 -18.84
C GLY H 70 34.20 6.29 -20.37
N ARG H 71 33.05 6.65 -20.90
CA ARG H 71 32.81 6.50 -22.34
C ARG H 71 33.27 7.75 -23.08
N ARG H 72 33.40 7.65 -24.40
CA ARG H 72 33.65 8.82 -25.24
C ARG H 72 32.34 9.55 -25.48
N CYS H 73 32.38 10.88 -25.54
CA CYS H 73 31.18 11.65 -25.86
C CYS H 73 31.50 12.76 -26.89
N ILE H 74 30.64 12.91 -27.89
CA ILE H 74 30.67 14.10 -28.71
C ILE H 74 29.33 14.80 -28.65
N SER H 75 29.34 16.11 -28.87
CA SER H 75 28.08 16.88 -28.79
C SER H 75 28.05 18.01 -29.82
N ALA H 76 26.86 18.51 -30.15
CA ALA H 76 26.77 19.64 -31.07
C ALA H 76 25.50 20.35 -30.80
N LYS H 77 25.48 21.64 -31.11
CA LYS H 77 24.26 22.40 -31.11
C LYS H 77 23.65 22.13 -32.47
N VAL H 78 22.52 21.42 -32.48
CA VAL H 78 21.85 21.01 -33.68
C VAL H 78 20.34 21.16 -33.50
N ASP H 79 19.71 21.87 -34.42
CA ASP H 79 18.25 21.87 -34.54
C ASP H 79 17.88 20.68 -35.44
N VAL H 80 16.97 19.82 -34.98
CA VAL H 80 16.58 18.62 -35.75
C VAL H 80 15.74 18.94 -36.98
N LYS H 81 15.19 20.16 -37.04
CA LYS H 81 14.50 20.65 -38.22
C LYS H 81 15.52 20.85 -39.35
N ASP H 82 16.81 20.85 -39.02
CA ASP H 82 17.85 21.16 -40.00
C ASP H 82 18.59 19.88 -40.39
N ARG H 83 18.12 19.27 -41.47
CA ARG H 83 18.60 17.96 -41.91
C ARG H 83 20.11 17.95 -42.16
N ALA H 84 20.58 18.96 -42.90
CA ALA H 84 22.01 19.09 -43.22
C ALA H 84 22.91 19.14 -41.97
N ALA H 85 22.44 19.84 -40.94
CA ALA H 85 23.15 19.95 -39.68
C ALA H 85 23.19 18.61 -38.91
N LEU H 86 22.10 17.85 -38.98
CA LEU H 86 22.08 16.51 -38.41
C LEU H 86 23.03 15.62 -39.19
N GLU H 87 23.01 15.77 -40.51
CA GLU H 87 23.87 14.98 -41.39
C GLU H 87 25.33 15.28 -41.09
N SER H 88 25.65 16.57 -40.96
CA SER H 88 27.01 16.96 -40.66
C SER H 88 27.42 16.36 -39.30
N PHE H 89 26.54 16.44 -38.30
CA PHE H 89 26.83 15.88 -36.98
C PHE H 89 27.01 14.35 -36.96
N VAL H 90 26.12 13.63 -37.64
CA VAL H 90 26.27 12.19 -37.83
C VAL H 90 27.63 11.86 -38.49
N ALA H 91 28.03 12.64 -39.49
CA ALA H 91 29.34 12.42 -40.13
C ALA H 91 30.44 12.57 -39.08
N GLU H 92 30.31 13.56 -38.18
CA GLU H 92 31.29 13.75 -37.10
C GLU H 92 31.31 12.50 -36.24
N ALA H 93 30.12 12.00 -35.91
CA ALA H 93 29.97 10.81 -35.08
C ALA H 93 30.59 9.58 -35.72
N GLU H 94 30.37 9.38 -37.02
CA GLU H 94 31.00 8.27 -37.74
C GLU H 94 32.52 8.35 -37.64
N ASP H 95 33.08 9.52 -37.90
CA ASP H 95 34.53 9.70 -37.98
C ASP H 95 35.22 9.54 -36.64
N THR H 96 34.60 10.08 -35.59
CA THR H 96 35.20 10.06 -34.26
C THR H 96 34.85 8.80 -33.45
N LEU H 97 33.60 8.36 -33.51
CA LEU H 97 33.16 7.24 -32.66
C LEU H 97 32.87 5.90 -33.36
N GLY H 98 33.23 5.79 -34.63
CA GLY H 98 32.83 4.63 -35.43
C GLY H 98 31.36 4.82 -35.83
N GLY H 99 30.71 3.79 -36.34
CA GLY H 99 29.34 4.00 -36.79
C GLY H 99 28.32 4.18 -35.65
N ILE H 100 27.25 4.95 -35.91
CA ILE H 100 26.11 5.04 -35.02
C ILE H 100 25.27 3.77 -35.15
N ASP H 101 25.13 3.04 -34.04
CA ASP H 101 24.41 1.77 -34.00
C ASP H 101 22.99 1.96 -33.47
N ILE H 102 22.81 2.97 -32.62
CA ILE H 102 21.55 3.18 -31.90
C ILE H 102 21.20 4.68 -32.02
N ALA H 103 19.97 4.99 -32.39
CA ALA H 103 19.51 6.39 -32.38
C ALA H 103 18.16 6.53 -31.67
N ILE H 104 18.09 7.48 -30.75
CA ILE H 104 16.87 7.76 -30.04
CA ILE H 104 16.88 7.76 -30.01
C ILE H 104 16.49 9.18 -30.41
N THR H 105 15.33 9.31 -31.07
CA THR H 105 14.89 10.56 -31.62
C THR H 105 14.06 11.30 -30.58
N ASN H 106 14.74 11.82 -29.56
CA ASN H 106 14.09 12.30 -28.35
C ASN H 106 13.73 13.76 -28.42
N ALA H 107 14.45 14.53 -29.25
CA ALA H 107 14.22 15.98 -29.34
C ALA H 107 12.75 16.22 -29.58
N GLY H 108 12.15 17.14 -28.82
CA GLY H 108 10.72 17.45 -29.02
C GLY H 108 10.21 18.57 -28.12
N ILE H 109 9.02 19.10 -28.41
CA ILE H 109 8.45 20.22 -27.61
C ILE H 109 6.95 20.04 -27.45
N SER H 110 6.40 20.69 -26.43
CA SER H 110 4.97 20.63 -26.23
C SER H 110 4.37 22.03 -26.27
N THR H 111 3.15 22.13 -26.81
CA THR H 111 2.44 23.41 -26.77
C THR H 111 1.05 23.16 -26.31
N ILE H 112 0.35 24.23 -25.93
CA ILE H 112 -1.07 24.19 -25.57
C ILE H 112 -1.75 25.34 -26.29
N ALA H 113 -2.65 25.01 -27.20
CA ALA H 113 -3.48 26.05 -27.86
C ALA H 113 -4.75 25.40 -28.41
N LEU H 114 -5.88 26.03 -28.13
CA LEU H 114 -7.17 25.60 -28.69
C LEU H 114 -7.33 25.94 -30.17
N LEU H 115 -7.85 25.00 -30.96
CA LEU H 115 -8.33 25.33 -32.31
C LEU H 115 -9.60 26.20 -32.17
N PRO H 116 -9.77 27.21 -33.03
CA PRO H 116 -9.01 27.63 -34.22
C PRO H 116 -7.92 28.68 -33.95
N GLU H 117 -7.68 28.97 -32.69
CA GLU H 117 -6.70 29.95 -32.26
C GLU H 117 -5.30 29.35 -32.09
N VAL H 118 -4.86 28.55 -33.05
CA VAL H 118 -3.51 27.98 -33.02
C VAL H 118 -2.77 28.76 -34.09
N GLU H 119 -1.71 29.44 -33.70
CA GLU H 119 -0.90 30.20 -34.66
CA GLU H 119 -0.91 30.21 -34.65
C GLU H 119 -0.14 29.25 -35.58
N SER H 120 -0.11 29.59 -36.86
CA SER H 120 0.61 28.78 -37.85
C SER H 120 2.08 28.56 -37.49
N ALA H 121 2.70 29.59 -36.92
CA ALA H 121 4.10 29.54 -36.51
C ALA H 121 4.32 28.47 -35.44
N GLN H 122 3.38 28.36 -34.51
CA GLN H 122 3.44 27.34 -33.49
C GLN H 122 3.21 25.94 -34.04
N TRP H 123 2.16 25.75 -34.85
CA TRP H 123 1.92 24.52 -35.58
C TRP H 123 3.20 24.09 -36.32
N ASP H 124 3.84 25.02 -37.05
CA ASP H 124 5.05 24.68 -37.86
C ASP H 124 6.21 24.21 -37.00
N GLU H 125 6.44 24.90 -35.90
CA GLU H 125 7.53 24.55 -35.02
C GLU H 125 7.31 23.15 -34.42
N VAL H 126 6.09 22.88 -33.97
CA VAL H 126 5.82 21.61 -33.31
C VAL H 126 5.86 20.41 -34.27
N ILE H 127 5.15 20.53 -35.39
CA ILE H 127 5.25 19.55 -36.47
C ILE H 127 6.71 19.41 -36.93
N GLY H 128 7.43 20.52 -37.06
CA GLY H 128 8.79 20.44 -37.60
C GLY H 128 9.78 19.76 -36.67
N THR H 129 9.77 20.14 -35.41
CA THR H 129 10.63 19.52 -34.42
C THR H 129 10.27 18.07 -34.18
N ASN H 130 9.01 17.85 -33.82
CA ASN H 130 8.54 16.54 -33.36
C ASN H 130 8.42 15.50 -34.48
N LEU H 131 7.86 15.90 -35.62
CA LEU H 131 7.57 14.96 -36.70
C LEU H 131 8.70 14.95 -37.76
N THR H 132 8.92 16.10 -38.38
CA THR H 132 9.97 16.24 -39.39
C THR H 132 11.37 16.02 -38.83
N GLY H 133 11.60 16.48 -37.60
CA GLY H 133 12.88 16.23 -36.93
C GLY H 133 13.18 14.75 -36.71
N THR H 134 12.14 13.97 -36.35
CA THR H 134 12.25 12.53 -36.28
C THR H 134 12.58 11.91 -37.64
N PHE H 135 11.86 12.35 -38.66
CA PHE H 135 12.20 11.98 -40.03
C PHE H 135 13.65 12.30 -40.38
N ASN H 136 14.08 13.51 -40.04
CA ASN H 136 15.44 13.94 -40.40
C ASN H 136 16.50 13.09 -39.70
N THR H 137 16.23 12.73 -38.45
CA THR H 137 17.14 11.90 -37.68
C THR H 137 17.21 10.50 -38.28
N ILE H 138 16.05 9.91 -38.57
CA ILE H 138 16.06 8.59 -39.23
C ILE H 138 16.84 8.69 -40.56
N ALA H 139 16.50 9.69 -41.38
CA ALA H 139 17.15 9.84 -42.68
C ALA H 139 18.67 9.98 -42.55
N ALA H 140 19.14 10.73 -41.55
CA ALA H 140 20.56 10.97 -41.37
C ALA H 140 21.35 9.73 -40.84
N VAL H 141 20.74 8.94 -39.96
CA VAL H 141 21.47 7.79 -39.39
C VAL H 141 21.34 6.52 -40.18
N ALA H 142 20.30 6.43 -41.01
CA ALA H 142 20.00 5.17 -41.69
C ALA H 142 21.12 4.74 -42.69
N PRO H 143 21.69 5.68 -43.49
CA PRO H 143 22.77 5.24 -44.41
C PRO H 143 23.92 4.46 -43.76
N GLY H 144 24.45 4.96 -42.64
CA GLY H 144 25.52 4.25 -41.89
C GLY H 144 25.06 2.89 -41.35
N MET H 145 23.83 2.85 -40.85
CA MET H 145 23.24 1.57 -40.40
C MET H 145 23.02 0.58 -41.55
N ILE H 146 22.50 1.07 -42.67
CA ILE H 146 22.42 0.24 -43.88
C ILE H 146 23.80 -0.35 -44.26
N LYS H 147 24.81 0.51 -44.46
CA LYS H 147 26.16 0.06 -44.77
C LYS H 147 26.61 -1.09 -43.84
N ARG H 148 26.30 -0.95 -42.56
CA ARG H 148 26.78 -1.86 -41.53
C ARG H 148 25.83 -3.01 -41.24
N ASN H 149 24.66 -2.98 -41.89
CA ASN H 149 23.65 -4.00 -41.70
C ASN H 149 23.33 -4.15 -40.19
N TYR H 150 23.20 -3.01 -39.49
CA TYR H 150 22.80 -3.05 -38.07
C TYR H 150 22.29 -1.72 -37.59
N GLY H 151 21.18 -1.77 -36.88
CA GLY H 151 20.66 -0.55 -36.28
C GLY H 151 19.49 -0.77 -35.36
N ARG H 152 19.44 0.07 -34.33
CA ARG H 152 18.33 0.08 -33.41
C ARG H 152 17.89 1.53 -33.26
N ILE H 153 16.73 1.85 -33.82
CA ILE H 153 16.19 3.20 -33.75
C ILE H 153 14.96 3.21 -32.83
N VAL H 154 14.99 4.10 -31.84
CA VAL H 154 13.78 4.32 -31.02
C VAL H 154 13.29 5.74 -31.15
N THR H 155 12.03 5.86 -31.54
CA THR H 155 11.35 7.14 -31.68
C THR H 155 10.54 7.41 -30.42
N VAL H 156 10.22 8.68 -30.19
CA VAL H 156 9.48 9.04 -28.99
C VAL H 156 8.16 9.66 -29.39
N SER H 157 7.10 8.91 -29.17
CA SER H 157 5.76 9.44 -29.43
C SER H 157 5.23 9.86 -28.06
N SER H 158 4.08 9.34 -27.65
CA SER H 158 3.45 9.80 -26.42
C SER H 158 2.18 9.01 -26.18
N MET H 159 1.76 9.00 -24.92
CA MET H 159 0.38 8.64 -24.58
C MET H 159 -0.60 9.24 -25.60
N LEU H 160 -0.35 10.50 -25.95
CA LEU H 160 -1.21 11.22 -26.88
C LEU H 160 -0.95 10.92 -28.34
N GLY H 161 0.06 10.11 -28.66
CA GLY H 161 0.25 9.59 -30.00
C GLY H 161 -0.81 8.56 -30.38
N HIS H 162 -1.54 8.06 -29.38
CA HIS H 162 -2.65 7.11 -29.64
C HIS H 162 -3.94 7.46 -28.90
N SER H 163 -4.04 8.73 -28.47
CA SER H 163 -5.29 9.26 -27.98
C SER H 163 -5.44 10.72 -28.46
N ALA H 164 -6.24 11.53 -27.76
CA ALA H 164 -6.31 12.97 -28.02
C ALA H 164 -6.85 13.65 -26.76
N ASN H 165 -6.70 14.97 -26.70
CA ASN H 165 -7.20 15.78 -25.59
C ASN H 165 -7.43 17.20 -26.12
N PHE H 166 -7.93 18.08 -25.26
CA PHE H 166 -8.23 19.45 -25.63
C PHE H 166 -6.94 20.25 -25.80
N ALA H 167 -6.99 21.26 -26.68
CA ALA H 167 -5.94 22.29 -26.78
C ALA H 167 -4.58 21.72 -27.14
N GLN H 168 -4.55 20.68 -27.97
CA GLN H 168 -3.29 20.03 -28.32
C GLN H 168 -3.18 19.47 -29.74
N ALA H 169 -3.90 20.08 -30.69
CA ALA H 169 -3.86 19.65 -32.09
C ALA H 169 -2.41 19.50 -32.64
N SER H 170 -1.54 20.49 -32.41
CA SER H 170 -0.17 20.45 -32.97
C SER H 170 0.58 19.26 -32.44
N TYR H 171 0.66 19.17 -31.12
CA TYR H 171 1.40 18.10 -30.44
C TYR H 171 0.86 16.71 -30.70
N VAL H 172 -0.47 16.59 -30.72
CA VAL H 172 -1.12 15.31 -30.92
C VAL H 172 -0.95 14.90 -32.39
N SER H 173 -1.09 15.84 -33.33
CA SER H 173 -0.93 15.47 -34.74
C SER H 173 0.50 15.01 -34.98
N SER H 174 1.48 15.66 -34.33
CA SER H 174 2.90 15.28 -34.54
C SER H 174 3.21 13.92 -33.98
N LYS H 175 2.64 13.60 -32.81
CA LYS H 175 2.89 12.33 -32.13
C LYS H 175 2.18 11.14 -32.79
N TRP H 176 0.99 11.36 -33.38
CA TRP H 176 0.38 10.35 -34.25
C TRP H 176 1.29 10.08 -35.47
N GLY H 177 1.74 11.13 -36.18
CA GLY H 177 2.57 10.95 -37.35
C GLY H 177 3.86 10.18 -37.05
N VAL H 178 4.43 10.40 -35.87
CA VAL H 178 5.64 9.70 -35.42
C VAL H 178 5.42 8.18 -35.41
N ILE H 179 4.29 7.72 -34.88
CA ILE H 179 3.95 6.27 -34.93
C ILE H 179 3.81 5.77 -36.37
N GLY H 180 3.09 6.52 -37.22
CA GLY H 180 3.06 6.14 -38.67
C GLY H 180 4.47 6.06 -39.27
N LEU H 181 5.30 7.06 -38.98
CA LEU H 181 6.66 7.16 -39.50
C LEU H 181 7.52 6.02 -38.97
N THR H 182 7.43 5.76 -37.67
CA THR H 182 8.06 4.58 -37.05
C THR H 182 7.74 3.29 -37.86
N LYS H 183 6.46 3.03 -38.16
CA LYS H 183 6.08 1.81 -38.90
C LYS H 183 6.63 1.74 -40.37
N CYS H 184 6.69 2.90 -41.03
CA CYS H 184 7.31 3.07 -42.37
C CYS H 184 8.81 2.82 -42.35
N ALA H 185 9.53 3.46 -41.43
CA ALA H 185 10.97 3.20 -41.36
C ALA H 185 11.25 1.75 -41.01
N ALA H 186 10.39 1.15 -40.22
CA ALA H 186 10.56 -0.27 -39.90
C ALA H 186 10.41 -1.11 -41.17
N HIS H 187 9.53 -0.69 -42.07
CA HIS H 187 9.35 -1.36 -43.40
C HIS H 187 10.59 -1.15 -44.29
N ASP H 188 10.92 0.12 -44.52
CA ASP H 188 11.98 0.47 -45.45
C ASP H 188 13.36 -0.06 -45.05
N LEU H 189 13.57 -0.30 -43.76
CA LEU H 189 14.91 -0.65 -43.30
C LEU H 189 15.02 -2.11 -42.84
N VAL H 190 13.95 -2.88 -43.01
CA VAL H 190 13.81 -4.19 -42.39
C VAL H 190 14.87 -5.22 -42.86
N GLY H 191 15.24 -5.13 -44.14
CA GLY H 191 16.23 -6.03 -44.74
C GLY H 191 17.68 -5.71 -44.38
N TYR H 192 17.90 -4.66 -43.58
CA TYR H 192 19.28 -4.33 -43.25
C TYR H 192 19.65 -4.50 -41.78
N GLY H 193 18.95 -5.38 -41.06
CA GLY H 193 19.24 -5.66 -39.66
C GLY H 193 18.96 -4.44 -38.79
N ILE H 194 18.01 -3.62 -39.22
CA ILE H 194 17.60 -2.43 -38.46
C ILE H 194 16.20 -2.61 -37.92
N THR H 195 15.99 -2.20 -36.68
CA THR H 195 14.65 -2.16 -36.11
C THR H 195 14.29 -0.73 -35.75
N VAL H 196 12.98 -0.45 -35.78
CA VAL H 196 12.48 0.90 -35.46
C VAL H 196 11.24 0.70 -34.59
N ASN H 197 11.27 1.26 -33.38
CA ASN H 197 10.15 1.13 -32.44
C ASN H 197 9.95 2.47 -31.77
N ALA H 198 8.76 2.66 -31.21
CA ALA H 198 8.41 3.87 -30.45
C ALA H 198 8.19 3.53 -28.97
N VAL H 199 8.59 4.46 -28.12
CA VAL H 199 8.15 4.50 -26.75
C VAL H 199 7.05 5.56 -26.69
N ALA H 200 6.05 5.32 -25.85
CA ALA H 200 4.90 6.24 -25.72
C ALA H 200 4.72 6.58 -24.24
N PRO H 201 5.50 7.55 -23.74
CA PRO H 201 5.45 7.91 -22.32
C PRO H 201 4.14 8.64 -21.90
N GLY H 202 3.72 8.43 -20.64
CA GLY H 202 2.67 9.25 -20.05
C GLY H 202 3.35 10.46 -19.49
N ASN H 203 2.82 11.02 -18.41
CA ASN H 203 3.40 12.21 -17.76
C ASN H 203 4.75 11.95 -17.07
N ILE H 204 5.81 12.54 -17.60
CA ILE H 204 7.16 12.29 -17.07
C ILE H 204 7.70 13.57 -16.47
N GLU H 205 8.27 13.43 -15.28
CA GLU H 205 8.96 14.50 -14.57
C GLU H 205 10.21 14.94 -15.34
N THR H 206 10.09 15.99 -16.14
CA THR H 206 11.21 16.56 -16.90
C THR H 206 10.91 18.03 -16.93
N PRO H 207 11.83 18.86 -17.43
CA PRO H 207 11.40 20.27 -17.46
C PRO H 207 10.40 20.61 -18.59
N MET H 208 9.99 19.63 -19.40
CA MET H 208 8.83 19.81 -20.30
C MET H 208 7.52 19.99 -19.53
N THR H 209 7.39 19.30 -18.40
CA THR H 209 6.16 19.38 -17.62
C THR H 209 6.32 20.18 -16.32
N HIS H 210 7.54 20.15 -15.75
CA HIS H 210 7.83 20.81 -14.44
C HIS H 210 8.37 22.22 -14.60
N ASN H 211 7.48 23.11 -15.01
CA ASN H 211 7.84 24.49 -15.23
C ASN H 211 6.65 25.37 -14.92
N ASP H 212 6.87 26.68 -14.90
CA ASP H 212 5.85 27.60 -14.39
C ASP H 212 4.72 27.84 -15.39
N PHE H 213 5.06 27.82 -16.68
CA PHE H 213 4.04 27.97 -17.73
C PHE H 213 3.02 26.82 -17.78
N VAL H 214 3.48 25.59 -17.66
CA VAL H 214 2.61 24.41 -17.67
C VAL H 214 1.73 24.35 -16.41
N PHE H 215 2.35 24.58 -15.25
CA PHE H 215 1.62 24.56 -13.98
C PHE H 215 0.53 25.65 -13.90
N GLY H 216 0.87 26.85 -14.35
CA GLY H 216 -0.06 27.98 -14.41
C GLY H 216 -1.07 27.89 -15.55
N THR H 217 -1.09 26.72 -16.19
CA THR H 217 -2.07 26.35 -17.18
C THR H 217 -2.86 25.14 -16.63
N MET H 218 -2.24 24.40 -15.73
CA MET H 218 -2.88 23.24 -15.09
C MET H 218 -3.88 23.64 -14.00
N ARG H 219 -3.44 24.47 -13.05
CA ARG H 219 -4.32 24.99 -12.01
C ARG H 219 -4.25 26.53 -12.01
N PRO H 220 -4.94 27.18 -12.98
CA PRO H 220 -4.94 28.66 -13.06
C PRO H 220 -6.01 29.30 -12.18
N PRO H 225 0.71 28.86 -7.86
CA PRO H 225 0.47 27.54 -8.48
C PRO H 225 1.65 26.59 -8.30
N THR H 226 1.56 25.68 -7.33
CA THR H 226 2.71 24.83 -6.93
C THR H 226 2.70 23.44 -7.61
N LEU H 227 3.63 22.56 -7.22
CA LEU H 227 3.59 21.15 -7.66
C LEU H 227 2.32 20.48 -7.12
N LYS H 228 2.13 20.58 -5.81
CA LYS H 228 0.98 19.98 -5.12
C LYS H 228 -0.39 20.38 -5.73
N ASP H 229 -0.50 21.62 -6.22
CA ASP H 229 -1.77 22.12 -6.78
C ASP H 229 -2.10 21.53 -8.16
N VAL H 230 -1.11 20.90 -8.79
CA VAL H 230 -1.29 20.36 -10.15
C VAL H 230 -1.17 18.84 -10.25
N GLU H 231 -0.81 18.17 -9.14
CA GLU H 231 -0.61 16.73 -9.12
C GLU H 231 -1.88 15.96 -9.49
N SER H 232 -2.99 16.31 -8.84
CA SER H 232 -4.26 15.62 -9.03
C SER H 232 -4.77 15.73 -10.48
N VAL H 233 -4.55 16.86 -11.12
CA VAL H 233 -4.91 17.05 -12.54
C VAL H 233 -4.06 16.21 -13.51
N PHE H 234 -2.74 16.20 -13.30
CA PHE H 234 -1.84 15.28 -14.03
C PHE H 234 -2.16 13.80 -13.73
N ALA H 235 -2.42 13.47 -12.47
CA ALA H 235 -2.75 12.09 -12.09
C ALA H 235 -4.03 11.55 -12.75
N SER H 236 -4.99 12.43 -13.03
CA SER H 236 -6.23 12.04 -13.68
C SER H 236 -6.01 11.55 -15.13
N LEU H 237 -4.83 11.82 -15.68
CA LEU H 237 -4.46 11.31 -17.00
C LEU H 237 -3.88 9.89 -16.92
N HIS H 238 -3.52 9.47 -15.73
CA HIS H 238 -2.93 8.13 -15.50
C HIS H 238 -3.97 7.22 -14.89
N LEU H 239 -3.84 5.90 -15.04
CA LEU H 239 -4.78 5.04 -14.29
C LEU H 239 -4.32 4.88 -12.83
N GLN H 240 -3.05 4.52 -12.65
CA GLN H 240 -2.44 4.44 -11.32
C GLN H 240 -2.37 5.84 -10.67
N TYR H 241 -2.27 5.88 -9.34
CA TYR H 241 -2.28 7.16 -8.59
C TYR H 241 -1.20 8.15 -8.95
N ALA H 242 0.02 7.66 -9.24
CA ALA H 242 1.19 8.50 -9.56
C ALA H 242 1.01 9.60 -10.64
N PRO H 243 1.07 10.88 -10.22
CA PRO H 243 0.94 11.96 -11.20
C PRO H 243 2.09 11.99 -12.22
N PHE H 244 3.32 11.69 -11.77
CA PHE H 244 4.49 11.69 -12.65
C PHE H 244 5.37 10.47 -12.50
N LEU H 245 5.90 10.00 -13.64
CA LEU H 245 6.88 8.94 -13.64
C LEU H 245 8.30 9.51 -13.80
N LYS H 246 9.30 8.73 -13.35
CA LYS H 246 10.70 9.13 -13.47
CA LYS H 246 10.72 9.09 -13.46
C LYS H 246 11.19 8.92 -14.90
N PRO H 247 12.09 9.78 -15.38
CA PRO H 247 12.60 9.56 -16.72
C PRO H 247 13.15 8.15 -16.86
N GLU H 248 13.76 7.64 -15.79
CA GLU H 248 14.38 6.30 -15.81
C GLU H 248 13.42 5.18 -16.18
N GLU H 249 12.12 5.39 -15.99
CA GLU H 249 11.18 4.33 -16.29
C GLU H 249 10.95 4.20 -17.79
N VAL H 250 11.24 5.29 -18.51
CA VAL H 250 11.11 5.28 -19.97
C VAL H 250 12.42 4.76 -20.56
N THR H 251 13.51 5.16 -19.91
CA THR H 251 14.85 4.74 -20.30
C THR H 251 14.98 3.22 -20.30
N ARG H 252 14.40 2.54 -19.31
CA ARG H 252 14.55 1.09 -19.26
C ARG H 252 13.82 0.39 -20.41
N ALA H 253 12.72 0.99 -20.89
CA ALA H 253 12.03 0.46 -22.07
C ALA H 253 12.87 0.72 -23.33
N VAL H 254 13.48 1.92 -23.43
CA VAL H 254 14.41 2.24 -24.53
C VAL H 254 15.54 1.21 -24.57
N LEU H 255 16.16 0.91 -23.42
CA LEU H 255 17.27 -0.06 -23.41
C LEU H 255 16.80 -1.45 -23.82
N PHE H 256 15.62 -1.84 -23.37
CA PHE H 256 15.00 -3.12 -23.76
C PHE H 256 14.89 -3.19 -25.28
N LEU H 257 14.41 -2.10 -25.90
CA LEU H 257 14.20 -2.05 -27.34
C LEU H 257 15.51 -2.02 -28.15
N VAL H 258 16.54 -1.32 -27.66
CA VAL H 258 17.77 -1.13 -28.47
C VAL H 258 18.79 -2.22 -28.21
N ASP H 259 18.43 -3.20 -27.35
CA ASP H 259 19.24 -4.40 -27.16
C ASP H 259 19.43 -5.14 -28.49
N GLU H 260 20.62 -5.71 -28.68
CA GLU H 260 20.90 -6.54 -29.85
C GLU H 260 19.90 -7.68 -29.93
N ALA H 261 19.50 -8.18 -28.77
CA ALA H 261 18.54 -9.27 -28.67
C ALA H 261 17.09 -8.91 -29.10
N SER H 262 16.77 -7.62 -29.20
CA SER H 262 15.44 -7.20 -29.75
C SER H 262 15.39 -7.18 -31.29
N SER H 263 16.14 -8.09 -31.91
CA SER H 263 16.25 -8.13 -33.36
C SER H 263 14.92 -8.39 -34.06
N HIS H 264 14.00 -9.10 -33.43
CA HIS H 264 12.71 -9.34 -34.08
C HIS H 264 11.53 -8.59 -33.43
N ILE H 265 11.83 -7.50 -32.76
CA ILE H 265 10.78 -6.55 -32.36
C ILE H 265 10.98 -5.33 -33.25
N THR H 266 9.98 -4.95 -34.03
CA THR H 266 10.07 -3.76 -34.90
C THR H 266 8.68 -3.30 -35.33
N GLY H 267 8.52 -1.99 -35.50
CA GLY H 267 7.24 -1.36 -35.80
C GLY H 267 6.31 -1.31 -34.61
N THR H 268 6.84 -1.54 -33.40
CA THR H 268 5.98 -1.59 -32.21
C THR H 268 6.00 -0.29 -31.44
N VAL H 269 4.96 -0.11 -30.61
CA VAL H 269 4.79 1.06 -29.74
C VAL H 269 4.68 0.56 -28.30
N LEU H 270 5.65 0.92 -27.45
CA LEU H 270 5.66 0.50 -26.06
C LEU H 270 5.26 1.65 -25.12
N PRO H 271 4.08 1.56 -24.50
CA PRO H 271 3.61 2.59 -23.57
C PRO H 271 4.23 2.47 -22.21
N ILE H 272 4.70 3.59 -21.67
CA ILE H 272 5.13 3.67 -20.28
C ILE H 272 4.26 4.80 -19.71
N ASP H 273 3.05 4.49 -19.30
CA ASP H 273 2.08 5.54 -18.98
C ASP H 273 1.18 5.23 -17.79
N ALA H 274 1.68 4.42 -16.86
CA ALA H 274 0.99 4.21 -15.56
C ALA H 274 -0.48 3.85 -15.73
N GLY H 275 -0.76 3.02 -16.72
CA GLY H 275 -2.12 2.49 -16.94
C GLY H 275 -3.05 3.26 -17.85
N ALA H 276 -2.59 4.41 -18.38
CA ALA H 276 -3.38 5.18 -19.32
C ALA H 276 -3.80 4.26 -20.46
N THR H 277 -2.87 3.40 -20.89
CA THR H 277 -3.10 2.48 -22.00
C THR H 277 -4.12 1.37 -21.65
N ALA H 278 -4.31 1.09 -20.37
CA ALA H 278 -5.37 0.17 -19.94
C ALA H 278 -6.79 0.69 -20.28
N ARG H 279 -6.93 1.96 -20.69
CA ARG H 279 -8.27 2.50 -21.05
C ARG H 279 -8.51 2.42 -22.54
N MET H 280 -7.49 2.05 -23.28
CA MET H 280 -7.55 2.23 -24.71
C MET H 280 -6.71 1.22 -25.46
N ILE H 281 -6.51 1.49 -26.74
CA ILE H 281 -5.58 0.74 -27.55
C ILE H 281 -4.24 1.51 -27.61
#